data_1N8B
#
_entry.id   1N8B
#
_cell.length_a   65.203
_cell.length_b   65.766
_cell.length_c   79.647
_cell.angle_alpha   93.04
_cell.angle_beta   100.32
_cell.angle_gamma   91.93
#
_symmetry.space_group_name_H-M   'P 1'
#
loop_
_entity.id
_entity.type
_entity.pdbx_description
1 polymer 'baseplate structural protein gp8'
2 non-polymer 'BROMIDE ION'
3 water water
#
_entity_poly.entity_id   1
_entity_poly.type   'polypeptide(L)'
_entity_poly.pdbx_seq_one_letter_code
;MNDSSVIYRAIVTSKFRTEKMLNFYNSIGSGPDKNTIFITFGRSEPWSSNENEVGFAPPYPTDSVLGVTDMWTHMMGTVK
VLPSMLDAVIPRRDWGDTRYPDPYTFRINDIVVCNSAPYNATESGAGWLVYRCLDVPDTGMCSIASLTDKDECLKLGGKW
TPSARSMTPPEGRGDAEGTIEPGDGYVWEYLFEIPPDVSINRCTNEYIVVPWPEELKEDPTRWGYEDNLTWQQDDFGLIY
RVKANTIRFKAYLDSVYFPEAALPGNKGFRQISIITNPLEAKAHPNDPNVKAEKDYYDPEDLMRHSGEMIYMENRPPIIM
AMDQTEEINILFTF
;
_entity_poly.pdbx_strand_id   A,B,C,D
#
loop_
_chem_comp.id
_chem_comp.type
_chem_comp.name
_chem_comp.formula
BR non-polymer 'BROMIDE ION' 'Br -1'
#
# COMPACT_ATOMS: atom_id res chain seq x y z
N ILE A 7 -4.18 15.12 16.82
CA ILE A 7 -4.68 16.26 17.65
C ILE A 7 -4.95 15.80 19.09
N TYR A 8 -5.58 14.64 19.24
CA TYR A 8 -5.87 14.11 20.57
C TYR A 8 -4.86 12.99 20.83
N ARG A 9 -4.67 12.65 22.10
CA ARG A 9 -3.75 11.59 22.47
C ARG A 9 -4.58 10.51 23.17
N ALA A 10 -5.02 9.52 22.40
CA ALA A 10 -5.83 8.42 22.91
C ALA A 10 -5.52 7.13 22.17
N ILE A 11 -5.96 6.02 22.74
CA ILE A 11 -5.74 4.70 22.13
C ILE A 11 -6.64 3.60 22.65
N VAL A 12 -6.52 2.43 22.04
CA VAL A 12 -7.29 1.25 22.45
C VAL A 12 -6.34 0.48 23.36
N THR A 13 -6.85 -0.05 24.47
CA THR A 13 -5.99 -0.80 25.38
C THR A 13 -6.00 -2.28 25.01
N SER A 14 -5.16 -3.06 25.67
CA SER A 14 -5.08 -4.49 25.40
C SER A 14 -6.43 -5.16 25.61
N LYS A 15 -7.21 -4.67 26.56
CA LYS A 15 -8.53 -5.26 26.80
C LYS A 15 -9.42 -5.15 25.56
N PHE A 16 -9.25 -4.12 24.74
CA PHE A 16 -10.08 -3.99 23.55
C PHE A 16 -9.95 -5.20 22.64
N ARG A 17 -8.73 -5.70 22.49
CA ARG A 17 -8.51 -6.89 21.67
C ARG A 17 -9.23 -8.07 22.30
N THR A 18 -8.99 -8.32 23.58
CA THR A 18 -9.64 -9.43 24.22
C THR A 18 -11.14 -9.29 24.00
N GLU A 19 -11.61 -8.05 24.17
CA GLU A 19 -13.02 -7.73 23.99
C GLU A 19 -13.52 -8.14 22.61
N LYS A 20 -12.69 -7.97 21.59
CA LYS A 20 -13.09 -8.38 20.25
C LYS A 20 -13.20 -9.91 20.18
N MET A 21 -12.17 -10.61 20.64
CA MET A 21 -12.21 -12.07 20.64
C MET A 21 -13.49 -12.55 21.36
N LEU A 22 -13.77 -12.00 22.53
CA LEU A 22 -14.96 -12.40 23.24
C LEU A 22 -16.20 -12.13 22.40
N ASN A 23 -16.20 -10.98 21.71
CA ASN A 23 -17.33 -10.62 20.85
C ASN A 23 -17.62 -11.71 19.84
N PHE A 24 -16.54 -12.17 19.20
CA PHE A 24 -16.60 -13.20 18.18
C PHE A 24 -17.19 -14.46 18.79
N TYR A 25 -16.51 -15.01 19.79
CA TYR A 25 -16.97 -16.21 20.47
C TYR A 25 -18.41 -16.14 20.96
N ASN A 26 -18.84 -15.01 21.50
CA ASN A 26 -20.22 -14.93 21.99
C ASN A 26 -21.26 -14.65 20.91
N SER A 27 -20.82 -14.14 19.77
CA SER A 27 -21.76 -13.82 18.71
C SER A 27 -22.25 -15.06 18.00
N ILE A 28 -21.56 -16.18 18.20
CA ILE A 28 -21.95 -17.43 17.55
C ILE A 28 -23.16 -18.10 18.18
N GLY A 29 -24.06 -18.56 17.34
CA GLY A 29 -25.26 -19.21 17.81
C GLY A 29 -26.35 -19.09 16.76
N SER A 30 -27.59 -19.01 17.20
CA SER A 30 -28.72 -18.89 16.28
C SER A 30 -29.48 -17.59 16.51
N GLY A 31 -30.39 -17.29 15.61
CA GLY A 31 -31.11 -16.04 15.74
C GLY A 31 -30.39 -15.05 14.84
N PRO A 32 -30.97 -13.88 14.58
CA PRO A 32 -30.32 -12.88 13.71
C PRO A 32 -29.15 -12.10 14.30
N ASP A 33 -29.19 -11.80 15.59
CA ASP A 33 -28.10 -11.04 16.18
C ASP A 33 -26.91 -11.90 16.58
N LYS A 34 -26.89 -13.15 16.11
CA LYS A 34 -25.79 -14.06 16.41
C LYS A 34 -25.22 -14.52 15.06
N ASN A 35 -24.12 -15.25 15.07
CA ASN A 35 -23.55 -15.69 13.82
C ASN A 35 -23.46 -17.18 13.66
N THR A 36 -23.55 -17.62 12.42
CA THR A 36 -23.39 -19.03 12.11
C THR A 36 -22.10 -19.05 11.26
N ILE A 37 -21.06 -19.70 11.79
CA ILE A 37 -19.79 -19.80 11.10
C ILE A 37 -19.62 -21.20 10.53
N PHE A 38 -19.23 -21.28 9.27
CA PHE A 38 -18.99 -22.57 8.67
C PHE A 38 -17.53 -22.58 8.25
N ILE A 39 -16.96 -23.78 8.18
CA ILE A 39 -15.58 -23.94 7.76
C ILE A 39 -15.79 -24.61 6.43
N THR A 40 -15.14 -24.14 5.39
CA THR A 40 -15.31 -24.79 4.10
C THR A 40 -13.99 -25.48 3.78
N PHE A 41 -14.07 -26.57 3.03
CA PHE A 41 -12.87 -27.28 2.60
C PHE A 41 -13.07 -27.58 1.11
N GLY A 42 -12.03 -27.36 0.30
CA GLY A 42 -12.22 -27.62 -1.11
C GLY A 42 -11.00 -27.79 -1.98
N ARG A 43 -11.26 -27.70 -3.29
CA ARG A 43 -10.26 -27.85 -4.35
C ARG A 43 -9.55 -29.23 -4.33
N SER A 44 -9.96 -30.07 -5.27
CA SER A 44 -9.35 -31.39 -5.38
C SER A 44 -8.23 -31.32 -6.41
N GLU A 45 -8.38 -30.46 -7.41
CA GLU A 45 -7.34 -30.31 -8.43
C GLU A 45 -6.07 -29.76 -7.78
N PRO A 46 -4.92 -30.39 -8.08
CA PRO A 46 -3.61 -30.01 -7.54
C PRO A 46 -3.27 -28.57 -7.79
N TRP A 47 -2.41 -28.03 -6.94
CA TRP A 47 -1.94 -26.66 -7.11
C TRP A 47 -0.93 -26.85 -8.22
N SER A 48 -0.18 -27.94 -8.11
CA SER A 48 0.85 -28.30 -9.08
C SER A 48 1.47 -29.64 -8.73
N SER A 49 2.06 -30.29 -9.74
CA SER A 49 2.71 -31.60 -9.60
C SER A 49 3.64 -31.72 -8.39
N ASN A 50 4.25 -30.61 -7.97
CA ASN A 50 5.17 -30.63 -6.84
C ASN A 50 4.52 -30.41 -5.49
N GLU A 51 3.20 -30.26 -5.48
CA GLU A 51 2.50 -30.01 -4.24
C GLU A 51 2.78 -31.00 -3.12
N ASN A 52 3.10 -32.25 -3.45
CA ASN A 52 3.37 -33.25 -2.44
C ASN A 52 4.82 -33.19 -1.94
N GLU A 53 5.65 -32.36 -2.58
CA GLU A 53 7.05 -32.23 -2.17
C GLU A 53 7.26 -31.45 -0.87
N VAL A 54 8.13 -31.95 -0.01
CA VAL A 54 8.39 -31.28 1.25
C VAL A 54 8.76 -29.83 1.02
N GLY A 55 8.33 -28.95 1.92
CA GLY A 55 8.63 -27.55 1.80
C GLY A 55 7.76 -26.85 0.78
N PHE A 56 6.82 -27.59 0.19
CA PHE A 56 5.93 -27.02 -0.80
C PHE A 56 4.85 -26.13 -0.21
N ALA A 57 4.79 -24.91 -0.69
CA ALA A 57 3.77 -23.99 -0.22
C ALA A 57 2.95 -23.58 -1.44
N PRO A 58 1.63 -23.58 -1.32
CA PRO A 58 0.84 -23.16 -2.48
C PRO A 58 0.83 -21.64 -2.47
N PRO A 59 0.12 -21.04 -3.41
CA PRO A 59 0.13 -19.58 -3.39
C PRO A 59 -0.84 -19.02 -2.35
N TYR A 60 -0.47 -17.88 -1.76
CA TYR A 60 -1.33 -17.22 -0.80
C TYR A 60 -2.70 -17.00 -1.47
N PRO A 61 -3.79 -17.15 -0.71
CA PRO A 61 -5.10 -16.91 -1.32
C PRO A 61 -5.20 -15.42 -1.58
N THR A 62 -6.10 -15.01 -2.46
CA THR A 62 -6.23 -13.59 -2.79
C THR A 62 -7.50 -12.98 -2.18
N ASP A 63 -7.31 -11.98 -1.33
CA ASP A 63 -8.39 -11.29 -0.63
C ASP A 63 -9.18 -10.44 -1.62
N SER A 64 -9.84 -11.08 -2.58
CA SER A 64 -10.62 -10.37 -3.58
C SER A 64 -11.84 -11.19 -3.93
N VAL A 65 -12.84 -10.56 -4.55
CA VAL A 65 -14.07 -11.26 -4.93
C VAL A 65 -13.68 -12.47 -5.75
N LEU A 66 -12.65 -12.28 -6.58
CA LEU A 66 -12.14 -13.37 -7.40
C LEU A 66 -11.70 -14.48 -6.47
N GLY A 67 -11.02 -14.10 -5.38
CA GLY A 67 -10.56 -15.07 -4.40
C GLY A 67 -11.71 -15.90 -3.86
N VAL A 68 -12.80 -15.25 -3.49
CA VAL A 68 -13.97 -15.93 -2.96
C VAL A 68 -14.70 -16.75 -4.02
N THR A 69 -14.84 -16.19 -5.22
CA THR A 69 -15.49 -16.92 -6.30
C THR A 69 -14.71 -18.21 -6.53
N ASP A 70 -13.38 -18.09 -6.59
CA ASP A 70 -12.50 -19.22 -6.80
C ASP A 70 -12.69 -20.21 -5.64
N MET A 71 -12.63 -19.72 -4.41
CA MET A 71 -12.81 -20.53 -3.21
C MET A 71 -14.11 -21.34 -3.34
N TRP A 72 -15.18 -20.68 -3.75
CA TRP A 72 -16.46 -21.36 -3.91
C TRP A 72 -16.38 -22.34 -5.06
N THR A 73 -15.80 -21.90 -6.17
CA THR A 73 -15.64 -22.72 -7.37
C THR A 73 -15.08 -24.09 -7.00
N HIS A 74 -14.25 -24.13 -5.97
CA HIS A 74 -13.65 -25.38 -5.57
C HIS A 74 -14.12 -25.97 -4.24
N MET A 75 -15.14 -25.36 -3.64
CA MET A 75 -15.65 -25.84 -2.35
C MET A 75 -16.19 -27.27 -2.42
N MET A 76 -15.70 -28.17 -1.58
CA MET A 76 -16.20 -29.54 -1.61
C MET A 76 -17.28 -29.77 -0.56
N GLY A 77 -17.14 -29.09 0.57
CA GLY A 77 -18.11 -29.23 1.64
C GLY A 77 -17.92 -28.17 2.71
N THR A 78 -18.91 -28.02 3.57
CA THR A 78 -18.81 -27.05 4.66
C THR A 78 -19.38 -27.59 5.95
N VAL A 79 -18.68 -27.35 7.04
CA VAL A 79 -19.06 -27.82 8.36
C VAL A 79 -19.38 -26.68 9.33
N LYS A 80 -20.53 -26.74 9.98
CA LYS A 80 -20.92 -25.70 10.93
C LYS A 80 -19.95 -25.71 12.11
N VAL A 81 -19.63 -24.52 12.59
CA VAL A 81 -18.70 -24.34 13.71
C VAL A 81 -19.47 -24.05 14.99
N LEU A 82 -19.27 -24.90 15.98
CA LEU A 82 -19.93 -24.75 17.28
C LEU A 82 -18.97 -24.13 18.29
N PRO A 83 -19.52 -23.32 19.23
CA PRO A 83 -18.70 -22.67 20.26
C PRO A 83 -17.73 -23.66 20.88
N SER A 84 -18.22 -24.83 21.22
CA SER A 84 -17.34 -25.80 21.85
C SER A 84 -16.11 -26.10 21.03
N MET A 85 -15.99 -25.50 19.85
CA MET A 85 -14.83 -25.76 18.99
C MET A 85 -13.80 -24.64 19.03
N LEU A 86 -14.20 -23.48 19.53
CA LEU A 86 -13.35 -22.30 19.64
C LEU A 86 -12.67 -22.17 21.00
N ASP A 87 -11.39 -21.83 21.03
CA ASP A 87 -10.74 -21.65 22.33
C ASP A 87 -9.86 -20.42 22.42
N ALA A 88 -10.06 -19.63 23.47
CA ALA A 88 -9.24 -18.44 23.68
C ALA A 88 -7.88 -18.99 24.06
N VAL A 89 -6.87 -18.72 23.25
CA VAL A 89 -5.52 -19.19 23.53
C VAL A 89 -4.51 -18.04 23.61
N ILE A 90 -3.47 -18.23 24.42
CA ILE A 90 -2.42 -17.23 24.58
C ILE A 90 -1.08 -17.90 24.33
N PRO A 91 -0.04 -17.13 24.00
CA PRO A 91 1.27 -17.74 23.75
C PRO A 91 1.64 -18.63 24.93
N ARG A 92 2.21 -19.80 24.64
CA ARG A 92 2.63 -20.72 25.69
C ARG A 92 4.11 -20.64 26.04
N ARG A 93 4.36 -20.41 27.32
CA ARG A 93 5.70 -20.26 27.86
C ARG A 93 5.81 -21.12 29.12
N ASP A 94 6.47 -22.26 28.99
CA ASP A 94 6.66 -23.21 30.10
C ASP A 94 7.89 -22.90 30.95
N TRP A 95 7.66 -22.80 32.27
CA TRP A 95 8.74 -22.57 33.23
C TRP A 95 9.71 -23.75 33.09
N GLY A 96 11.00 -23.44 32.99
CA GLY A 96 12.00 -24.50 32.90
C GLY A 96 12.25 -25.22 31.58
N ASP A 97 11.41 -25.03 30.57
CA ASP A 97 11.64 -25.73 29.30
C ASP A 97 13.00 -25.35 28.70
N THR A 98 14.06 -25.93 29.24
CA THR A 98 15.42 -25.66 28.79
C THR A 98 15.65 -26.07 27.36
N ARG A 99 14.58 -26.21 26.58
CA ARG A 99 14.71 -26.57 25.18
C ARG A 99 14.37 -25.31 24.40
N TYR A 100 14.31 -24.20 25.13
CA TYR A 100 14.00 -22.89 24.58
C TYR A 100 14.82 -21.85 25.32
N PRO A 101 14.74 -20.57 24.90
CA PRO A 101 15.48 -19.50 25.55
C PRO A 101 15.05 -19.31 27.00
N ASP A 102 15.40 -18.15 27.55
CA ASP A 102 15.07 -17.77 28.93
C ASP A 102 14.14 -18.76 29.64
N PRO A 103 14.69 -19.90 30.07
CA PRO A 103 13.86 -20.90 30.75
C PRO A 103 13.73 -20.62 32.23
N TYR A 104 14.63 -19.78 32.74
CA TYR A 104 14.64 -19.44 34.15
C TYR A 104 14.55 -17.94 34.36
N THR A 105 14.62 -17.20 33.25
CA THR A 105 14.56 -15.74 33.29
C THR A 105 13.27 -15.23 32.63
N PHE A 106 12.42 -14.57 33.42
CA PHE A 106 11.16 -14.04 32.93
C PHE A 106 11.09 -12.53 33.06
N ARG A 107 9.98 -11.94 32.64
CA ARG A 107 9.80 -10.51 32.73
C ARG A 107 8.47 -10.25 33.39
N ILE A 108 8.19 -8.96 33.61
CA ILE A 108 6.95 -8.55 34.24
C ILE A 108 5.76 -8.95 33.35
N ASN A 109 4.70 -9.43 34.00
CA ASN A 109 3.48 -9.83 33.32
C ASN A 109 3.56 -11.03 32.39
N ASP A 110 4.72 -11.66 32.31
CA ASP A 110 4.86 -12.85 31.48
C ASP A 110 3.95 -13.90 32.10
N ILE A 111 3.30 -14.73 31.28
CA ILE A 111 2.44 -15.78 31.81
C ILE A 111 3.18 -17.10 31.62
N VAL A 112 3.62 -17.67 32.74
CA VAL A 112 4.36 -18.92 32.71
C VAL A 112 3.44 -20.07 33.05
N VAL A 113 3.82 -21.25 32.57
CA VAL A 113 3.07 -22.46 32.87
C VAL A 113 3.99 -23.39 33.63
N CYS A 114 3.47 -24.01 34.69
CA CYS A 114 4.23 -24.94 35.49
C CYS A 114 3.41 -26.19 35.61
N ASN A 115 4.06 -27.29 35.99
CA ASN A 115 3.34 -28.53 36.19
C ASN A 115 2.74 -29.06 34.88
N SER A 116 3.56 -29.09 33.83
CA SER A 116 3.14 -29.58 32.52
C SER A 116 4.24 -30.47 31.93
N ALA A 117 5.22 -30.80 32.76
CA ALA A 117 6.34 -31.62 32.34
C ALA A 117 7.32 -31.73 33.50
N PRO A 118 8.27 -32.67 33.43
CA PRO A 118 9.22 -32.79 34.54
C PRO A 118 9.75 -31.40 34.93
N TYR A 119 10.42 -30.70 34.03
CA TYR A 119 10.93 -29.37 34.35
C TYR A 119 9.91 -28.42 34.95
N ASN A 120 8.64 -28.82 35.01
CA ASN A 120 7.60 -27.97 35.57
C ASN A 120 7.00 -28.55 36.83
N ALA A 121 6.96 -29.88 36.87
CA ALA A 121 6.36 -30.60 37.97
C ALA A 121 6.33 -29.85 39.30
N THR A 122 5.12 -29.61 39.80
CA THR A 122 4.93 -28.95 41.07
C THR A 122 3.89 -29.68 41.89
N GLU A 123 2.99 -30.41 41.23
CA GLU A 123 1.97 -31.14 41.94
C GLU A 123 1.19 -32.18 41.15
N SER A 124 1.43 -33.45 41.45
CA SER A 124 0.70 -34.51 40.77
C SER A 124 -0.72 -34.31 41.29
N GLY A 125 -1.71 -34.56 40.46
CA GLY A 125 -3.08 -34.38 40.91
C GLY A 125 -3.65 -33.02 40.53
N ALA A 126 -2.91 -32.27 39.74
CA ALA A 126 -3.36 -30.96 39.26
C ALA A 126 -2.92 -30.80 37.80
N GLY A 127 -3.71 -30.09 37.02
CA GLY A 127 -3.37 -29.88 35.63
C GLY A 127 -2.25 -28.87 35.55
N TRP A 128 -2.14 -28.19 34.42
CA TRP A 128 -1.09 -27.19 34.25
C TRP A 128 -1.51 -25.98 35.09
N LEU A 129 -0.55 -25.38 35.76
CA LEU A 129 -0.83 -24.21 36.57
C LEU A 129 -0.17 -23.03 35.89
N VAL A 130 -1.00 -22.04 35.58
CA VAL A 130 -0.55 -20.84 34.88
C VAL A 130 -0.40 -19.64 35.77
N TYR A 131 0.84 -19.29 36.05
CA TYR A 131 1.17 -18.16 36.89
C TYR A 131 1.54 -16.97 36.03
N ARG A 132 1.35 -15.80 36.62
CA ARG A 132 1.66 -14.54 35.98
C ARG A 132 2.78 -13.89 36.79
N CYS A 133 3.82 -13.47 36.08
CA CYS A 133 4.96 -12.82 36.72
C CYS A 133 4.61 -11.38 37.12
N LEU A 134 4.57 -11.11 38.43
CA LEU A 134 4.24 -9.78 38.90
C LEU A 134 5.46 -8.91 39.18
N ASP A 135 6.49 -9.49 39.78
CA ASP A 135 7.69 -8.73 40.12
C ASP A 135 8.92 -9.59 39.87
N VAL A 136 10.05 -8.93 39.60
CA VAL A 136 11.29 -9.63 39.34
C VAL A 136 12.50 -8.91 39.94
N PRO A 137 13.62 -9.62 40.07
CA PRO A 137 14.88 -9.10 40.63
C PRO A 137 15.16 -7.68 40.18
N ASP A 138 15.50 -6.85 41.16
CA ASP A 138 15.80 -5.44 40.91
C ASP A 138 16.93 -5.28 39.90
N THR A 139 18.05 -5.97 40.15
CA THR A 139 19.21 -5.88 39.27
C THR A 139 18.99 -6.60 37.94
N GLY A 140 19.53 -6.03 36.87
CA GLY A 140 19.39 -6.62 35.55
C GLY A 140 19.83 -5.76 34.38
N MET A 141 19.20 -5.97 33.23
CA MET A 141 19.51 -5.22 32.02
C MET A 141 18.24 -4.58 31.48
N CYS A 142 18.39 -3.67 30.51
CA CYS A 142 17.25 -2.98 29.94
C CYS A 142 17.27 -2.85 28.43
N SER A 143 16.08 -2.73 27.85
CA SER A 143 15.94 -2.56 26.42
C SER A 143 16.98 -1.54 25.97
N ILE A 144 16.91 -0.33 26.54
CA ILE A 144 17.84 0.74 26.23
C ILE A 144 19.03 0.71 27.19
N ALA A 145 20.20 0.34 26.66
CA ALA A 145 21.42 0.24 27.45
C ALA A 145 21.56 1.34 28.50
N SER A 146 21.54 2.59 28.05
CA SER A 146 21.70 3.74 28.94
C SER A 146 20.70 3.80 30.10
N LEU A 147 19.94 2.72 30.29
CA LEU A 147 18.95 2.69 31.36
C LEU A 147 19.23 1.53 32.31
N THR A 148 20.31 1.66 33.07
CA THR A 148 20.73 0.63 34.03
C THR A 148 19.95 0.65 35.34
N ASP A 149 18.63 0.80 35.25
CA ASP A 149 17.80 0.84 36.44
C ASP A 149 16.39 0.31 36.17
N LYS A 150 15.94 -0.62 37.02
CA LYS A 150 14.62 -1.22 36.91
C LYS A 150 13.53 -0.17 36.67
N ASP A 151 13.09 0.44 37.77
CA ASP A 151 12.07 1.47 37.74
C ASP A 151 12.30 2.52 36.67
N GLU A 152 13.56 2.80 36.36
CA GLU A 152 13.87 3.77 35.32
C GLU A 152 13.34 3.22 34.01
N CYS A 153 13.89 2.07 33.64
CA CYS A 153 13.51 1.35 32.43
C CYS A 153 12.04 0.96 32.55
N LEU A 154 11.56 0.99 33.79
CA LEU A 154 10.17 0.65 34.10
C LEU A 154 9.25 1.81 33.69
N LYS A 155 9.65 3.03 34.03
CA LYS A 155 8.85 4.22 33.70
C LYS A 155 9.15 4.77 32.32
N LEU A 156 10.28 4.37 31.74
CA LEU A 156 10.66 4.83 30.41
C LEU A 156 10.08 3.94 29.31
N GLY A 157 9.43 2.85 29.71
CA GLY A 157 8.83 1.95 28.75
C GLY A 157 9.52 0.59 28.66
N GLY A 158 10.66 0.55 27.98
CA GLY A 158 11.42 -0.68 27.81
C GLY A 158 11.19 -1.76 28.86
N LYS A 159 11.13 -3.01 28.41
CA LYS A 159 10.91 -4.15 29.31
C LYS A 159 12.22 -4.55 29.97
N TRP A 160 12.19 -4.66 31.30
CA TRP A 160 13.38 -5.02 32.07
C TRP A 160 13.58 -6.53 32.12
N THR A 161 14.82 -6.95 31.89
CA THR A 161 15.18 -8.37 31.92
C THR A 161 16.09 -8.69 33.09
N PRO A 162 15.53 -9.30 34.16
CA PRO A 162 16.29 -9.67 35.36
C PRO A 162 17.49 -10.57 35.09
N SER A 163 18.64 -10.18 35.65
CA SER A 163 19.88 -10.92 35.50
C SER A 163 19.94 -12.13 36.43
N ALA A 164 19.09 -12.12 37.45
CA ALA A 164 19.02 -13.22 38.41
C ALA A 164 17.89 -14.14 37.96
N ARG A 165 18.21 -15.41 37.71
CA ARG A 165 17.20 -16.37 37.26
C ARG A 165 16.24 -16.82 38.36
N SER A 166 15.11 -17.40 37.95
CA SER A 166 14.11 -17.89 38.89
C SER A 166 14.61 -19.26 39.33
N MET A 167 15.04 -19.34 40.58
CA MET A 167 15.56 -20.59 41.12
C MET A 167 14.61 -21.76 41.03
N THR A 168 13.41 -21.58 41.57
CA THR A 168 12.40 -22.64 41.56
C THR A 168 11.09 -22.17 40.89
N PRO A 169 10.31 -23.10 40.32
CA PRO A 169 9.06 -22.72 39.69
C PRO A 169 8.05 -22.38 40.76
N PRO A 170 7.20 -21.38 40.51
CA PRO A 170 6.20 -21.00 41.51
C PRO A 170 5.19 -22.12 41.71
N GLU A 171 4.81 -22.39 42.96
CA GLU A 171 3.84 -23.45 43.21
C GLU A 171 2.68 -23.04 44.11
N GLY A 172 1.59 -23.79 44.03
CA GLY A 172 0.45 -23.49 44.85
C GLY A 172 -0.35 -22.33 44.29
N ARG A 173 -1.34 -21.88 45.05
CA ARG A 173 -2.19 -20.79 44.62
C ARG A 173 -1.88 -19.44 45.29
N GLY A 174 -0.98 -19.44 46.25
CA GLY A 174 -0.60 -18.21 46.93
C GLY A 174 -1.53 -17.57 47.95
N ASP A 175 -1.27 -16.28 48.21
CA ASP A 175 -1.99 -15.45 49.18
C ASP A 175 -3.46 -15.17 48.88
N ALA A 176 -3.85 -13.90 49.09
CA ALA A 176 -5.23 -13.46 48.88
C ALA A 176 -5.57 -13.31 47.40
N GLU A 177 -4.81 -12.49 46.70
CA GLU A 177 -5.05 -12.30 45.28
C GLU A 177 -4.34 -13.40 44.47
N GLY A 178 -3.44 -14.12 45.13
CA GLY A 178 -2.71 -15.19 44.47
C GLY A 178 -1.22 -14.93 44.38
N THR A 179 -0.71 -14.15 45.32
CA THR A 179 0.72 -13.83 45.33
C THR A 179 1.56 -14.99 45.87
N ILE A 180 2.77 -15.13 45.32
CA ILE A 180 3.68 -16.19 45.72
C ILE A 180 5.14 -15.74 45.63
N GLU A 181 5.90 -15.98 46.69
CA GLU A 181 7.31 -15.59 46.72
C GLU A 181 8.22 -16.76 47.07
N PRO A 182 8.96 -17.29 46.10
CA PRO A 182 9.83 -18.39 46.49
C PRO A 182 10.90 -17.81 47.43
N GLY A 183 11.72 -16.93 46.85
CA GLY A 183 12.79 -16.29 47.60
C GLY A 183 13.81 -15.68 46.67
N ASP A 184 13.89 -16.20 45.46
CA ASP A 184 14.83 -15.71 44.45
C ASP A 184 14.48 -14.29 44.04
N GLY A 185 13.63 -13.64 44.82
CA GLY A 185 13.24 -12.29 44.50
C GLY A 185 12.49 -12.26 43.19
N TYR A 186 11.49 -13.14 43.09
CA TYR A 186 10.64 -13.29 41.90
C TYR A 186 9.20 -13.48 42.36
N VAL A 187 8.39 -12.43 42.30
CA VAL A 187 7.00 -12.57 42.73
C VAL A 187 6.14 -13.20 41.62
N TRP A 188 5.15 -13.99 42.03
CA TRP A 188 4.28 -14.65 41.09
C TRP A 188 2.83 -14.59 41.54
N GLU A 189 1.92 -14.70 40.57
CA GLU A 189 0.51 -14.68 40.88
C GLU A 189 -0.14 -15.84 40.18
N TYR A 190 -0.72 -16.73 40.97
CA TYR A 190 -1.40 -17.89 40.44
C TYR A 190 -2.59 -17.37 39.69
N LEU A 191 -2.87 -17.96 38.54
CA LEU A 191 -3.99 -17.53 37.78
C LEU A 191 -5.07 -18.61 37.82
N PHE A 192 -4.84 -19.71 37.12
CA PHE A 192 -5.81 -20.78 37.08
C PHE A 192 -5.12 -22.07 36.75
N GLU A 193 -5.91 -23.12 36.55
CA GLU A 193 -5.40 -24.45 36.24
C GLU A 193 -6.04 -25.00 34.98
N ILE A 194 -5.40 -26.00 34.36
CA ILE A 194 -5.94 -26.57 33.13
C ILE A 194 -6.17 -28.08 33.16
N PRO A 195 -7.45 -28.51 33.11
CA PRO A 195 -7.77 -29.93 33.13
C PRO A 195 -7.11 -30.69 31.99
N PRO A 196 -6.66 -31.92 32.28
CA PRO A 196 -6.00 -32.82 31.32
C PRO A 196 -6.72 -32.92 29.98
N ASP A 197 -8.01 -33.17 30.01
CA ASP A 197 -8.77 -33.30 28.79
C ASP A 197 -8.56 -32.08 27.89
N VAL A 198 -8.15 -30.97 28.50
CA VAL A 198 -7.93 -29.76 27.72
C VAL A 198 -6.46 -29.62 27.36
N SER A 199 -5.59 -29.80 28.34
CA SER A 199 -4.16 -29.68 28.09
C SER A 199 -3.67 -30.72 27.11
N ILE A 200 -4.47 -31.76 26.89
CA ILE A 200 -4.07 -32.82 25.98
C ILE A 200 -4.69 -32.69 24.59
N ASN A 201 -5.91 -32.19 24.50
CA ASN A 201 -6.51 -32.06 23.18
C ASN A 201 -6.49 -30.65 22.67
N ARG A 202 -6.63 -29.69 23.57
CA ARG A 202 -6.69 -28.29 23.20
C ARG A 202 -5.36 -27.57 23.11
N CYS A 203 -4.50 -27.78 24.08
CA CYS A 203 -3.22 -27.10 24.08
C CYS A 203 -2.23 -27.64 23.04
N THR A 204 -1.17 -26.87 22.78
CA THR A 204 -0.14 -27.27 21.83
C THR A 204 1.20 -26.79 22.35
N ASN A 205 2.25 -26.96 21.58
CA ASN A 205 3.57 -26.55 22.03
C ASN A 205 3.62 -25.04 22.29
N GLU A 206 2.98 -24.24 21.45
CA GLU A 206 3.03 -22.80 21.65
C GLU A 206 1.76 -22.08 22.04
N TYR A 207 0.73 -22.85 22.38
CA TYR A 207 -0.53 -22.25 22.75
C TYR A 207 -1.22 -23.02 23.86
N ILE A 208 -1.60 -22.32 24.92
CA ILE A 208 -2.33 -22.97 26.00
C ILE A 208 -3.69 -22.32 26.03
N VAL A 209 -4.71 -23.14 26.27
CA VAL A 209 -6.08 -22.69 26.33
C VAL A 209 -6.31 -21.93 27.63
N VAL A 210 -7.24 -20.99 27.60
CA VAL A 210 -7.64 -20.17 28.74
C VAL A 210 -9.17 -20.23 28.68
N PRO A 211 -9.81 -20.63 29.77
CA PRO A 211 -11.26 -20.74 29.82
C PRO A 211 -11.96 -19.46 29.44
N TRP A 212 -13.18 -19.56 28.91
CA TRP A 212 -13.95 -18.37 28.59
C TRP A 212 -14.70 -18.02 29.88
N PRO A 213 -15.14 -16.77 30.03
CA PRO A 213 -15.86 -16.36 31.24
C PRO A 213 -16.98 -17.30 31.70
N GLU A 214 -17.90 -17.63 30.80
CA GLU A 214 -19.02 -18.48 31.13
C GLU A 214 -18.66 -19.87 31.61
N GLU A 215 -17.66 -20.50 30.99
CA GLU A 215 -17.28 -21.82 31.43
C GLU A 215 -16.46 -21.70 32.71
N LEU A 216 -15.85 -20.54 32.92
CA LEU A 216 -15.07 -20.33 34.13
C LEU A 216 -16.09 -20.19 35.26
N LYS A 217 -17.26 -19.67 34.91
CA LYS A 217 -18.36 -19.48 35.85
C LYS A 217 -19.06 -20.83 36.02
N GLU A 218 -19.55 -21.36 34.91
CA GLU A 218 -20.26 -22.64 34.88
C GLU A 218 -19.64 -23.67 35.83
N ASP A 219 -18.33 -23.65 35.98
CA ASP A 219 -17.67 -24.63 36.82
C ASP A 219 -16.23 -24.24 37.13
N PRO A 220 -16.03 -23.36 38.13
CA PRO A 220 -14.79 -22.79 38.65
C PRO A 220 -13.70 -23.74 39.12
N THR A 221 -13.97 -24.47 40.18
CA THR A 221 -12.98 -25.40 40.71
C THR A 221 -12.30 -26.17 39.58
N ARG A 222 -13.09 -26.52 38.56
CA ARG A 222 -12.55 -27.26 37.42
C ARG A 222 -11.33 -26.59 36.81
N TRP A 223 -11.35 -25.26 36.76
CA TRP A 223 -10.24 -24.51 36.20
C TRP A 223 -9.32 -23.98 37.30
N GLY A 224 -9.49 -24.52 38.51
CA GLY A 224 -8.67 -24.13 39.65
C GLY A 224 -8.91 -22.67 39.96
N TYR A 225 -10.12 -22.22 39.67
CA TYR A 225 -10.52 -20.84 39.86
C TYR A 225 -11.50 -20.67 41.05
N GLU A 226 -11.60 -21.74 41.84
CA GLU A 226 -12.45 -21.82 43.03
C GLU A 226 -12.13 -20.81 44.14
N ASP A 227 -10.93 -20.90 44.71
CA ASP A 227 -10.50 -19.99 45.77
C ASP A 227 -10.59 -18.54 45.33
N ASN A 228 -10.51 -18.33 44.01
CA ASN A 228 -10.56 -17.00 43.43
C ASN A 228 -11.56 -16.05 44.09
N LEU A 229 -11.15 -14.78 44.21
CA LEU A 229 -11.99 -13.75 44.79
C LEU A 229 -12.23 -12.63 43.78
N THR A 230 -11.36 -12.55 42.77
CA THR A 230 -11.49 -11.51 41.74
C THR A 230 -12.82 -11.53 41.02
N TRP A 231 -13.56 -12.63 41.16
CA TRP A 231 -14.87 -12.76 40.52
C TRP A 231 -15.83 -11.72 41.09
N GLN A 232 -15.46 -11.17 42.26
CA GLN A 232 -16.26 -10.16 42.95
C GLN A 232 -16.08 -8.81 42.29
N GLN A 233 -15.39 -8.82 41.15
CA GLN A 233 -15.12 -7.60 40.38
C GLN A 233 -14.92 -7.86 38.87
N ASP A 234 -13.91 -8.65 38.51
CA ASP A 234 -13.63 -8.94 37.11
C ASP A 234 -14.65 -9.86 36.47
N ASP A 235 -15.53 -10.41 37.30
CA ASP A 235 -16.60 -11.31 36.85
C ASP A 235 -16.13 -12.36 35.86
N PHE A 236 -15.30 -13.29 36.34
CA PHE A 236 -14.78 -14.38 35.52
C PHE A 236 -14.08 -13.93 34.25
N GLY A 237 -13.62 -12.68 34.24
CA GLY A 237 -12.93 -12.16 33.07
C GLY A 237 -11.46 -12.50 33.07
N LEU A 238 -11.16 -13.79 33.06
CA LEU A 238 -9.78 -14.22 33.05
C LEU A 238 -9.09 -13.83 31.76
N ILE A 239 -9.74 -14.10 30.62
CA ILE A 239 -9.18 -13.78 29.29
C ILE A 239 -8.71 -12.33 29.20
N TYR A 240 -9.26 -11.46 30.05
CA TYR A 240 -8.86 -10.06 30.09
C TYR A 240 -7.54 -9.91 30.83
N ARG A 241 -7.42 -10.59 31.95
CA ARG A 241 -6.21 -10.50 32.76
C ARG A 241 -4.95 -10.99 32.04
N VAL A 242 -5.10 -11.96 31.13
CA VAL A 242 -3.92 -12.47 30.44
C VAL A 242 -3.72 -11.91 29.03
N LYS A 243 -4.52 -10.92 28.66
CA LYS A 243 -4.40 -10.31 27.34
C LYS A 243 -4.59 -11.36 26.24
N ALA A 244 -5.64 -12.17 26.39
CA ALA A 244 -5.94 -13.19 25.41
C ALA A 244 -6.70 -12.53 24.28
N ASN A 245 -6.16 -12.62 23.06
CA ASN A 245 -6.82 -12.04 21.89
C ASN A 245 -6.87 -13.02 20.73
N THR A 246 -6.33 -14.22 20.93
CA THR A 246 -6.32 -15.22 19.89
C THR A 246 -7.32 -16.36 20.16
N ILE A 247 -7.94 -16.86 19.11
CA ILE A 247 -8.87 -17.96 19.21
C ILE A 247 -8.32 -19.08 18.35
N ARG A 248 -8.44 -20.31 18.83
CA ARG A 248 -7.95 -21.44 18.08
C ARG A 248 -9.12 -22.35 17.81
N PHE A 249 -9.23 -22.73 16.55
CA PHE A 249 -10.29 -23.61 16.08
C PHE A 249 -9.88 -25.07 16.13
N LYS A 250 -10.77 -25.89 16.67
CA LYS A 250 -10.51 -27.32 16.69
C LYS A 250 -11.78 -27.91 16.14
N ALA A 251 -11.71 -28.39 14.90
CA ALA A 251 -12.89 -28.98 14.26
C ALA A 251 -12.46 -30.18 13.47
N TYR A 252 -13.42 -31.05 13.19
CA TYR A 252 -13.13 -32.28 12.46
C TYR A 252 -13.92 -32.46 11.17
N LEU A 253 -13.20 -32.81 10.10
CA LEU A 253 -13.81 -33.03 8.80
C LEU A 253 -14.01 -34.51 8.58
N ASP A 254 -15.26 -34.95 8.60
CA ASP A 254 -15.52 -36.37 8.41
C ASP A 254 -15.87 -36.66 6.96
N SER A 255 -15.08 -37.54 6.36
CA SER A 255 -15.29 -37.92 4.98
C SER A 255 -16.71 -38.46 4.82
N VAL A 256 -17.10 -39.35 5.73
CA VAL A 256 -18.42 -39.97 5.72
C VAL A 256 -19.57 -39.09 5.23
N TYR A 257 -19.47 -37.79 5.47
CA TYR A 257 -20.54 -36.88 5.06
C TYR A 257 -20.28 -36.24 3.70
N PHE A 258 -19.20 -36.63 3.05
CA PHE A 258 -18.85 -36.09 1.73
C PHE A 258 -18.38 -37.22 0.82
N PRO A 259 -19.18 -38.30 0.71
CA PRO A 259 -18.83 -39.46 -0.13
C PRO A 259 -18.16 -39.08 -1.45
N GLU A 260 -18.77 -38.15 -2.16
CA GLU A 260 -18.24 -37.68 -3.43
C GLU A 260 -16.74 -37.43 -3.32
N ALA A 261 -16.37 -36.41 -2.55
CA ALA A 261 -14.99 -36.02 -2.33
C ALA A 261 -14.04 -37.15 -1.92
N ALA A 262 -14.60 -38.29 -1.53
CA ALA A 262 -13.75 -39.38 -1.11
C ALA A 262 -14.10 -40.72 -1.73
N LEU A 263 -13.05 -41.43 -2.14
CA LEU A 263 -13.16 -42.75 -2.75
C LEU A 263 -11.76 -43.36 -2.65
N PRO A 264 -11.63 -44.69 -2.85
CA PRO A 264 -10.33 -45.36 -2.77
C PRO A 264 -9.13 -44.58 -3.33
N GLY A 265 -9.37 -43.62 -4.21
CA GLY A 265 -8.28 -42.83 -4.76
C GLY A 265 -8.64 -41.41 -5.17
N ASN A 266 -8.78 -40.51 -4.20
CA ASN A 266 -9.14 -39.13 -4.54
C ASN A 266 -7.93 -38.21 -4.61
N LYS A 267 -8.21 -36.92 -4.77
CA LYS A 267 -7.18 -35.90 -4.88
C LYS A 267 -6.98 -35.09 -3.60
N GLY A 268 -7.91 -35.19 -2.65
CA GLY A 268 -7.80 -34.46 -1.41
C GLY A 268 -8.48 -33.10 -1.36
N PHE A 269 -7.94 -32.19 -0.56
CA PHE A 269 -8.49 -30.83 -0.45
C PHE A 269 -7.35 -29.90 -0.02
N ARG A 270 -7.27 -28.74 -0.66
CA ARG A 270 -6.18 -27.81 -0.40
C ARG A 270 -6.61 -26.44 0.06
N GLN A 271 -7.90 -26.24 0.20
CA GLN A 271 -8.35 -24.95 0.63
C GLN A 271 -9.30 -25.06 1.79
N ILE A 272 -9.14 -24.16 2.72
CA ILE A 272 -9.96 -24.08 3.89
C ILE A 272 -10.28 -22.61 3.94
N SER A 273 -11.50 -22.28 4.37
CA SER A 273 -11.89 -20.90 4.51
C SER A 273 -13.03 -20.88 5.50
N ILE A 274 -13.40 -19.68 5.92
CA ILE A 274 -14.49 -19.50 6.86
C ILE A 274 -15.49 -18.47 6.36
N ILE A 275 -16.74 -18.90 6.22
CA ILE A 275 -17.81 -18.04 5.75
C ILE A 275 -18.77 -17.76 6.91
N THR A 276 -19.08 -16.51 7.19
CA THR A 276 -20.01 -16.25 8.28
C THR A 276 -21.38 -15.96 7.71
N ASN A 277 -22.39 -16.66 8.21
CA ASN A 277 -23.77 -16.42 7.82
C ASN A 277 -24.20 -16.65 6.38
N PRO A 278 -23.78 -17.76 5.77
CA PRO A 278 -24.18 -18.06 4.39
C PRO A 278 -25.67 -18.39 4.33
N LEU A 279 -26.20 -18.48 3.11
CA LEU A 279 -27.60 -18.86 2.98
C LEU A 279 -27.64 -20.16 2.20
N GLU A 280 -28.77 -20.86 2.31
CA GLU A 280 -28.99 -22.12 1.62
C GLU A 280 -29.43 -21.80 0.19
N ALA A 281 -29.45 -22.81 -0.68
CA ALA A 281 -29.85 -22.57 -2.06
C ALA A 281 -31.30 -22.09 -2.10
N LYS A 282 -31.61 -21.22 -3.05
CA LYS A 282 -32.95 -20.69 -3.22
C LYS A 282 -33.54 -21.24 -4.52
N ALA A 283 -34.87 -21.32 -4.58
CA ALA A 283 -35.54 -21.79 -5.79
C ALA A 283 -35.44 -20.63 -6.78
N HIS A 284 -35.55 -19.41 -6.26
CA HIS A 284 -35.46 -18.21 -7.08
C HIS A 284 -34.91 -17.04 -6.27
N PRO A 285 -34.13 -16.16 -6.90
CA PRO A 285 -33.49 -14.98 -6.32
C PRO A 285 -34.26 -14.10 -5.33
N ASN A 286 -35.59 -14.01 -5.45
CA ASN A 286 -36.34 -13.18 -4.52
C ASN A 286 -36.87 -13.94 -3.31
N ASP A 287 -36.81 -15.27 -3.37
CA ASP A 287 -37.27 -16.10 -2.24
C ASP A 287 -36.58 -15.54 -1.01
N PRO A 288 -37.33 -15.32 0.08
CA PRO A 288 -36.69 -14.79 1.30
C PRO A 288 -35.42 -15.58 1.59
N ASN A 289 -34.44 -14.90 2.19
CA ASN A 289 -33.15 -15.50 2.50
C ASN A 289 -33.22 -16.45 3.68
N VAL A 290 -32.76 -17.67 3.46
CA VAL A 290 -32.79 -18.68 4.49
C VAL A 290 -31.41 -18.91 5.10
N LYS A 291 -31.12 -18.19 6.18
CA LYS A 291 -29.85 -18.29 6.89
C LYS A 291 -29.61 -19.76 7.20
N ALA A 292 -28.51 -20.31 6.67
CA ALA A 292 -28.13 -21.71 6.85
C ALA A 292 -27.64 -22.06 8.26
N GLU A 293 -28.36 -22.94 8.94
CA GLU A 293 -28.03 -23.36 10.29
C GLU A 293 -27.67 -24.84 10.47
N LYS A 294 -27.91 -25.68 9.45
CA LYS A 294 -27.58 -27.10 9.55
C LYS A 294 -26.13 -27.27 9.94
N ASP A 295 -25.77 -28.47 10.38
CA ASP A 295 -24.42 -28.75 10.84
C ASP A 295 -23.39 -29.05 9.77
N TYR A 296 -23.87 -29.18 8.54
CA TYR A 296 -22.99 -29.45 7.42
C TYR A 296 -23.73 -29.34 6.09
N TYR A 297 -23.00 -28.91 5.07
CA TYR A 297 -23.57 -28.70 3.75
C TYR A 297 -22.67 -29.13 2.61
N ASP A 298 -23.31 -29.47 1.50
CA ASP A 298 -22.63 -29.80 0.27
C ASP A 298 -22.76 -28.41 -0.31
N PRO A 299 -21.67 -27.83 -0.84
CA PRO A 299 -21.69 -26.47 -1.41
C PRO A 299 -22.87 -26.11 -2.30
N GLU A 300 -23.34 -27.07 -3.08
CA GLU A 300 -24.47 -26.85 -3.99
C GLU A 300 -25.73 -26.45 -3.24
N ASP A 301 -25.88 -26.97 -2.02
CA ASP A 301 -27.06 -26.68 -1.22
C ASP A 301 -27.01 -25.30 -0.59
N LEU A 302 -25.90 -24.62 -0.81
CA LEU A 302 -25.73 -23.27 -0.27
C LEU A 302 -25.72 -22.28 -1.41
N MET A 303 -26.31 -21.12 -1.19
CA MET A 303 -26.32 -20.08 -2.20
C MET A 303 -24.89 -19.59 -2.34
N ARG A 304 -24.34 -19.71 -3.53
CA ARG A 304 -22.98 -19.29 -3.81
C ARG A 304 -22.76 -17.84 -3.46
N HIS A 305 -21.58 -17.52 -2.92
CA HIS A 305 -21.22 -16.16 -2.53
C HIS A 305 -22.02 -15.60 -1.36
N SER A 306 -22.84 -16.43 -0.74
CA SER A 306 -23.61 -15.95 0.40
C SER A 306 -22.74 -16.01 1.67
N GLY A 307 -23.01 -15.12 2.62
CA GLY A 307 -22.23 -15.11 3.84
C GLY A 307 -21.05 -14.21 3.59
N GLU A 308 -20.09 -14.18 4.51
CA GLU A 308 -18.94 -13.34 4.33
C GLU A 308 -17.73 -14.19 4.64
N MET A 309 -16.84 -14.30 3.66
CA MET A 309 -15.63 -15.09 3.80
C MET A 309 -14.63 -14.25 4.56
N ILE A 310 -14.46 -14.54 5.85
CA ILE A 310 -13.56 -13.77 6.68
C ILE A 310 -12.19 -14.40 6.79
N TYR A 311 -12.02 -15.55 6.17
CA TYR A 311 -10.74 -16.20 6.26
C TYR A 311 -10.60 -17.21 5.14
N MET A 312 -9.40 -17.26 4.57
CA MET A 312 -9.10 -18.15 3.46
C MET A 312 -7.77 -18.75 3.77
N GLU A 313 -7.49 -19.91 3.21
CA GLU A 313 -6.21 -20.56 3.47
C GLU A 313 -5.98 -21.66 2.45
N ASN A 314 -4.74 -21.75 1.95
CA ASN A 314 -4.41 -22.79 0.98
C ASN A 314 -3.26 -23.58 1.53
N ARG A 315 -3.26 -24.88 1.31
CA ARG A 315 -2.18 -25.72 1.81
C ARG A 315 -1.97 -26.91 0.88
N PRO A 316 -0.89 -27.68 1.08
CA PRO A 316 -0.75 -28.79 0.15
C PRO A 316 -1.94 -29.72 0.36
N PRO A 317 -2.23 -30.60 -0.59
CA PRO A 317 -3.36 -31.52 -0.46
C PRO A 317 -3.35 -32.34 0.82
N ILE A 318 -4.56 -32.65 1.29
CA ILE A 318 -4.78 -33.45 2.49
C ILE A 318 -5.75 -34.50 2.02
N ILE A 319 -5.26 -35.72 1.91
CA ILE A 319 -6.07 -36.84 1.45
C ILE A 319 -7.22 -37.14 2.41
N MET A 320 -8.41 -37.29 1.84
CA MET A 320 -9.59 -37.58 2.64
C MET A 320 -10.17 -38.95 2.34
N ALA A 321 -9.44 -39.97 2.77
CA ALA A 321 -9.85 -41.35 2.56
C ALA A 321 -11.22 -41.64 3.19
N MET A 322 -11.66 -42.89 3.08
CA MET A 322 -12.96 -43.33 3.60
C MET A 322 -13.33 -42.85 5.02
N ASP A 323 -13.21 -43.74 6.00
CA ASP A 323 -13.55 -43.42 7.38
C ASP A 323 -12.35 -42.89 8.15
N GLN A 324 -11.95 -41.68 7.81
CA GLN A 324 -10.82 -41.00 8.44
C GLN A 324 -11.21 -39.54 8.70
N THR A 325 -10.96 -39.06 9.91
CA THR A 325 -11.28 -37.68 10.26
C THR A 325 -10.00 -36.87 10.29
N GLU A 326 -10.07 -35.61 9.88
CA GLU A 326 -8.92 -34.72 9.86
C GLU A 326 -9.10 -33.56 10.83
N GLU A 327 -8.17 -33.39 11.77
CA GLU A 327 -8.27 -32.26 12.68
C GLU A 327 -7.82 -31.02 11.92
N ILE A 328 -8.75 -30.07 11.78
CA ILE A 328 -8.51 -28.81 11.10
C ILE A 328 -8.38 -27.74 12.17
N ASN A 329 -7.24 -27.07 12.23
CA ASN A 329 -7.06 -26.02 13.22
C ASN A 329 -6.90 -24.67 12.54
N ILE A 330 -7.40 -23.63 13.20
CA ILE A 330 -7.30 -22.30 12.64
C ILE A 330 -7.06 -21.29 13.75
N LEU A 331 -6.15 -20.36 13.48
CA LEU A 331 -5.80 -19.32 14.40
C LEU A 331 -6.47 -18.01 14.02
N PHE A 332 -6.93 -17.25 15.01
CA PHE A 332 -7.55 -15.96 14.79
C PHE A 332 -7.00 -14.97 15.79
N THR A 333 -6.44 -13.86 15.31
CA THR A 333 -5.94 -12.87 16.24
C THR A 333 -6.76 -11.61 16.17
N PHE A 334 -7.05 -11.05 17.35
CA PHE A 334 -7.86 -9.85 17.45
C PHE A 334 -7.03 -8.76 18.10
N ILE B 7 3.93 -24.03 6.15
CA ILE B 7 3.63 -24.71 4.86
C ILE B 7 2.27 -24.27 4.33
N TYR B 8 1.40 -23.80 5.22
CA TYR B 8 0.09 -23.33 4.80
C TYR B 8 0.15 -21.80 4.65
N ARG B 9 -0.60 -21.27 3.71
CA ARG B 9 -0.63 -19.84 3.48
C ARG B 9 -2.06 -19.39 3.72
N ALA B 10 -2.26 -18.58 4.75
CA ALA B 10 -3.60 -18.10 5.11
C ALA B 10 -3.69 -16.61 5.28
N ILE B 11 -4.90 -16.08 5.22
CA ILE B 11 -5.09 -14.66 5.38
C ILE B 11 -6.47 -14.40 5.94
N VAL B 12 -6.59 -13.38 6.77
CA VAL B 12 -7.88 -12.98 7.28
C VAL B 12 -8.30 -11.97 6.21
N THR B 13 -9.46 -12.17 5.57
CA THR B 13 -9.90 -11.23 4.54
C THR B 13 -10.42 -9.97 5.20
N SER B 14 -10.41 -8.86 4.49
CA SER B 14 -10.89 -7.61 5.05
C SER B 14 -12.31 -7.77 5.56
N LYS B 15 -13.05 -8.75 5.06
CA LYS B 15 -14.42 -8.93 5.55
C LYS B 15 -14.38 -9.29 7.04
N PHE B 16 -13.22 -9.69 7.54
CA PHE B 16 -13.10 -10.01 8.94
C PHE B 16 -13.07 -8.70 9.73
N ARG B 17 -12.45 -7.67 9.17
CA ARG B 17 -12.38 -6.38 9.85
C ARG B 17 -13.79 -5.86 10.07
N THR B 18 -14.68 -6.09 9.11
CA THR B 18 -16.04 -5.62 9.25
C THR B 18 -16.80 -6.47 10.26
N GLU B 19 -16.48 -7.76 10.27
CA GLU B 19 -17.11 -8.75 11.16
C GLU B 19 -16.90 -8.36 12.60
N LYS B 20 -15.65 -8.04 12.92
CA LYS B 20 -15.37 -7.63 14.27
C LYS B 20 -16.30 -6.46 14.58
N MET B 21 -16.19 -5.40 13.80
CA MET B 21 -17.02 -4.23 13.98
C MET B 21 -18.51 -4.54 14.18
N LEU B 22 -19.01 -5.56 13.49
CA LEU B 22 -20.41 -5.95 13.60
C LEU B 22 -20.74 -6.71 14.91
N ASN B 23 -19.88 -7.66 15.25
CA ASN B 23 -20.07 -8.42 16.47
C ASN B 23 -20.11 -7.42 17.62
N PHE B 24 -19.19 -6.47 17.62
CA PHE B 24 -19.14 -5.48 18.68
C PHE B 24 -20.46 -4.71 18.75
N TYR B 25 -20.88 -4.14 17.62
CA TYR B 25 -22.12 -3.40 17.61
C TYR B 25 -23.31 -4.27 18.04
N ASN B 26 -23.36 -5.51 17.55
CA ASN B 26 -24.49 -6.36 17.91
C ASN B 26 -24.48 -6.81 19.37
N SER B 27 -23.30 -7.04 19.92
CA SER B 27 -23.13 -7.49 21.30
C SER B 27 -23.75 -6.55 22.30
N ILE B 28 -23.80 -5.27 21.96
CA ILE B 28 -24.37 -4.29 22.87
C ILE B 28 -25.83 -4.59 23.04
N GLY B 29 -26.31 -4.48 24.27
CA GLY B 29 -27.70 -4.74 24.55
C GLY B 29 -27.87 -4.85 26.04
N SER B 30 -29.12 -4.79 26.49
CA SER B 30 -29.38 -4.92 27.91
C SER B 30 -29.53 -6.41 28.15
N GLY B 31 -29.26 -6.84 29.37
CA GLY B 31 -29.38 -8.25 29.67
C GLY B 31 -28.03 -8.83 30.04
N PRO B 32 -28.02 -9.94 30.79
CA PRO B 32 -26.76 -10.57 31.20
C PRO B 32 -26.11 -11.22 29.98
N ASP B 33 -26.94 -11.45 28.96
CA ASP B 33 -26.51 -12.06 27.71
C ASP B 33 -25.92 -11.03 26.76
N LYS B 34 -26.08 -9.75 27.12
CA LYS B 34 -25.59 -8.67 26.30
C LYS B 34 -24.50 -7.86 27.00
N ASN B 35 -23.95 -6.89 26.29
CA ASN B 35 -22.93 -6.01 26.84
C ASN B 35 -23.45 -4.59 26.93
N THR B 36 -22.99 -3.85 27.94
CA THR B 36 -23.39 -2.45 28.06
C THR B 36 -22.05 -1.77 28.16
N ILE B 37 -21.86 -0.73 27.35
CA ILE B 37 -20.61 0.00 27.41
C ILE B 37 -20.91 1.39 27.93
N PHE B 38 -20.01 1.91 28.76
CA PHE B 38 -20.19 3.23 29.31
C PHE B 38 -19.02 4.09 28.89
N ILE B 39 -19.34 5.30 28.46
CA ILE B 39 -18.32 6.25 28.07
C ILE B 39 -18.04 6.97 29.37
N THR B 40 -16.79 7.34 29.63
CA THR B 40 -16.51 8.06 30.88
C THR B 40 -15.63 9.27 30.66
N PHE B 41 -15.85 10.27 31.50
CA PHE B 41 -15.13 11.53 31.49
C PHE B 41 -14.69 11.82 32.91
N GLY B 42 -13.65 12.64 33.04
CA GLY B 42 -13.17 12.99 34.35
C GLY B 42 -11.77 13.58 34.28
N ARG B 43 -11.39 14.24 35.38
CA ARG B 43 -10.09 14.90 35.58
C ARG B 43 -10.32 16.36 35.97
N SER B 44 -9.24 17.03 36.35
CA SER B 44 -9.28 18.42 36.77
C SER B 44 -7.82 18.88 36.84
N GLU B 45 -6.99 18.00 37.37
CA GLU B 45 -5.55 18.25 37.49
C GLU B 45 -5.05 18.66 36.11
N PRO B 46 -4.92 19.97 35.87
CA PRO B 46 -4.45 20.39 34.55
C PRO B 46 -3.12 19.77 34.17
N TRP B 47 -2.98 19.44 32.90
CA TRP B 47 -1.74 18.83 32.39
C TRP B 47 -0.56 19.65 32.87
N SER B 48 -0.40 20.83 32.28
CA SER B 48 0.67 21.76 32.62
C SER B 48 0.20 23.15 32.24
N SER B 49 0.99 24.15 32.58
CA SER B 49 0.64 25.53 32.27
C SER B 49 0.38 25.68 30.76
N ASN B 50 1.44 25.46 29.98
CA ASN B 50 1.37 25.58 28.52
C ASN B 50 0.46 24.55 27.85
N GLU B 51 -0.66 24.21 28.48
CA GLU B 51 -1.58 23.23 27.92
C GLU B 51 -2.64 23.83 27.02
N ASN B 52 -2.84 25.14 27.11
CA ASN B 52 -3.83 25.81 26.29
C ASN B 52 -3.22 26.34 24.99
N GLU B 53 -1.93 26.10 24.81
CA GLU B 53 -1.25 26.53 23.58
C GLU B 53 -1.80 25.77 22.39
N VAL B 54 -1.40 26.19 21.19
CA VAL B 54 -1.85 25.54 19.97
C VAL B 54 -0.80 24.52 19.50
N GLY B 55 -1.24 23.27 19.35
CA GLY B 55 -0.35 22.21 18.94
C GLY B 55 0.08 21.46 20.19
N PHE B 56 -0.54 21.80 21.32
CA PHE B 56 -0.24 21.18 22.59
C PHE B 56 -0.73 19.75 22.64
N ALA B 57 0.19 18.83 22.88
CA ALA B 57 -0.13 17.41 22.96
C ALA B 57 0.04 16.90 24.39
N PRO B 58 -1.09 16.59 25.06
CA PRO B 58 -1.03 16.10 26.44
C PRO B 58 -0.39 14.72 26.42
N PRO B 59 -0.33 14.04 27.57
CA PRO B 59 0.28 12.71 27.58
C PRO B 59 -0.65 11.62 27.04
N TYR B 60 -0.06 10.60 26.42
CA TYR B 60 -0.83 9.48 25.89
C TYR B 60 -1.33 8.75 27.14
N PRO B 61 -2.43 8.00 27.02
CA PRO B 61 -2.89 7.30 28.22
C PRO B 61 -2.02 6.05 28.40
N THR B 62 -1.79 5.64 29.63
CA THR B 62 -0.96 4.47 29.89
C THR B 62 -1.77 3.19 29.96
N ASP B 63 -1.59 2.32 28.96
CA ASP B 63 -2.29 1.05 28.93
C ASP B 63 -1.67 0.19 30.03
N SER B 64 -2.16 0.38 31.26
CA SER B 64 -1.66 -0.35 32.41
C SER B 64 -2.69 -0.25 33.53
N VAL B 65 -2.56 -1.09 34.54
CA VAL B 65 -3.50 -1.08 35.65
C VAL B 65 -3.43 0.29 36.33
N LEU B 66 -2.21 0.81 36.45
CA LEU B 66 -1.99 2.11 37.06
C LEU B 66 -2.61 3.16 36.15
N GLY B 67 -2.65 2.85 34.85
CA GLY B 67 -3.24 3.76 33.90
C GLY B 67 -4.74 3.72 34.12
N VAL B 68 -5.27 2.51 34.22
CA VAL B 68 -6.69 2.31 34.45
C VAL B 68 -7.15 3.00 35.71
N THR B 69 -6.49 2.73 36.83
CA THR B 69 -6.88 3.34 38.10
C THR B 69 -6.76 4.86 38.05
N ASP B 70 -5.68 5.35 37.43
CA ASP B 70 -5.45 6.79 37.28
C ASP B 70 -6.60 7.40 36.49
N MET B 71 -7.36 6.55 35.81
CA MET B 71 -8.51 6.98 35.02
C MET B 71 -9.74 6.95 35.93
N TRP B 72 -9.93 5.81 36.59
CA TRP B 72 -11.06 5.64 37.50
C TRP B 72 -11.05 6.65 38.64
N THR B 73 -9.85 7.09 39.03
CA THR B 73 -9.71 8.06 40.12
C THR B 73 -10.23 9.43 39.72
N HIS B 74 -10.00 9.80 38.47
CA HIS B 74 -10.43 11.08 37.95
C HIS B 74 -11.83 11.06 37.32
N MET B 75 -12.50 9.91 37.36
CA MET B 75 -13.85 9.79 36.79
C MET B 75 -14.86 10.63 37.56
N MET B 76 -15.65 11.43 36.85
CA MET B 76 -16.63 12.30 37.48
C MET B 76 -18.08 11.86 37.28
N GLY B 77 -18.30 10.97 36.32
CA GLY B 77 -19.65 10.50 36.05
C GLY B 77 -19.63 9.54 34.88
N THR B 78 -20.73 8.83 34.66
CA THR B 78 -20.77 7.87 33.57
C THR B 78 -22.04 7.88 32.73
N VAL B 79 -21.87 7.72 31.42
CA VAL B 79 -22.97 7.71 30.46
C VAL B 79 -23.03 6.39 29.70
N LYS B 80 -24.13 5.68 29.86
CA LYS B 80 -24.35 4.42 29.16
C LYS B 80 -24.46 4.68 27.67
N VAL B 81 -23.71 3.94 26.88
CA VAL B 81 -23.76 4.10 25.44
C VAL B 81 -24.71 3.07 24.86
N LEU B 82 -25.72 3.55 24.15
CA LEU B 82 -26.70 2.69 23.48
C LEU B 82 -26.35 2.60 21.99
N PRO B 83 -26.84 1.56 21.30
CA PRO B 83 -26.60 1.33 19.88
C PRO B 83 -26.92 2.53 19.00
N SER B 84 -28.00 3.23 19.31
CA SER B 84 -28.43 4.38 18.52
C SER B 84 -27.37 5.47 18.51
N MET B 85 -26.29 5.26 19.26
CA MET B 85 -25.23 6.24 19.32
C MET B 85 -24.00 5.76 18.56
N LEU B 86 -24.08 4.58 17.98
CA LEU B 86 -22.96 4.02 17.26
C LEU B 86 -23.19 3.98 15.76
N ASP B 87 -22.24 4.47 15.00
CA ASP B 87 -22.42 4.46 13.56
C ASP B 87 -21.25 3.83 12.84
N ALA B 88 -21.54 2.85 11.99
CA ALA B 88 -20.49 2.25 11.20
C ALA B 88 -20.14 3.39 10.23
N VAL B 89 -18.86 3.76 10.14
CA VAL B 89 -18.48 4.84 9.24
C VAL B 89 -17.31 4.50 8.31
N ILE B 90 -17.21 5.18 7.19
CA ILE B 90 -16.10 4.95 6.26
C ILE B 90 -15.56 6.28 5.81
N PRO B 91 -14.28 6.34 5.43
CA PRO B 91 -13.65 7.58 4.96
C PRO B 91 -14.47 8.24 3.84
N ARG B 92 -14.84 9.49 4.06
CA ARG B 92 -15.64 10.25 3.11
C ARG B 92 -14.82 10.82 1.95
N ARG B 93 -15.31 10.62 0.75
CA ARG B 93 -14.60 11.09 -0.42
C ARG B 93 -15.61 11.62 -1.45
N ASP B 94 -15.73 12.94 -1.53
CA ASP B 94 -16.67 13.53 -2.46
C ASP B 94 -16.08 13.68 -3.87
N TRP B 95 -16.81 13.17 -4.87
CA TRP B 95 -16.37 13.25 -6.26
C TRP B 95 -16.08 14.69 -6.67
N GLY B 96 -14.80 15.03 -6.77
CA GLY B 96 -14.44 16.38 -7.18
C GLY B 96 -14.18 17.42 -6.09
N ASP B 97 -13.95 16.98 -4.85
CA ASP B 97 -13.69 17.96 -3.78
C ASP B 97 -12.22 18.33 -3.81
N THR B 98 -11.89 19.37 -4.58
CA THR B 98 -10.53 19.83 -4.72
C THR B 98 -9.89 20.32 -3.43
N ARG B 99 -10.66 20.35 -2.36
CA ARG B 99 -10.13 20.81 -1.07
C ARG B 99 -9.20 19.74 -0.51
N TYR B 100 -9.12 18.63 -1.23
CA TYR B 100 -8.29 17.50 -0.85
C TYR B 100 -7.63 16.90 -2.09
N PRO B 101 -6.71 15.92 -1.90
CA PRO B 101 -5.98 15.25 -2.98
C PRO B 101 -6.80 14.40 -3.96
N ASP B 102 -6.34 14.36 -5.19
CA ASP B 102 -6.95 13.57 -6.26
C ASP B 102 -8.47 13.63 -6.35
N PRO B 103 -9.02 14.83 -6.52
CA PRO B 103 -10.47 15.01 -6.62
C PRO B 103 -11.18 14.28 -7.76
N TYR B 104 -10.46 13.92 -8.81
CA TYR B 104 -11.07 13.26 -9.96
C TYR B 104 -10.48 11.90 -10.30
N THR B 105 -9.33 11.58 -9.74
CA THR B 105 -8.70 10.29 -10.00
C THR B 105 -8.86 9.40 -8.78
N PHE B 106 -9.44 8.21 -8.98
CA PHE B 106 -9.68 7.30 -7.87
C PHE B 106 -9.00 5.96 -8.03
N ARG B 107 -9.50 4.98 -7.28
CA ARG B 107 -8.97 3.63 -7.30
C ARG B 107 -10.08 2.62 -7.11
N ILE B 108 -9.85 1.39 -7.58
CA ILE B 108 -10.82 0.31 -7.46
C ILE B 108 -11.24 0.11 -5.99
N ASN B 109 -12.52 -0.17 -5.79
CA ASN B 109 -13.07 -0.39 -4.46
C ASN B 109 -13.12 0.86 -3.56
N ASP B 110 -12.77 2.01 -4.13
CA ASP B 110 -12.83 3.25 -3.38
C ASP B 110 -14.29 3.66 -3.29
N ILE B 111 -14.79 3.90 -2.08
CA ILE B 111 -16.18 4.32 -1.93
C ILE B 111 -16.27 5.85 -2.04
N VAL B 112 -16.89 6.30 -3.12
CA VAL B 112 -17.04 7.71 -3.41
C VAL B 112 -18.46 8.23 -3.24
N VAL B 113 -18.59 9.38 -2.60
CA VAL B 113 -19.89 10.01 -2.37
C VAL B 113 -20.22 11.00 -3.49
N CYS B 114 -21.49 11.09 -3.85
CA CYS B 114 -21.90 12.02 -4.89
C CYS B 114 -23.22 12.67 -4.51
N ASN B 115 -23.56 13.73 -5.23
CA ASN B 115 -24.78 14.47 -5.00
C ASN B 115 -24.78 15.12 -3.61
N SER B 116 -23.63 15.69 -3.25
CA SER B 116 -23.47 16.36 -1.97
C SER B 116 -23.00 17.81 -2.19
N ALA B 117 -22.71 18.15 -3.44
CA ALA B 117 -22.23 19.48 -3.78
C ALA B 117 -22.51 19.79 -5.25
N PRO B 118 -22.41 21.07 -5.63
CA PRO B 118 -22.66 21.46 -7.02
C PRO B 118 -21.91 20.61 -8.03
N TYR B 119 -20.71 20.17 -7.66
CA TYR B 119 -19.92 19.35 -8.56
C TYR B 119 -20.21 17.85 -8.32
N ASN B 120 -21.30 17.58 -7.61
CA ASN B 120 -21.73 16.23 -7.30
C ASN B 120 -23.15 16.12 -7.77
N ALA B 121 -23.84 17.26 -7.76
CA ALA B 121 -25.22 17.33 -8.16
C ALA B 121 -25.48 16.37 -9.33
N THR B 122 -26.37 15.41 -9.11
CA THR B 122 -26.70 14.46 -10.16
C THR B 122 -28.17 14.09 -10.13
N GLU B 123 -28.83 14.42 -9.02
CA GLU B 123 -30.24 14.10 -8.89
C GLU B 123 -30.85 14.75 -7.66
N SER B 124 -31.06 16.07 -7.74
CA SER B 124 -31.61 16.84 -6.62
C SER B 124 -32.85 16.22 -5.99
N GLY B 125 -33.01 16.43 -4.68
CA GLY B 125 -34.14 15.88 -3.96
C GLY B 125 -33.73 14.66 -3.15
N ALA B 126 -32.64 14.03 -3.58
CA ALA B 126 -32.10 12.86 -2.91
C ALA B 126 -30.90 13.26 -2.09
N GLY B 127 -30.58 12.46 -1.08
CA GLY B 127 -29.43 12.78 -0.25
C GLY B 127 -28.17 12.37 -0.96
N TRP B 128 -27.07 12.30 -0.21
CA TRP B 128 -25.81 11.88 -0.81
C TRP B 128 -26.00 10.47 -1.34
N LEU B 129 -25.42 10.20 -2.49
CA LEU B 129 -25.49 8.88 -3.06
C LEU B 129 -24.06 8.39 -3.01
N VAL B 130 -23.88 7.12 -2.63
CA VAL B 130 -22.54 6.57 -2.50
C VAL B 130 -22.32 5.47 -3.52
N TYR B 131 -21.20 5.53 -4.23
CA TYR B 131 -20.91 4.55 -5.26
C TYR B 131 -19.58 3.87 -5.05
N ARG B 132 -19.41 2.65 -5.55
CA ARG B 132 -18.12 1.98 -5.40
C ARG B 132 -17.44 1.88 -6.76
N CYS B 133 -16.12 2.07 -6.77
CA CYS B 133 -15.37 2.01 -8.01
C CYS B 133 -14.95 0.57 -8.32
N LEU B 134 -15.56 0.00 -9.34
CA LEU B 134 -15.28 -1.37 -9.74
C LEU B 134 -14.02 -1.52 -10.61
N ASP B 135 -13.95 -0.73 -11.67
CA ASP B 135 -12.82 -0.78 -12.60
C ASP B 135 -12.36 0.67 -12.84
N VAL B 136 -11.14 0.83 -13.32
CA VAL B 136 -10.59 2.16 -13.60
C VAL B 136 -9.94 2.18 -14.97
N PRO B 137 -9.37 3.33 -15.38
CA PRO B 137 -8.74 3.36 -16.71
C PRO B 137 -7.51 2.47 -16.78
N ASP B 138 -7.29 1.92 -17.96
CA ASP B 138 -6.17 1.03 -18.22
C ASP B 138 -4.85 1.55 -17.69
N THR B 139 -4.18 2.37 -18.48
CA THR B 139 -2.89 2.97 -18.12
C THR B 139 -2.83 3.54 -16.70
N GLY B 140 -1.65 3.44 -16.08
CA GLY B 140 -1.47 3.95 -14.72
C GLY B 140 -0.34 3.28 -13.96
N MET B 141 -0.37 3.35 -12.63
CA MET B 141 0.67 2.75 -11.79
C MET B 141 0.13 1.62 -10.91
N CYS B 142 0.92 0.57 -10.72
CA CYS B 142 0.52 -0.60 -9.94
C CYS B 142 1.01 -0.63 -8.49
N SER B 143 1.39 0.52 -7.95
CA SER B 143 1.88 0.62 -6.58
C SER B 143 3.22 -0.10 -6.42
N ILE B 144 3.20 -1.42 -6.56
CA ILE B 144 4.42 -2.22 -6.43
C ILE B 144 4.87 -2.79 -7.78
N ALA B 145 6.19 -2.80 -8.00
CA ALA B 145 6.77 -3.33 -9.24
C ALA B 145 6.40 -2.46 -10.45
N SER B 146 5.93 -3.11 -11.52
CA SER B 146 5.52 -2.42 -12.74
C SER B 146 4.20 -2.99 -13.23
N LEU B 147 4.27 -3.98 -14.11
CA LEU B 147 3.09 -4.65 -14.66
C LEU B 147 1.94 -3.69 -14.98
N THR B 148 1.90 -3.19 -16.22
CA THR B 148 0.85 -2.26 -16.63
C THR B 148 0.32 -2.52 -18.05
N ASP B 149 -0.99 -2.39 -18.23
CA ASP B 149 -1.67 -2.58 -19.53
C ASP B 149 -3.20 -2.70 -19.37
N LYS B 150 -3.74 -3.85 -19.77
CA LYS B 150 -5.18 -4.12 -19.69
C LYS B 150 -5.52 -4.86 -18.40
N ASP B 151 -4.59 -5.70 -17.94
CA ASP B 151 -4.78 -6.46 -16.71
C ASP B 151 -3.45 -6.96 -16.17
N GLU B 152 -2.36 -6.31 -16.59
CA GLU B 152 -1.01 -6.68 -16.16
C GLU B 152 -0.92 -6.66 -14.63
N CYS B 153 -1.69 -5.75 -14.03
CA CYS B 153 -1.73 -5.59 -12.58
C CYS B 153 -3.09 -6.09 -12.14
N LEU B 154 -3.68 -6.97 -12.96
CA LEU B 154 -4.99 -7.54 -12.68
C LEU B 154 -4.99 -9.07 -12.67
N LYS B 155 -3.80 -9.66 -12.75
CA LYS B 155 -3.64 -11.11 -12.73
C LYS B 155 -3.38 -11.43 -11.26
N LEU B 156 -2.91 -10.41 -10.55
CA LEU B 156 -2.60 -10.50 -9.13
C LEU B 156 -3.49 -9.48 -8.41
N GLY B 157 -3.77 -8.38 -9.10
CA GLY B 157 -4.61 -7.32 -8.57
C GLY B 157 -4.02 -6.57 -7.40
N GLY B 158 -3.03 -5.71 -7.65
CA GLY B 158 -2.42 -4.94 -6.58
C GLY B 158 -2.94 -3.50 -6.59
N LYS B 159 -3.06 -2.89 -5.41
CA LYS B 159 -3.56 -1.51 -5.28
C LYS B 159 -3.11 -0.70 -6.50
N TRP B 160 -4.05 -0.37 -7.38
CA TRP B 160 -3.75 0.34 -8.62
C TRP B 160 -4.29 1.77 -8.79
N THR B 161 -3.37 2.72 -8.95
CA THR B 161 -3.72 4.12 -9.15
C THR B 161 -3.60 4.50 -10.63
N PRO B 162 -4.72 4.82 -11.28
CA PRO B 162 -4.83 5.21 -12.69
C PRO B 162 -4.27 6.59 -13.05
N SER B 163 -4.11 6.83 -14.34
CA SER B 163 -3.61 8.11 -14.83
C SER B 163 -4.76 9.06 -15.12
N ALA B 164 -5.50 8.78 -16.21
CA ALA B 164 -6.64 9.62 -16.59
C ALA B 164 -7.57 9.80 -15.40
N ARG B 165 -8.30 10.90 -15.40
CA ARG B 165 -9.21 11.20 -14.31
C ARG B 165 -10.67 10.84 -14.58
N SER B 166 -11.49 10.94 -13.54
CA SER B 166 -12.91 10.68 -13.67
C SER B 166 -13.49 11.95 -14.29
N MET B 167 -13.88 11.87 -15.55
CA MET B 167 -14.42 13.04 -16.23
C MET B 167 -15.83 13.39 -15.81
N THR B 168 -16.45 12.53 -15.02
CA THR B 168 -17.81 12.75 -14.56
C THR B 168 -18.30 11.79 -13.48
N PRO B 169 -19.16 12.28 -12.57
CA PRO B 169 -19.74 11.52 -11.46
C PRO B 169 -20.75 10.51 -11.97
N PRO B 170 -20.85 9.34 -11.31
CA PRO B 170 -21.82 8.34 -11.75
C PRO B 170 -23.19 8.83 -11.31
N GLU B 171 -24.24 8.42 -11.99
CA GLU B 171 -25.58 8.89 -11.63
C GLU B 171 -26.64 7.80 -11.56
N GLY B 172 -27.61 8.01 -10.70
CA GLY B 172 -28.69 7.05 -10.56
C GLY B 172 -28.28 5.80 -9.79
N ARG B 173 -29.11 4.77 -9.93
CA ARG B 173 -28.88 3.51 -9.24
C ARG B 173 -28.38 2.38 -10.15
N GLY B 174 -27.64 2.74 -11.21
CA GLY B 174 -27.10 1.75 -12.13
C GLY B 174 -28.05 0.67 -12.62
N ASP B 175 -27.52 -0.41 -13.15
CA ASP B 175 -28.37 -1.51 -13.63
C ASP B 175 -28.85 -2.33 -12.43
N ALA B 176 -29.48 -3.47 -12.69
CA ALA B 176 -29.98 -4.32 -11.59
C ALA B 176 -28.91 -4.57 -10.54
N GLU B 177 -27.64 -4.45 -10.94
CA GLU B 177 -26.52 -4.65 -10.02
C GLU B 177 -25.80 -3.32 -9.75
N GLY B 178 -26.47 -2.22 -10.08
CA GLY B 178 -25.95 -0.88 -9.86
C GLY B 178 -24.65 -0.51 -10.57
N THR B 179 -24.37 -1.20 -11.67
CA THR B 179 -23.16 -0.95 -12.44
C THR B 179 -23.40 0.24 -13.36
N ILE B 180 -22.47 1.20 -13.33
CA ILE B 180 -22.60 2.40 -14.15
C ILE B 180 -21.29 2.61 -14.88
N GLU B 181 -21.38 2.89 -16.19
CA GLU B 181 -20.21 3.13 -17.04
C GLU B 181 -20.19 4.55 -17.60
N PRO B 182 -19.65 5.50 -16.83
CA PRO B 182 -19.57 6.91 -17.22
C PRO B 182 -18.93 7.12 -18.59
N GLY B 183 -18.02 6.23 -18.98
CA GLY B 183 -17.37 6.36 -20.26
C GLY B 183 -15.96 6.92 -20.11
N ASP B 184 -15.70 7.61 -19.01
CA ASP B 184 -14.37 8.16 -18.78
C ASP B 184 -13.34 7.07 -18.45
N GLY B 185 -13.69 5.82 -18.77
CA GLY B 185 -12.79 4.71 -18.50
C GLY B 185 -12.89 4.19 -17.07
N TYR B 186 -13.99 4.55 -16.40
CA TYR B 186 -14.25 4.13 -15.04
C TYR B 186 -15.51 3.28 -14.97
N VAL B 187 -15.76 2.70 -13.80
CA VAL B 187 -16.93 1.86 -13.60
C VAL B 187 -17.37 1.99 -12.14
N TRP B 188 -18.67 2.20 -11.93
CA TRP B 188 -19.18 2.34 -10.57
C TRP B 188 -20.39 1.47 -10.24
N GLU B 189 -20.56 1.24 -8.95
CA GLU B 189 -21.67 0.45 -8.45
C GLU B 189 -22.46 1.32 -7.49
N TYR B 190 -23.74 1.51 -7.77
CA TYR B 190 -24.56 2.30 -6.87
C TYR B 190 -24.84 1.52 -5.61
N LEU B 191 -24.42 2.06 -4.47
CA LEU B 191 -24.61 1.40 -3.19
C LEU B 191 -25.86 1.78 -2.45
N PHE B 192 -25.98 3.06 -2.08
CA PHE B 192 -27.13 3.52 -1.31
C PHE B 192 -27.21 5.04 -1.20
N GLU B 193 -28.20 5.53 -0.46
CA GLU B 193 -28.44 6.95 -0.26
C GLU B 193 -28.54 7.31 1.23
N ILE B 194 -27.69 8.23 1.65
CA ILE B 194 -27.65 8.71 3.02
C ILE B 194 -28.75 9.74 3.23
N PRO B 195 -29.50 9.64 4.34
CA PRO B 195 -30.58 10.60 4.61
C PRO B 195 -30.04 11.94 5.11
N PRO B 196 -30.64 13.04 4.63
CA PRO B 196 -30.28 14.41 4.97
C PRO B 196 -29.92 14.53 6.44
N ASP B 197 -30.83 14.13 7.31
CA ASP B 197 -30.59 14.22 8.75
C ASP B 197 -29.35 13.42 9.14
N VAL B 198 -29.17 12.24 8.56
CA VAL B 198 -28.00 11.44 8.91
C VAL B 198 -26.74 12.20 8.48
N SER B 199 -26.78 12.78 7.27
CA SER B 199 -25.65 13.54 6.74
C SER B 199 -25.32 14.70 7.65
N ILE B 200 -26.35 15.44 8.01
CA ILE B 200 -26.24 16.60 8.87
C ILE B 200 -25.84 16.24 10.29
N ASN B 201 -26.53 15.28 10.88
CA ASN B 201 -26.26 14.87 12.24
C ASN B 201 -25.11 13.89 12.47
N ARG B 202 -25.02 12.86 11.65
CA ARG B 202 -24.00 11.85 11.82
C ARG B 202 -22.73 11.95 11.01
N CYS B 203 -22.81 12.48 9.80
CA CYS B 203 -21.63 12.56 8.94
C CYS B 203 -20.67 13.71 9.28
N THR B 204 -19.50 13.70 8.64
CA THR B 204 -18.48 14.73 8.83
C THR B 204 -17.69 14.93 7.54
N ASN B 205 -16.63 15.74 7.59
CA ASN B 205 -15.83 15.97 6.39
C ASN B 205 -14.93 14.77 6.16
N GLU B 206 -14.56 14.12 7.25
CA GLU B 206 -13.69 12.94 7.22
C GLU B 206 -14.46 11.63 6.98
N TYR B 207 -15.65 11.51 7.57
CA TYR B 207 -16.39 10.27 7.44
C TYR B 207 -17.89 10.38 7.14
N ILE B 208 -18.45 9.29 6.62
CA ILE B 208 -19.87 9.24 6.33
C ILE B 208 -20.42 8.03 7.07
N VAL B 209 -21.73 7.86 7.06
CA VAL B 209 -22.30 6.74 7.78
C VAL B 209 -22.77 5.62 6.88
N VAL B 210 -22.60 4.40 7.35
CA VAL B 210 -23.05 3.24 6.61
C VAL B 210 -24.08 2.59 7.55
N PRO B 211 -25.32 2.47 7.10
CA PRO B 211 -26.33 1.85 7.97
C PRO B 211 -25.94 0.42 8.30
N TRP B 212 -26.52 -0.14 9.36
CA TRP B 212 -26.24 -1.52 9.74
C TRP B 212 -27.23 -2.44 9.01
N PRO B 213 -26.86 -3.71 8.81
CA PRO B 213 -27.76 -4.66 8.12
C PRO B 213 -29.18 -4.53 8.63
N GLU B 214 -29.31 -4.49 9.95
CA GLU B 214 -30.61 -4.39 10.56
C GLU B 214 -31.35 -3.14 10.12
N GLU B 215 -30.80 -1.95 10.42
CA GLU B 215 -31.49 -0.73 10.03
C GLU B 215 -31.73 -0.63 8.54
N LEU B 216 -30.90 -1.32 7.76
CA LEU B 216 -31.08 -1.33 6.32
C LEU B 216 -32.31 -2.18 5.97
N LYS B 217 -32.37 -3.41 6.48
CA LYS B 217 -33.50 -4.31 6.21
C LYS B 217 -34.86 -3.81 6.73
N GLU B 218 -34.86 -2.97 7.76
CA GLU B 218 -36.11 -2.47 8.28
C GLU B 218 -36.63 -1.27 7.48
N ASP B 219 -35.74 -0.38 7.04
CA ASP B 219 -36.20 0.77 6.25
C ASP B 219 -35.31 1.00 5.02
N PRO B 220 -35.40 0.11 4.02
CA PRO B 220 -34.65 0.12 2.77
C PRO B 220 -34.73 1.43 1.96
N THR B 221 -35.96 1.86 1.67
CA THR B 221 -36.17 3.06 0.87
C THR B 221 -35.52 4.25 1.51
N ARG B 222 -35.48 4.26 2.84
CA ARG B 222 -34.85 5.34 3.59
C ARG B 222 -33.39 5.54 3.17
N TRP B 223 -32.71 4.42 2.90
CA TRP B 223 -31.31 4.48 2.50
C TRP B 223 -31.06 4.23 1.01
N GLY B 224 -32.11 4.39 0.21
CA GLY B 224 -32.01 4.18 -1.23
C GLY B 224 -31.50 2.78 -1.48
N TYR B 225 -31.96 1.83 -0.68
CA TYR B 225 -31.50 0.46 -0.82
C TYR B 225 -32.56 -0.48 -1.42
N GLU B 226 -33.79 0.03 -1.59
CA GLU B 226 -34.87 -0.78 -2.13
C GLU B 226 -34.65 -1.37 -3.54
N ASP B 227 -34.34 -0.53 -4.54
CA ASP B 227 -34.14 -1.07 -5.89
C ASP B 227 -33.00 -2.08 -5.94
N ASN B 228 -32.35 -2.28 -4.80
CA ASN B 228 -31.23 -3.21 -4.73
C ASN B 228 -31.61 -4.68 -4.64
N LEU B 229 -30.87 -5.51 -5.39
CA LEU B 229 -31.10 -6.95 -5.42
C LEU B 229 -29.94 -7.72 -4.80
N THR B 230 -28.81 -7.05 -4.58
CA THR B 230 -27.64 -7.72 -3.99
C THR B 230 -27.90 -8.17 -2.55
N TRP B 231 -29.15 -8.03 -2.09
CA TRP B 231 -29.57 -8.45 -0.75
C TRP B 231 -29.86 -9.95 -0.82
N GLN B 232 -30.20 -10.40 -2.03
CA GLN B 232 -30.51 -11.80 -2.29
C GLN B 232 -29.22 -12.59 -2.17
N GLN B 233 -28.13 -11.86 -2.01
CA GLN B 233 -26.80 -12.44 -1.87
C GLN B 233 -26.11 -11.98 -0.58
N ASP B 234 -25.88 -10.68 -0.45
CA ASP B 234 -25.21 -10.14 0.74
C ASP B 234 -26.10 -9.99 1.98
N ASP B 235 -27.41 -10.09 1.81
CA ASP B 235 -28.36 -9.96 2.92
C ASP B 235 -28.15 -8.69 3.74
N PHE B 236 -28.18 -7.54 3.09
CA PHE B 236 -27.99 -6.24 3.72
C PHE B 236 -26.57 -6.06 4.23
N GLY B 237 -25.66 -6.83 3.67
CA GLY B 237 -24.27 -6.75 4.08
C GLY B 237 -23.45 -5.60 3.54
N LEU B 238 -24.10 -4.46 3.31
CA LEU B 238 -23.42 -3.29 2.79
C LEU B 238 -22.14 -2.93 3.53
N ILE B 239 -22.20 -2.85 4.86
CA ILE B 239 -21.00 -2.57 5.64
C ILE B 239 -19.87 -3.48 5.14
N TYR B 240 -20.21 -4.69 4.69
CA TYR B 240 -19.18 -5.57 4.17
C TYR B 240 -18.68 -5.10 2.80
N ARG B 241 -19.60 -4.70 1.93
CA ARG B 241 -19.24 -4.26 0.61
C ARG B 241 -18.34 -3.03 0.49
N VAL B 242 -18.27 -2.20 1.52
CA VAL B 242 -17.48 -0.98 1.47
C VAL B 242 -16.30 -0.99 2.44
N LYS B 243 -15.91 -2.17 2.88
CA LYS B 243 -14.80 -2.31 3.82
C LYS B 243 -14.94 -1.50 5.10
N ALA B 244 -16.17 -1.31 5.57
CA ALA B 244 -16.41 -0.58 6.82
C ALA B 244 -15.86 -1.35 8.02
N ASN B 245 -15.06 -0.71 8.86
CA ASN B 245 -14.49 -1.39 10.01
C ASN B 245 -14.23 -0.35 11.08
N THR B 246 -15.00 0.72 11.04
CA THR B 246 -14.83 1.78 12.00
C THR B 246 -16.15 2.23 12.58
N ILE B 247 -16.18 2.38 13.91
CA ILE B 247 -17.38 2.83 14.59
C ILE B 247 -17.16 4.21 15.17
N ARG B 248 -18.05 5.13 14.83
CA ARG B 248 -17.96 6.49 15.34
C ARG B 248 -19.08 6.62 16.35
N PHE B 249 -18.72 7.08 17.55
CA PHE B 249 -19.71 7.28 18.58
C PHE B 249 -20.33 8.65 18.42
N LYS B 250 -21.29 8.94 19.27
CA LYS B 250 -21.99 10.21 19.25
C LYS B 250 -22.74 10.24 20.57
N ALA B 251 -22.05 10.71 21.60
CA ALA B 251 -22.64 10.78 22.92
C ALA B 251 -22.57 12.20 23.40
N TYR B 252 -23.70 12.69 23.93
CA TYR B 252 -23.76 14.03 24.45
C TYR B 252 -23.69 14.00 25.97
N LEU B 253 -22.86 14.86 26.55
CA LEU B 253 -22.73 14.93 27.99
C LEU B 253 -23.79 15.87 28.52
N ASP B 254 -24.83 15.30 29.12
CA ASP B 254 -25.93 16.08 29.68
C ASP B 254 -25.54 16.72 31.01
N SER B 255 -24.96 17.91 30.95
CA SER B 255 -24.57 18.62 32.17
C SER B 255 -25.77 18.74 33.10
N VAL B 256 -26.97 18.76 32.50
CA VAL B 256 -28.22 18.87 33.25
C VAL B 256 -28.28 17.76 34.30
N TYR B 257 -27.59 16.66 34.04
CA TYR B 257 -27.53 15.54 34.96
C TYR B 257 -26.73 15.97 36.19
N PHE B 258 -25.45 16.23 35.97
CA PHE B 258 -24.54 16.62 37.04
C PHE B 258 -24.22 18.11 37.18
N PRO B 259 -24.51 18.70 38.36
CA PRO B 259 -24.26 20.11 38.65
C PRO B 259 -22.90 20.21 39.33
N GLU B 260 -22.24 19.06 39.42
CA GLU B 260 -20.93 18.90 40.06
C GLU B 260 -19.83 19.82 39.51
N ALA B 261 -19.75 19.93 38.19
CA ALA B 261 -18.74 20.78 37.56
C ALA B 261 -19.41 21.83 36.68
N ALA B 262 -20.74 21.89 36.76
CA ALA B 262 -21.52 22.85 36.01
C ALA B 262 -21.51 24.18 36.76
N LEU B 263 -20.57 24.29 37.68
CA LEU B 263 -20.40 25.49 38.48
C LEU B 263 -19.47 26.46 37.76
N PRO B 264 -19.73 27.77 37.89
CA PRO B 264 -18.94 28.83 37.25
C PRO B 264 -17.53 28.43 36.81
N GLY B 265 -16.55 28.60 37.69
CA GLY B 265 -15.17 28.28 37.39
C GLY B 265 -14.97 27.08 36.48
N ASN B 266 -14.81 25.91 37.10
CA ASN B 266 -14.60 24.65 36.40
C ASN B 266 -13.47 24.70 35.37
N LYS B 267 -12.52 23.78 35.51
CA LYS B 267 -11.40 23.69 34.59
C LYS B 267 -11.62 22.50 33.64
N GLY B 268 -12.84 21.97 33.66
CA GLY B 268 -13.19 20.85 32.80
C GLY B 268 -12.37 19.59 33.01
N PHE B 269 -12.66 18.58 32.20
CA PHE B 269 -11.95 17.29 32.27
C PHE B 269 -11.08 17.06 31.02
N ARG B 270 -10.07 16.19 31.16
CA ARG B 270 -9.17 15.92 30.05
C ARG B 270 -9.09 14.43 29.67
N GLN B 271 -9.85 13.60 30.37
CA GLN B 271 -9.85 12.17 30.11
C GLN B 271 -11.19 11.57 29.71
N ILE B 272 -11.11 10.58 28.84
CA ILE B 272 -12.28 9.86 28.38
C ILE B 272 -11.92 8.39 28.31
N SER B 273 -12.89 7.52 28.56
CA SER B 273 -12.63 6.09 28.49
C SER B 273 -13.91 5.31 28.24
N ILE B 274 -13.77 4.19 27.55
CA ILE B 274 -14.92 3.34 27.29
C ILE B 274 -14.69 2.11 28.12
N ILE B 275 -15.66 1.80 28.97
CA ILE B 275 -15.60 0.65 29.86
C ILE B 275 -16.74 -0.27 29.51
N THR B 276 -16.44 -1.56 29.38
CA THR B 276 -17.49 -2.53 29.06
C THR B 276 -17.90 -3.33 30.28
N ASN B 277 -19.20 -3.60 30.37
CA ASN B 277 -19.79 -4.37 31.46
C ASN B 277 -19.37 -4.04 32.88
N PRO B 278 -19.44 -2.77 33.27
CA PRO B 278 -19.06 -2.46 34.65
C PRO B 278 -20.20 -2.86 35.60
N LEU B 279 -19.84 -3.37 36.76
CA LEU B 279 -20.82 -3.81 37.76
C LEU B 279 -21.19 -2.73 38.76
N GLU B 280 -22.38 -2.84 39.35
CA GLU B 280 -22.85 -1.87 40.34
C GLU B 280 -22.25 -2.15 41.70
N ALA B 281 -21.69 -1.11 42.32
CA ALA B 281 -21.05 -1.25 43.62
C ALA B 281 -21.86 -2.17 44.53
N LYS B 282 -21.19 -3.22 45.03
CA LYS B 282 -21.84 -4.18 45.93
C LYS B 282 -21.50 -3.87 47.38
N ALA B 283 -22.40 -4.21 48.29
CA ALA B 283 -22.19 -3.97 49.71
C ALA B 283 -21.16 -4.97 50.24
N HIS B 284 -21.55 -6.24 50.32
CA HIS B 284 -20.66 -7.29 50.79
C HIS B 284 -19.91 -7.82 49.56
N PRO B 285 -18.63 -7.46 49.41
CA PRO B 285 -17.85 -7.91 48.25
C PRO B 285 -18.05 -9.38 47.86
N ASN B 286 -18.59 -10.17 48.77
CA ASN B 286 -18.85 -11.58 48.52
C ASN B 286 -20.27 -11.80 47.98
N ASP B 287 -20.87 -10.72 47.46
CA ASP B 287 -22.22 -10.77 46.92
C ASP B 287 -22.24 -11.04 45.42
N PRO B 288 -23.45 -11.23 44.85
CA PRO B 288 -23.60 -11.49 43.42
C PRO B 288 -23.44 -10.20 42.63
N ASN B 289 -22.36 -10.11 41.86
CA ASN B 289 -22.09 -8.93 41.05
C ASN B 289 -23.29 -8.59 40.16
N VAL B 290 -23.61 -7.31 40.11
CA VAL B 290 -24.74 -6.83 39.31
C VAL B 290 -24.29 -5.97 38.13
N LYS B 291 -24.82 -6.28 36.94
CA LYS B 291 -24.46 -5.53 35.74
C LYS B 291 -25.12 -4.17 35.74
N ALA B 292 -24.34 -3.14 35.45
CA ALA B 292 -24.85 -1.77 35.40
C ALA B 292 -25.63 -1.58 34.11
N GLU B 293 -26.94 -1.37 34.22
CA GLU B 293 -27.81 -1.17 33.07
C GLU B 293 -28.56 0.14 33.05
N LYS B 294 -28.28 1.02 34.02
CA LYS B 294 -28.92 2.32 34.06
C LYS B 294 -28.20 3.20 33.04
N ASP B 295 -28.70 4.42 32.81
CA ASP B 295 -28.09 5.31 31.84
C ASP B 295 -26.96 6.16 32.40
N TYR B 296 -27.01 6.44 33.69
CA TYR B 296 -25.99 7.26 34.33
C TYR B 296 -25.58 6.65 35.68
N TYR B 297 -24.43 7.08 36.19
CA TYR B 297 -23.93 6.59 37.46
C TYR B 297 -22.90 7.52 38.08
N ASP B 298 -22.87 7.54 39.41
CA ASP B 298 -21.88 8.32 40.14
C ASP B 298 -20.78 7.28 40.33
N PRO B 299 -19.55 7.59 39.89
CA PRO B 299 -18.43 6.66 40.02
C PRO B 299 -18.47 5.87 41.31
N GLU B 300 -18.77 6.55 42.41
CA GLU B 300 -18.83 5.91 43.72
C GLU B 300 -19.93 4.86 43.80
N ASP B 301 -20.96 5.01 42.96
CA ASP B 301 -22.07 4.06 42.92
C ASP B 301 -21.72 2.86 42.02
N LEU B 302 -20.52 2.92 41.44
CA LEU B 302 -20.03 1.85 40.56
C LEU B 302 -18.82 1.15 41.18
N MET B 303 -18.85 -0.18 41.15
CA MET B 303 -17.75 -0.97 41.69
C MET B 303 -16.46 -0.59 40.98
N ARG B 304 -15.62 0.19 41.66
CA ARG B 304 -14.36 0.62 41.06
C ARG B 304 -13.67 -0.58 40.43
N HIS B 305 -13.13 -0.38 39.23
CA HIS B 305 -12.43 -1.43 38.49
C HIS B 305 -13.33 -2.46 37.81
N SER B 306 -14.63 -2.36 38.01
CA SER B 306 -15.52 -3.33 37.38
C SER B 306 -15.52 -3.14 35.86
N GLY B 307 -15.88 -4.21 35.15
CA GLY B 307 -15.91 -4.17 33.70
C GLY B 307 -14.51 -4.02 33.14
N GLU B 308 -14.43 -3.99 31.81
CA GLU B 308 -13.16 -3.85 31.12
C GLU B 308 -13.05 -2.49 30.43
N MET B 309 -11.89 -1.86 30.56
CA MET B 309 -11.63 -0.55 29.97
C MET B 309 -10.96 -0.75 28.62
N ILE B 310 -11.74 -0.67 27.56
CA ILE B 310 -11.18 -0.90 26.25
C ILE B 310 -10.57 0.31 25.56
N TYR B 311 -10.73 1.48 26.14
CA TYR B 311 -10.20 2.67 25.49
C TYR B 311 -10.12 3.91 26.37
N MET B 312 -8.92 4.48 26.44
CA MET B 312 -8.69 5.68 27.23
C MET B 312 -8.17 6.82 26.37
N GLU B 313 -8.71 8.01 26.63
CA GLU B 313 -8.33 9.19 25.85
C GLU B 313 -7.93 10.37 26.72
N ASN B 314 -6.87 11.06 26.29
CA ASN B 314 -6.36 12.25 26.98
C ASN B 314 -6.34 13.41 26.00
N ARG B 315 -6.96 14.52 26.39
CA ARG B 315 -7.01 15.73 25.56
C ARG B 315 -7.16 16.97 26.43
N PRO B 316 -6.91 18.16 25.85
CA PRO B 316 -7.04 19.41 26.61
C PRO B 316 -8.35 19.47 27.38
N PRO B 317 -8.52 20.49 28.24
CA PRO B 317 -9.74 20.61 29.03
C PRO B 317 -10.96 21.10 28.25
N ILE B 318 -12.13 20.60 28.66
CA ILE B 318 -13.39 20.96 28.03
C ILE B 318 -14.31 21.60 29.06
N ILE B 319 -14.71 22.83 28.81
CA ILE B 319 -15.59 23.58 29.72
C ILE B 319 -17.03 23.08 29.65
N MET B 320 -17.70 23.06 30.80
CA MET B 320 -19.09 22.61 30.86
C MET B 320 -19.92 23.64 31.63
N ALA B 321 -21.07 24.00 31.07
CA ALA B 321 -21.95 24.99 31.70
C ALA B 321 -23.13 24.41 32.43
N MET B 322 -24.02 25.30 32.88
CA MET B 322 -25.23 24.93 33.62
C MET B 322 -25.88 23.69 32.98
N ASP B 323 -26.75 23.95 32.01
CA ASP B 323 -27.44 22.89 31.29
C ASP B 323 -27.02 22.94 29.82
N GLN B 324 -25.73 23.17 29.61
CA GLN B 324 -25.14 23.24 28.28
C GLN B 324 -24.91 21.82 27.81
N THR B 325 -25.10 21.58 26.51
CA THR B 325 -24.91 20.24 25.97
C THR B 325 -23.56 20.07 25.28
N GLU B 326 -22.80 19.07 25.71
CA GLU B 326 -21.49 18.80 25.13
C GLU B 326 -21.47 17.50 24.34
N GLU B 327 -20.98 17.58 23.11
CA GLU B 327 -20.92 16.43 22.21
C GLU B 327 -19.61 15.66 22.28
N ILE B 328 -19.71 14.35 22.45
CA ILE B 328 -18.55 13.48 22.51
C ILE B 328 -18.57 12.50 21.35
N ASN B 329 -17.46 12.42 20.63
CA ASN B 329 -17.32 11.52 19.49
C ASN B 329 -15.98 10.82 19.53
N ILE B 330 -16.00 9.53 19.27
CA ILE B 330 -14.79 8.73 19.30
C ILE B 330 -14.80 7.77 18.12
N LEU B 331 -13.62 7.39 17.65
CA LEU B 331 -13.52 6.48 16.53
C LEU B 331 -12.86 5.14 16.86
N PHE B 332 -13.66 4.07 16.92
CA PHE B 332 -13.13 2.74 17.19
C PHE B 332 -12.89 2.09 15.86
N THR B 333 -11.75 1.41 15.72
CA THR B 333 -11.45 0.75 14.47
C THR B 333 -11.19 -0.73 14.70
N PHE B 334 -11.52 -1.52 13.69
CA PHE B 334 -11.35 -2.97 13.73
C PHE B 334 -10.67 -3.38 12.41
N ILE C 7 -5.33 23.81 -5.58
CA ILE C 7 -4.56 25.04 -5.89
C ILE C 7 -3.80 24.89 -7.21
N TYR C 8 -2.62 24.28 -7.15
CA TYR C 8 -1.80 24.06 -8.35
C TYR C 8 -2.38 22.90 -9.15
N ARG C 9 -2.12 22.91 -10.45
CA ARG C 9 -2.60 21.84 -11.31
C ARG C 9 -1.66 21.63 -12.48
N ALA C 10 -0.80 20.62 -12.34
CA ALA C 10 0.20 20.27 -13.33
C ALA C 10 0.06 18.79 -13.66
N ILE C 11 0.70 18.39 -14.76
CA ILE C 11 0.69 17.00 -15.21
C ILE C 11 1.81 16.72 -16.20
N VAL C 12 2.56 15.66 -15.98
CA VAL C 12 3.63 15.31 -16.89
C VAL C 12 2.92 14.83 -18.19
N THR C 13 3.49 15.11 -19.34
CA THR C 13 2.85 14.68 -20.59
C THR C 13 3.35 13.31 -21.04
N SER C 14 2.85 12.81 -22.15
CA SER C 14 3.29 11.51 -22.62
C SER C 14 4.71 11.59 -23.21
N LYS C 15 5.20 12.82 -23.42
CA LYS C 15 6.53 12.96 -23.99
C LYS C 15 7.52 12.69 -22.88
N PHE C 16 7.11 12.94 -21.64
CA PHE C 16 8.01 12.72 -20.52
C PHE C 16 8.49 11.28 -20.54
N ARG C 17 7.63 10.37 -20.95
CA ARG C 17 7.98 8.95 -20.99
C ARG C 17 8.98 8.66 -22.11
N THR C 18 8.82 9.27 -23.27
CA THR C 18 9.77 9.04 -24.33
C THR C 18 11.09 9.60 -23.82
N GLU C 19 11.01 10.78 -23.22
CA GLU C 19 12.18 11.44 -22.67
C GLU C 19 13.00 10.56 -21.74
N LYS C 20 12.33 9.76 -20.92
CA LYS C 20 13.08 8.90 -20.04
C LYS C 20 13.73 7.78 -20.86
N MET C 21 12.97 7.22 -21.79
CA MET C 21 13.46 6.16 -22.67
C MET C 21 14.73 6.68 -23.34
N LEU C 22 14.58 7.80 -24.03
CA LEU C 22 15.72 8.40 -24.73
C LEU C 22 16.90 8.62 -23.78
N ASN C 23 16.65 9.27 -22.63
CA ASN C 23 17.71 9.54 -21.66
C ASN C 23 18.38 8.25 -21.25
N PHE C 24 17.58 7.19 -21.18
CA PHE C 24 18.17 5.93 -20.81
C PHE C 24 19.09 5.50 -21.94
N TYR C 25 18.55 5.47 -23.16
CA TYR C 25 19.32 5.07 -24.30
C TYR C 25 20.55 5.92 -24.62
N ASN C 26 20.44 7.24 -24.57
CA ASN C 26 21.62 8.07 -24.88
C ASN C 26 22.70 8.10 -23.80
N SER C 27 22.39 7.55 -22.63
CA SER C 27 23.32 7.52 -21.50
C SER C 27 24.30 6.40 -21.62
N ILE C 28 23.94 5.38 -22.40
CA ILE C 28 24.79 4.21 -22.60
C ILE C 28 26.08 4.45 -23.39
N GLY C 29 27.22 4.38 -22.71
CA GLY C 29 28.49 4.57 -23.38
C GLY C 29 29.67 4.18 -22.50
N SER C 30 30.86 4.54 -22.95
CA SER C 30 32.07 4.26 -22.18
C SER C 30 32.51 5.60 -21.58
N GLY C 31 33.40 5.56 -20.60
CA GLY C 31 33.86 6.81 -20.01
C GLY C 31 33.08 7.09 -18.75
N PRO C 32 33.71 7.75 -17.78
CA PRO C 32 33.06 8.09 -16.50
C PRO C 32 31.76 8.87 -16.62
N ASP C 33 31.50 9.42 -17.81
CA ASP C 33 30.31 10.22 -18.06
C ASP C 33 29.16 9.43 -18.69
N LYS C 34 29.45 8.28 -19.29
CA LYS C 34 28.41 7.48 -19.92
C LYS C 34 28.07 6.24 -19.10
N ASN C 35 26.79 5.88 -19.10
CA ASN C 35 26.28 4.71 -18.38
C ASN C 35 26.57 3.42 -19.11
N THR C 36 26.99 2.41 -18.37
CA THR C 36 27.23 1.10 -18.95
C THR C 36 26.32 0.15 -18.17
N ILE C 37 25.47 -0.58 -18.88
CA ILE C 37 24.53 -1.49 -18.22
C ILE C 37 24.78 -2.92 -18.67
N PHE C 38 24.56 -3.87 -17.76
CA PHE C 38 24.76 -5.25 -18.11
C PHE C 38 23.50 -6.08 -17.95
N ILE C 39 23.44 -7.16 -18.71
CA ILE C 39 22.30 -8.06 -18.64
C ILE C 39 22.83 -9.39 -18.13
N THR C 40 22.63 -9.64 -16.84
CA THR C 40 23.09 -10.88 -16.24
C THR C 40 22.05 -11.96 -16.49
N PHE C 41 22.52 -13.19 -16.60
CA PHE C 41 21.63 -14.35 -16.77
C PHE C 41 22.10 -15.40 -15.75
N GLY C 42 21.17 -15.93 -14.96
CA GLY C 42 21.61 -16.89 -13.97
C GLY C 42 20.62 -17.86 -13.40
N ARG C 43 21.14 -18.67 -12.48
CA ARG C 43 20.40 -19.72 -11.79
C ARG C 43 20.07 -20.94 -12.66
N SER C 44 20.87 -21.99 -12.50
CA SER C 44 20.67 -23.23 -13.23
C SER C 44 19.83 -24.16 -12.36
N GLU C 45 19.93 -23.96 -11.04
CA GLU C 45 19.17 -24.75 -10.06
C GLU C 45 17.68 -24.59 -10.34
N PRO C 46 16.97 -25.71 -10.54
CA PRO C 46 15.53 -25.66 -10.82
C PRO C 46 14.68 -24.85 -9.83
N TRP C 47 13.60 -24.27 -10.35
CA TRP C 47 12.69 -23.48 -9.53
C TRP C 47 11.95 -24.50 -8.66
N SER C 48 11.26 -25.41 -9.33
CA SER C 48 10.52 -26.46 -8.68
C SER C 48 10.49 -27.68 -9.63
N SER C 49 10.11 -28.84 -9.13
CA SER C 49 10.10 -30.04 -9.97
C SER C 49 9.19 -29.94 -11.17
N ASN C 50 8.34 -28.92 -11.22
CA ASN C 50 7.41 -28.76 -12.34
C ASN C 50 7.78 -27.65 -13.29
N GLU C 51 9.02 -27.17 -13.26
CA GLU C 51 9.37 -26.05 -14.11
C GLU C 51 9.31 -26.37 -15.59
N ASN C 52 9.29 -27.65 -15.93
CA ASN C 52 9.27 -28.03 -17.33
C ASN C 52 7.92 -28.28 -17.96
N GLU C 53 6.87 -28.18 -17.17
CA GLU C 53 5.53 -28.42 -17.67
C GLU C 53 4.98 -27.21 -18.43
N VAL C 54 4.53 -27.39 -19.67
CA VAL C 54 3.98 -26.25 -20.39
C VAL C 54 2.91 -25.69 -19.48
N GLY C 55 2.88 -24.36 -19.36
CA GLY C 55 1.93 -23.72 -18.49
C GLY C 55 2.69 -23.16 -17.30
N PHE C 56 3.74 -23.86 -16.88
CA PHE C 56 4.54 -23.45 -15.74
C PHE C 56 4.91 -21.97 -15.72
N ALA C 57 5.16 -21.47 -14.53
CA ALA C 57 5.55 -20.08 -14.34
C ALA C 57 6.36 -19.96 -13.05
N PRO C 58 7.54 -19.36 -13.13
CA PRO C 58 8.31 -19.24 -11.89
C PRO C 58 7.62 -18.22 -11.02
N PRO C 59 8.13 -18.00 -9.80
CA PRO C 59 7.50 -17.01 -8.94
C PRO C 59 8.05 -15.63 -9.29
N TYR C 60 7.30 -14.57 -8.97
CA TYR C 60 7.78 -13.22 -9.23
C TYR C 60 9.09 -12.94 -8.48
N PRO C 61 10.03 -12.26 -9.14
CA PRO C 61 11.27 -11.98 -8.41
C PRO C 61 10.92 -10.97 -7.33
N THR C 62 11.82 -10.72 -6.38
CA THR C 62 11.49 -9.79 -5.31
C THR C 62 12.35 -8.52 -5.28
N ASP C 63 11.69 -7.37 -5.21
CA ASP C 63 12.36 -6.09 -5.18
C ASP C 63 12.86 -5.77 -3.79
N SER C 64 13.99 -6.34 -3.40
CA SER C 64 14.50 -6.11 -2.06
C SER C 64 15.91 -6.70 -1.97
N VAL C 65 16.77 -6.06 -1.16
CA VAL C 65 18.14 -6.51 -1.02
C VAL C 65 18.32 -8.02 -1.06
N LEU C 66 17.47 -8.78 -0.35
CA LEU C 66 17.61 -10.23 -0.37
C LEU C 66 17.41 -10.73 -1.79
N GLY C 67 16.43 -10.14 -2.47
CA GLY C 67 16.15 -10.51 -3.84
C GLY C 67 17.37 -10.26 -4.68
N VAL C 68 17.92 -9.05 -4.59
CA VAL C 68 19.08 -8.70 -5.36
C VAL C 68 20.20 -9.71 -5.13
N THR C 69 20.38 -10.14 -3.88
CA THR C 69 21.41 -11.11 -3.54
C THR C 69 21.07 -12.50 -4.12
N ASP C 70 19.78 -12.81 -4.18
CA ASP C 70 19.36 -14.09 -4.73
C ASP C 70 19.62 -14.01 -6.22
N MET C 71 19.57 -12.80 -6.76
CA MET C 71 19.82 -12.62 -8.18
C MET C 71 21.33 -12.82 -8.41
N TRP C 72 22.13 -12.20 -7.56
CA TRP C 72 23.58 -12.30 -7.66
C TRP C 72 24.12 -13.70 -7.42
N THR C 73 23.80 -14.26 -6.27
CA THR C 73 24.22 -15.59 -5.86
C THR C 73 24.04 -16.65 -6.94
N HIS C 74 22.96 -16.55 -7.72
CA HIS C 74 22.74 -17.51 -8.78
C HIS C 74 23.21 -16.99 -10.13
N MET C 75 23.98 -15.91 -10.14
CA MET C 75 24.46 -15.33 -11.39
C MET C 75 25.50 -16.18 -12.17
N MET C 76 25.25 -16.36 -13.46
CA MET C 76 26.14 -17.18 -14.27
C MET C 76 27.02 -16.45 -15.26
N GLY C 77 26.82 -15.15 -15.37
CA GLY C 77 27.61 -14.36 -16.30
C GLY C 77 26.83 -13.14 -16.69
N THR C 78 27.54 -12.08 -17.04
CA THR C 78 26.87 -10.85 -17.44
C THR C 78 27.36 -10.49 -18.84
N VAL C 79 26.47 -9.88 -19.61
CA VAL C 79 26.82 -9.46 -20.95
C VAL C 79 26.56 -7.95 -21.08
N LYS C 80 27.59 -7.23 -21.46
CA LYS C 80 27.50 -5.79 -21.66
C LYS C 80 26.44 -5.48 -22.73
N VAL C 81 25.59 -4.51 -22.45
CA VAL C 81 24.53 -4.14 -23.37
C VAL C 81 24.97 -2.99 -24.26
N LEU C 82 24.93 -3.23 -25.56
CA LEU C 82 25.31 -2.23 -26.54
C LEU C 82 24.06 -1.59 -27.10
N PRO C 83 24.11 -0.27 -27.34
CA PRO C 83 22.98 0.48 -27.87
C PRO C 83 22.36 -0.19 -29.08
N SER C 84 23.18 -0.89 -29.85
CA SER C 84 22.73 -1.56 -31.05
C SER C 84 21.73 -2.66 -30.76
N MET C 85 21.61 -3.06 -29.50
CA MET C 85 20.69 -4.13 -29.12
C MET C 85 19.44 -3.57 -28.46
N LEU C 86 19.30 -2.25 -28.50
CA LEU C 86 18.19 -1.57 -27.87
C LEU C 86 17.26 -0.82 -28.79
N ASP C 87 16.06 -1.35 -29.01
CA ASP C 87 15.14 -0.66 -29.87
C ASP C 87 13.95 -0.04 -29.18
N ALA C 88 13.59 1.16 -29.63
CA ALA C 88 12.44 1.88 -29.12
C ALA C 88 11.33 1.13 -29.84
N VAL C 89 10.31 0.71 -29.12
CA VAL C 89 9.23 -0.01 -29.76
C VAL C 89 7.86 0.50 -29.37
N ILE C 90 6.88 0.27 -30.23
CA ILE C 90 5.52 0.68 -29.93
C ILE C 90 4.64 -0.51 -30.24
N PRO C 91 3.49 -0.62 -29.57
CA PRO C 91 2.56 -1.73 -29.77
C PRO C 91 2.26 -1.90 -31.25
N ARG C 92 2.26 -3.12 -31.74
CA ARG C 92 1.98 -3.33 -33.16
C ARG C 92 0.47 -3.40 -33.42
N ARG C 93 0.08 -2.88 -34.57
CA ARG C 93 -1.33 -2.82 -34.98
C ARG C 93 -1.40 -2.79 -36.51
N ASP C 94 -1.55 -3.97 -37.11
CA ASP C 94 -1.63 -4.06 -38.56
C ASP C 94 -3.03 -3.73 -39.04
N TRP C 95 -3.11 -3.01 -40.15
CA TRP C 95 -4.37 -2.65 -40.77
C TRP C 95 -4.90 -3.93 -41.41
N GLY C 96 -6.19 -4.17 -41.31
CA GLY C 96 -6.77 -5.34 -41.95
C GLY C 96 -6.57 -6.72 -41.34
N ASP C 97 -5.80 -6.86 -40.28
CA ASP C 97 -5.63 -8.20 -39.71
C ASP C 97 -6.92 -8.69 -39.02
N THR C 98 -7.75 -9.40 -39.78
CA THR C 98 -9.02 -9.90 -39.24
C THR C 98 -8.87 -10.81 -38.03
N ARG C 99 -7.67 -11.33 -37.81
CA ARG C 99 -7.45 -12.20 -36.65
C ARG C 99 -7.78 -11.45 -35.36
N TYR C 100 -7.73 -10.13 -35.41
CA TYR C 100 -8.01 -9.33 -34.22
C TYR C 100 -9.19 -8.41 -34.48
N PRO C 101 -9.77 -7.85 -33.41
CA PRO C 101 -10.92 -6.95 -33.55
C PRO C 101 -10.58 -5.63 -34.23
N ASP C 102 -11.58 -5.02 -34.86
CA ASP C 102 -11.43 -3.75 -35.55
C ASP C 102 -10.30 -3.73 -36.58
N PRO C 103 -10.36 -4.61 -37.58
CA PRO C 103 -9.33 -4.67 -38.61
C PRO C 103 -9.45 -3.48 -39.56
N TYR C 104 -10.57 -2.78 -39.48
CA TYR C 104 -10.84 -1.64 -40.35
C TYR C 104 -11.40 -0.44 -39.57
N THR C 105 -11.30 -0.48 -38.25
CA THR C 105 -11.77 0.61 -37.41
C THR C 105 -10.60 1.13 -36.59
N PHE C 106 -10.43 2.45 -36.56
CA PHE C 106 -9.31 3.03 -35.84
C PHE C 106 -9.74 4.30 -35.12
N ARG C 107 -8.88 4.77 -34.23
CA ARG C 107 -9.15 5.96 -33.44
C ARG C 107 -8.06 6.97 -33.68
N ILE C 108 -8.41 8.25 -33.53
CA ILE C 108 -7.44 9.32 -33.71
C ILE C 108 -6.19 8.95 -32.93
N ASN C 109 -5.06 8.91 -33.62
CA ASN C 109 -3.73 8.59 -33.05
C ASN C 109 -3.30 7.14 -33.09
N ASP C 110 -4.13 6.26 -33.65
CA ASP C 110 -3.76 4.86 -33.73
C ASP C 110 -2.62 4.65 -34.72
N ILE C 111 -1.42 4.36 -34.21
CA ILE C 111 -0.28 4.11 -35.10
C ILE C 111 -0.56 2.77 -35.77
N VAL C 112 -0.85 2.82 -37.06
CA VAL C 112 -1.18 1.60 -37.79
C VAL C 112 -0.09 1.14 -38.75
N VAL C 113 0.02 -0.17 -38.92
CA VAL C 113 1.01 -0.73 -39.83
C VAL C 113 0.38 -1.31 -41.10
N CYS C 114 0.92 -0.92 -42.25
CA CYS C 114 0.44 -1.37 -43.54
C CYS C 114 1.58 -1.97 -44.36
N ASN C 115 1.20 -2.80 -45.32
CA ASN C 115 2.18 -3.41 -46.18
C ASN C 115 3.12 -4.37 -45.45
N SER C 116 2.59 -5.00 -44.40
CA SER C 116 3.37 -5.95 -43.60
C SER C 116 2.92 -7.41 -43.80
N ALA C 117 1.86 -7.58 -44.58
CA ALA C 117 1.32 -8.91 -44.82
C ALA C 117 0.29 -8.84 -45.94
N PRO C 118 -0.16 -10.00 -46.43
CA PRO C 118 -1.15 -10.03 -47.51
C PRO C 118 -2.32 -9.10 -47.30
N TYR C 119 -2.79 -9.00 -46.06
CA TYR C 119 -3.93 -8.12 -45.78
C TYR C 119 -3.68 -6.61 -45.90
N ASN C 120 -2.44 -6.17 -45.96
CA ASN C 120 -2.22 -4.74 -46.07
C ASN C 120 -1.18 -4.43 -47.13
N ALA C 121 -0.84 -5.45 -47.90
CA ALA C 121 0.14 -5.34 -48.97
C ALA C 121 -0.16 -4.12 -49.84
N THR C 122 0.82 -3.21 -49.95
CA THR C 122 0.60 -2.01 -50.75
C THR C 122 1.73 -1.63 -51.69
N GLU C 123 2.95 -1.55 -51.16
CA GLU C 123 4.09 -1.18 -51.96
C GLU C 123 5.10 -2.32 -51.96
N SER C 124 4.87 -3.29 -52.84
CA SER C 124 5.80 -4.40 -52.97
C SER C 124 7.09 -3.81 -53.46
N GLY C 125 8.06 -3.70 -52.56
CA GLY C 125 9.32 -3.10 -52.93
C GLY C 125 9.63 -2.07 -51.86
N ALA C 126 8.74 -2.00 -50.88
CA ALA C 126 8.90 -1.10 -49.75
C ALA C 126 8.91 -2.02 -48.54
N GLY C 127 9.22 -1.46 -47.37
CA GLY C 127 9.24 -2.26 -46.15
C GLY C 127 7.89 -2.14 -45.48
N TRP C 128 7.89 -2.12 -44.15
CA TRP C 128 6.64 -1.98 -43.44
C TRP C 128 6.32 -0.50 -43.40
N LEU C 129 5.08 -0.15 -43.71
CA LEU C 129 4.72 1.23 -43.71
C LEU C 129 3.87 1.52 -42.50
N VAL C 130 4.35 2.44 -41.67
CA VAL C 130 3.68 2.81 -40.43
C VAL C 130 3.00 4.15 -40.54
N TYR C 131 1.70 4.18 -40.33
CA TYR C 131 0.91 5.40 -40.43
C TYR C 131 0.21 5.78 -39.11
N ARG C 132 0.08 7.07 -38.87
CA ARG C 132 -0.58 7.53 -37.67
C ARG C 132 -1.95 8.03 -38.11
N CYS C 133 -2.97 7.69 -37.34
CA CYS C 133 -4.37 8.05 -37.63
C CYS C 133 -4.73 9.45 -37.17
N LEU C 134 -4.77 10.40 -38.11
CA LEU C 134 -5.07 11.80 -37.77
C LEU C 134 -6.53 12.14 -37.52
N ASP C 135 -7.43 11.70 -38.40
CA ASP C 135 -8.85 11.98 -38.25
C ASP C 135 -9.60 10.70 -38.55
N VAL C 136 -10.90 10.70 -38.31
CA VAL C 136 -11.71 9.52 -38.56
C VAL C 136 -13.05 9.95 -39.12
N PRO C 137 -13.77 9.02 -39.77
CA PRO C 137 -15.07 9.36 -40.34
C PRO C 137 -15.95 10.09 -39.34
N ASP C 138 -16.54 11.19 -39.80
CA ASP C 138 -17.41 12.01 -38.99
C ASP C 138 -18.52 11.19 -38.34
N THR C 139 -19.04 10.20 -39.07
CA THR C 139 -20.08 9.35 -38.53
C THR C 139 -19.45 8.46 -37.47
N GLY C 140 -20.19 8.19 -36.39
CA GLY C 140 -19.65 7.36 -35.34
C GLY C 140 -20.26 7.72 -34.00
N MET C 141 -19.72 7.16 -32.92
CA MET C 141 -20.26 7.45 -31.59
C MET C 141 -19.23 7.47 -30.49
N CYS C 142 -19.69 7.75 -29.27
CA CYS C 142 -18.83 7.83 -28.10
C CYS C 142 -19.12 6.72 -27.10
N SER C 143 -18.22 6.56 -26.14
CA SER C 143 -18.36 5.56 -25.09
C SER C 143 -19.28 6.11 -23.99
N ILE C 144 -20.23 6.94 -24.41
CA ILE C 144 -21.16 7.57 -23.48
C ILE C 144 -22.62 7.51 -23.99
N ALA C 145 -22.78 7.55 -25.31
CA ALA C 145 -24.09 7.51 -25.96
C ALA C 145 -24.81 8.84 -25.70
N SER C 146 -24.18 9.68 -24.88
CA SER C 146 -24.73 10.98 -24.53
C SER C 146 -23.99 12.05 -25.33
N LEU C 147 -22.86 11.66 -25.91
CA LEU C 147 -22.08 12.56 -26.72
C LEU C 147 -22.46 12.25 -28.17
N THR C 148 -23.09 13.23 -28.81
CA THR C 148 -23.59 13.08 -30.17
C THR C 148 -22.58 13.33 -31.30
N ASP C 149 -21.70 14.31 -31.13
CA ASP C 149 -20.72 14.67 -32.15
C ASP C 149 -19.28 14.35 -31.74
N LYS C 150 -18.50 13.80 -32.67
CA LYS C 150 -17.11 13.44 -32.42
C LYS C 150 -16.35 14.53 -31.71
N ASP C 151 -16.04 15.59 -32.45
CA ASP C 151 -15.29 16.72 -31.91
C ASP C 151 -15.68 17.05 -30.47
N GLU C 152 -16.95 16.87 -30.12
CA GLU C 152 -17.40 17.15 -28.76
C GLU C 152 -16.85 16.06 -27.83
N CYS C 153 -17.22 14.81 -28.12
CA CYS C 153 -16.78 13.65 -27.37
C CYS C 153 -15.25 13.64 -27.36
N LEU C 154 -14.66 14.31 -28.33
CA LEU C 154 -13.22 14.43 -28.46
C LEU C 154 -12.72 15.30 -27.31
N LYS C 155 -13.14 16.57 -27.32
CA LYS C 155 -12.76 17.55 -26.29
C LYS C 155 -12.91 16.96 -24.90
N LEU C 156 -14.03 16.27 -24.67
CA LEU C 156 -14.32 15.65 -23.40
C LEU C 156 -13.69 14.25 -23.40
N GLY C 157 -13.59 13.63 -22.24
CA GLY C 157 -13.02 12.29 -22.18
C GLY C 157 -13.89 11.32 -22.96
N GLY C 158 -13.66 10.03 -22.76
CA GLY C 158 -14.47 9.05 -23.47
C GLY C 158 -13.83 8.70 -24.79
N LYS C 159 -14.18 7.55 -25.33
CA LYS C 159 -13.61 7.10 -26.59
C LYS C 159 -14.63 7.00 -27.71
N TRP C 160 -14.23 7.49 -28.88
CA TRP C 160 -15.07 7.52 -30.09
C TRP C 160 -14.73 6.39 -31.06
N THR C 161 -15.76 5.70 -31.52
CA THR C 161 -15.58 4.61 -32.46
C THR C 161 -16.37 4.90 -33.72
N PRO C 162 -15.68 5.25 -34.81
CA PRO C 162 -16.29 5.56 -36.11
C PRO C 162 -17.34 4.55 -36.50
N SER C 163 -18.44 5.03 -37.07
CA SER C 163 -19.53 4.16 -37.50
C SER C 163 -19.28 3.71 -38.94
N ALA C 164 -18.06 3.90 -39.41
CA ALA C 164 -17.65 3.54 -40.76
C ALA C 164 -16.27 2.89 -40.71
N ARG C 165 -16.09 1.76 -41.41
CA ARG C 165 -14.78 1.09 -41.41
C ARG C 165 -13.78 1.75 -42.35
N SER C 166 -12.50 1.43 -42.17
CA SER C 166 -11.41 1.94 -42.99
C SER C 166 -11.50 1.11 -44.27
N MET C 167 -11.85 1.74 -45.39
CA MET C 167 -12.01 1.00 -46.63
C MET C 167 -10.72 0.50 -47.25
N THR C 168 -9.74 1.38 -47.42
CA THR C 168 -8.48 0.96 -48.01
C THR C 168 -7.30 1.27 -47.09
N PRO C 169 -6.33 0.34 -47.02
CA PRO C 169 -5.20 0.66 -46.15
C PRO C 169 -4.50 1.89 -46.68
N PRO C 170 -4.20 2.86 -45.82
CA PRO C 170 -3.53 4.02 -46.41
C PRO C 170 -2.30 3.52 -47.15
N GLU C 171 -1.91 4.22 -48.19
CA GLU C 171 -0.73 3.81 -48.92
C GLU C 171 0.06 5.03 -49.32
N GLY C 172 1.33 4.84 -49.62
CA GLY C 172 2.15 5.96 -50.01
C GLY C 172 2.60 6.80 -48.83
N ARG C 173 3.32 7.87 -49.15
CA ARG C 173 3.84 8.74 -48.12
C ARG C 173 3.08 10.04 -48.02
N GLY C 174 1.94 10.10 -48.69
CA GLY C 174 1.10 11.30 -48.66
C GLY C 174 1.77 12.58 -49.13
N ASP C 175 1.04 13.68 -49.00
CA ASP C 175 1.55 15.00 -49.41
C ASP C 175 2.82 15.34 -48.64
N ALA C 176 3.17 16.61 -48.57
CA ALA C 176 4.38 17.05 -47.87
C ALA C 176 4.13 17.09 -46.36
N GLU C 177 2.88 17.37 -46.01
CA GLU C 177 2.44 17.42 -44.62
C GLU C 177 2.26 15.97 -44.15
N GLY C 178 2.50 15.02 -45.06
CA GLY C 178 2.38 13.61 -44.74
C GLY C 178 0.97 13.08 -44.57
N THR C 179 -0.02 13.84 -45.05
CA THR C 179 -1.43 13.47 -44.93
C THR C 179 -1.89 12.55 -46.06
N ILE C 180 -2.80 11.64 -45.75
CA ILE C 180 -3.30 10.70 -46.75
C ILE C 180 -4.78 10.39 -46.54
N GLU C 181 -5.63 10.92 -47.42
CA GLU C 181 -7.06 10.71 -47.30
C GLU C 181 -7.59 9.70 -48.31
N PRO C 182 -7.87 8.46 -47.89
CA PRO C 182 -8.39 7.50 -48.86
C PRO C 182 -9.74 8.02 -49.33
N GLY C 183 -10.42 8.73 -48.44
CA GLY C 183 -11.72 9.30 -48.76
C GLY C 183 -12.90 8.64 -48.04
N ASP C 184 -12.61 7.58 -47.28
CA ASP C 184 -13.65 6.86 -46.56
C ASP C 184 -13.86 7.40 -45.15
N GLY C 185 -13.67 8.71 -45.00
CA GLY C 185 -13.84 9.33 -43.70
C GLY C 185 -12.51 9.42 -42.98
N TYR C 186 -11.80 8.30 -42.95
CA TYR C 186 -10.50 8.21 -42.29
C TYR C 186 -9.41 9.03 -42.95
N VAL C 187 -8.48 9.49 -42.14
CA VAL C 187 -7.34 10.26 -42.61
C VAL C 187 -6.13 9.58 -41.98
N TRP C 188 -4.97 9.75 -42.60
CA TRP C 188 -3.74 9.13 -42.10
C TRP C 188 -2.55 10.04 -42.27
N GLU C 189 -1.52 9.78 -41.48
CA GLU C 189 -0.28 10.52 -41.55
C GLU C 189 0.87 9.54 -41.74
N TYR C 190 1.44 9.50 -42.92
CA TYR C 190 2.58 8.59 -43.15
C TYR C 190 3.55 9.02 -42.05
N LEU C 191 4.31 8.07 -41.51
CA LEU C 191 5.26 8.42 -40.49
C LEU C 191 6.62 7.93 -40.93
N PHE C 192 6.69 6.67 -41.33
CA PHE C 192 7.95 6.10 -41.74
C PHE C 192 7.82 4.68 -42.23
N GLU C 193 8.94 4.13 -42.67
CA GLU C 193 9.01 2.78 -43.21
C GLU C 193 10.01 1.95 -42.42
N ILE C 194 9.78 0.64 -42.38
CA ILE C 194 10.66 -0.27 -41.66
C ILE C 194 11.31 -1.21 -42.67
N PRO C 195 12.63 -1.26 -42.68
CA PRO C 195 13.35 -2.14 -43.61
C PRO C 195 13.26 -3.63 -43.26
N PRO C 196 13.28 -4.49 -44.29
CA PRO C 196 13.20 -5.95 -44.20
C PRO C 196 13.98 -6.55 -43.04
N ASP C 197 15.29 -6.33 -43.07
CA ASP C 197 16.18 -6.87 -42.05
C ASP C 197 15.67 -6.56 -40.65
N VAL C 198 15.20 -5.33 -40.45
CA VAL C 198 14.69 -4.94 -39.14
C VAL C 198 13.40 -5.72 -38.83
N SER C 199 12.29 -5.36 -39.46
CA SER C 199 11.03 -6.05 -39.23
C SER C 199 11.18 -7.56 -39.16
N ILE C 200 12.08 -8.10 -39.98
CA ILE C 200 12.32 -9.54 -39.98
C ILE C 200 13.03 -9.99 -38.71
N ASN C 201 14.07 -9.25 -38.31
CA ASN C 201 14.84 -9.60 -37.13
C ASN C 201 14.43 -8.90 -35.83
N ARG C 202 14.20 -7.59 -35.89
CA ARG C 202 13.86 -6.81 -34.71
C ARG C 202 12.39 -6.59 -34.38
N CYS C 203 11.50 -6.77 -35.35
CA CYS C 203 10.09 -6.58 -35.05
C CYS C 203 9.49 -7.91 -34.62
N THR C 204 8.24 -7.88 -34.15
CA THR C 204 7.58 -9.11 -33.74
C THR C 204 6.10 -8.99 -34.01
N ASN C 205 5.35 -9.91 -33.42
CA ASN C 205 3.91 -9.98 -33.56
C ASN C 205 3.23 -8.91 -32.70
N GLU C 206 3.90 -8.48 -31.64
CA GLU C 206 3.32 -7.48 -30.75
C GLU C 206 3.91 -6.08 -30.91
N TYR C 207 5.17 -5.99 -31.29
CA TYR C 207 5.78 -4.68 -31.44
C TYR C 207 6.50 -4.48 -32.75
N ILE C 208 6.58 -3.23 -33.17
CA ILE C 208 7.29 -2.90 -34.37
C ILE C 208 8.38 -1.97 -33.84
N VAL C 209 9.52 -1.95 -34.50
CA VAL C 209 10.63 -1.10 -34.11
C VAL C 209 10.40 0.33 -34.58
N VAL C 210 11.10 1.28 -33.95
CA VAL C 210 11.03 2.69 -34.31
C VAL C 210 12.44 3.24 -34.15
N PRO C 211 13.00 3.76 -35.24
CA PRO C 211 14.37 4.30 -35.14
C PRO C 211 14.59 5.38 -34.10
N TRP C 212 15.78 5.37 -33.52
CA TRP C 212 16.14 6.37 -32.54
C TRP C 212 16.48 7.61 -33.34
N PRO C 213 16.26 8.80 -32.77
CA PRO C 213 16.54 10.10 -33.41
C PRO C 213 17.86 10.15 -34.20
N GLU C 214 18.90 9.50 -33.68
CA GLU C 214 20.21 9.45 -34.32
C GLU C 214 20.19 8.72 -35.67
N GLU C 215 20.22 7.39 -35.64
CA GLU C 215 20.22 6.58 -36.85
C GLU C 215 19.21 7.10 -37.88
N LEU C 216 18.15 7.72 -37.39
CA LEU C 216 17.14 8.27 -38.28
C LEU C 216 17.82 9.40 -39.03
N LYS C 217 18.46 10.28 -38.27
CA LYS C 217 19.18 11.44 -38.82
C LYS C 217 20.35 11.00 -39.73
N GLU C 218 21.00 9.91 -39.35
CA GLU C 218 22.14 9.37 -40.07
C GLU C 218 21.78 8.65 -41.39
N ASP C 219 20.51 8.30 -41.60
CA ASP C 219 20.12 7.58 -42.81
C ASP C 219 18.60 7.52 -42.93
N PRO C 220 17.94 8.69 -43.02
CA PRO C 220 16.49 8.79 -43.13
C PRO C 220 15.90 7.97 -44.25
N THR C 221 16.75 7.51 -45.16
CA THR C 221 16.26 6.71 -46.28
C THR C 221 15.99 5.26 -45.87
N ARG C 222 16.80 4.76 -44.95
CA ARG C 222 16.66 3.41 -44.45
C ARG C 222 15.30 3.30 -43.78
N TRP C 223 14.69 4.44 -43.48
CA TRP C 223 13.38 4.44 -42.81
C TRP C 223 12.31 5.20 -43.54
N GLY C 224 12.51 5.44 -44.83
CA GLY C 224 11.52 6.15 -45.62
C GLY C 224 11.25 7.52 -45.04
N TYR C 225 12.20 8.00 -44.24
CA TYR C 225 12.09 9.29 -43.59
C TYR C 225 12.74 10.39 -44.47
N GLU C 226 13.38 9.95 -45.56
CA GLU C 226 14.07 10.78 -46.53
C GLU C 226 13.34 12.05 -47.00
N ASP C 227 12.01 12.01 -47.02
CA ASP C 227 11.24 13.17 -47.47
C ASP C 227 10.63 13.96 -46.30
N ASN C 228 11.05 13.63 -45.09
CA ASN C 228 10.52 14.27 -43.89
C ASN C 228 10.75 15.78 -43.75
N LEU C 229 9.67 16.49 -43.42
CA LEU C 229 9.71 17.93 -43.20
C LEU C 229 9.46 18.30 -41.74
N THR C 230 8.83 17.40 -41.00
CA THR C 230 8.56 17.66 -39.58
C THR C 230 9.88 17.74 -38.80
N TRP C 231 10.95 17.21 -39.40
CA TRP C 231 12.29 17.21 -38.80
C TRP C 231 12.64 18.66 -38.49
N GLN C 232 12.02 19.56 -39.25
CA GLN C 232 12.25 20.99 -39.12
C GLN C 232 11.83 21.58 -37.78
N GLN C 233 11.51 20.73 -36.81
CA GLN C 233 11.13 21.18 -35.48
C GLN C 233 11.15 20.08 -34.42
N ASP C 234 10.77 18.86 -34.79
CA ASP C 234 10.78 17.77 -33.84
C ASP C 234 12.19 17.16 -33.83
N ASP C 235 13.09 17.79 -34.59
CA ASP C 235 14.48 17.36 -34.70
C ASP C 235 14.61 15.85 -34.77
N PHE C 236 13.81 15.23 -35.62
CA PHE C 236 13.79 13.79 -35.79
C PHE C 236 13.22 13.11 -34.55
N GLY C 237 12.22 13.75 -33.96
CA GLY C 237 11.60 13.23 -32.76
C GLY C 237 10.49 12.25 -33.04
N LEU C 238 10.77 11.25 -33.85
CA LEU C 238 9.76 10.26 -34.16
C LEU C 238 9.29 9.49 -32.91
N ILE C 239 10.23 8.99 -32.11
CA ILE C 239 9.85 8.28 -30.88
C ILE C 239 8.83 9.09 -30.05
N TYR C 240 8.87 10.42 -30.11
CA TYR C 240 7.90 11.22 -29.39
C TYR C 240 6.56 11.22 -30.12
N ARG C 241 6.60 11.38 -31.44
CA ARG C 241 5.37 11.44 -32.21
C ARG C 241 4.54 10.17 -32.04
N VAL C 242 5.20 9.01 -32.01
CA VAL C 242 4.49 7.74 -31.85
C VAL C 242 4.39 7.33 -30.38
N LYS C 243 4.68 8.26 -29.48
CA LYS C 243 4.63 8.00 -28.05
C LYS C 243 5.34 6.71 -27.69
N ALA C 244 6.59 6.60 -28.09
CA ALA C 244 7.39 5.42 -27.79
C ALA C 244 7.88 5.58 -26.36
N ASN C 245 7.95 4.48 -25.62
CA ASN C 245 8.43 4.52 -24.27
C ASN C 245 8.82 3.12 -23.80
N THR C 246 9.07 2.25 -24.76
CA THR C 246 9.47 0.90 -24.43
C THR C 246 10.71 0.57 -25.23
N ILE C 247 11.71 0.03 -24.56
CA ILE C 247 12.94 -0.37 -25.22
C ILE C 247 12.95 -1.90 -25.20
N ARG C 248 13.38 -2.52 -26.29
CA ARG C 248 13.44 -3.98 -26.31
C ARG C 248 14.91 -4.33 -26.40
N PHE C 249 15.42 -5.02 -25.39
CA PHE C 249 16.81 -5.42 -25.43
C PHE C 249 16.81 -6.65 -26.29
N LYS C 250 17.83 -6.78 -27.12
CA LYS C 250 17.92 -7.90 -28.02
C LYS C 250 19.39 -8.23 -28.15
N ALA C 251 19.85 -9.12 -27.30
CA ALA C 251 21.24 -9.53 -27.30
C ALA C 251 21.33 -11.01 -27.58
N TYR C 252 22.52 -11.56 -27.39
CA TYR C 252 22.75 -12.97 -27.62
C TYR C 252 23.69 -13.59 -26.60
N LEU C 253 23.31 -14.77 -26.12
CA LEU C 253 24.12 -15.49 -25.16
C LEU C 253 24.80 -16.67 -25.82
N ASP C 254 26.08 -16.50 -26.14
CA ASP C 254 26.85 -17.56 -26.76
C ASP C 254 27.30 -18.50 -25.64
N SER C 255 27.18 -19.81 -25.88
CA SER C 255 27.56 -20.80 -24.89
C SER C 255 29.07 -20.78 -24.70
N VAL C 256 29.77 -20.31 -25.73
CA VAL C 256 31.23 -20.23 -25.74
C VAL C 256 31.80 -19.38 -24.61
N TYR C 257 31.02 -18.43 -24.11
CA TYR C 257 31.48 -17.55 -23.04
C TYR C 257 31.53 -18.21 -21.65
N PHE C 258 30.61 -19.13 -21.36
CA PHE C 258 30.62 -19.83 -20.08
C PHE C 258 30.79 -21.34 -20.25
N PRO C 259 32.02 -21.77 -20.63
CA PRO C 259 32.35 -23.18 -20.85
C PRO C 259 31.80 -24.17 -19.82
N GLU C 260 31.90 -23.82 -18.53
CA GLU C 260 31.41 -24.69 -17.48
C GLU C 260 30.02 -24.31 -16.96
N ALA C 261 29.02 -24.67 -17.76
CA ALA C 261 27.61 -24.40 -17.45
C ALA C 261 26.77 -25.09 -18.53
N ALA C 262 27.35 -25.20 -19.73
CA ALA C 262 26.69 -25.82 -20.88
C ALA C 262 27.43 -27.08 -21.36
N LEU C 263 27.26 -28.17 -20.63
CA LEU C 263 27.88 -29.46 -20.95
C LEU C 263 26.77 -30.51 -20.82
N PRO C 264 26.74 -31.50 -21.72
CA PRO C 264 25.71 -32.56 -21.69
C PRO C 264 25.04 -32.76 -20.33
N GLY C 265 23.86 -32.14 -20.19
CA GLY C 265 23.10 -32.21 -18.96
C GLY C 265 22.95 -30.81 -18.40
N ASN C 266 22.90 -29.83 -19.31
CA ASN C 266 22.79 -28.40 -18.97
C ASN C 266 21.53 -28.02 -18.18
N LYS C 267 21.71 -27.72 -16.89
CA LYS C 267 20.57 -27.34 -16.04
C LYS C 267 19.83 -26.17 -16.68
N GLY C 268 20.56 -25.33 -17.41
CA GLY C 268 19.96 -24.17 -18.08
C GLY C 268 20.02 -22.92 -17.21
N PHE C 269 19.37 -21.85 -17.65
CA PHE C 269 19.37 -20.62 -16.86
C PHE C 269 17.94 -20.05 -16.77
N ARG C 270 17.61 -19.39 -15.66
CA ARG C 270 16.24 -18.89 -15.43
C ARG C 270 16.06 -17.46 -14.95
N GLN C 271 17.15 -16.83 -14.56
CA GLN C 271 17.08 -15.46 -14.05
C GLN C 271 17.78 -14.48 -14.97
N ILE C 272 17.14 -13.34 -15.16
CA ILE C 272 17.66 -12.28 -15.99
C ILE C 272 17.51 -11.00 -15.21
N SER C 273 18.47 -10.11 -15.28
CA SER C 273 18.33 -8.82 -14.61
C SER C 273 19.17 -7.78 -15.35
N ILE C 274 18.92 -6.51 -15.05
CA ILE C 274 19.71 -5.43 -15.66
C ILE C 274 20.34 -4.62 -14.53
N ILE C 275 21.67 -4.62 -14.53
CA ILE C 275 22.44 -3.94 -13.52
C ILE C 275 23.09 -2.74 -14.16
N THR C 276 22.86 -1.57 -13.60
CA THR C 276 23.47 -0.38 -14.15
C THR C 276 24.73 -0.03 -13.38
N ASN C 277 25.85 -0.13 -14.09
CA ASN C 277 27.15 0.24 -13.57
C ASN C 277 27.76 -0.62 -12.48
N PRO C 278 27.87 -1.93 -12.76
CA PRO C 278 28.45 -2.83 -11.77
C PRO C 278 29.94 -2.49 -11.70
N LEU C 279 30.58 -2.82 -10.58
CA LEU C 279 32.01 -2.56 -10.39
C LEU C 279 32.74 -3.86 -10.57
N GLU C 280 34.00 -3.78 -10.99
CA GLU C 280 34.78 -4.99 -11.19
C GLU C 280 35.13 -5.51 -9.82
N ALA C 281 35.38 -6.81 -9.74
CA ALA C 281 35.76 -7.39 -8.45
C ALA C 281 37.02 -6.63 -8.06
N LYS C 282 37.21 -6.36 -6.77
CA LYS C 282 38.42 -5.66 -6.32
C LYS C 282 39.13 -6.37 -5.17
N ALA C 283 40.43 -6.15 -5.04
CA ALA C 283 41.23 -6.76 -3.98
C ALA C 283 40.79 -6.27 -2.58
N HIS C 284 41.21 -5.07 -2.19
CA HIS C 284 40.84 -4.53 -0.89
C HIS C 284 39.61 -3.66 -1.09
N PRO C 285 38.69 -3.64 -0.12
CA PRO C 285 37.48 -2.83 -0.25
C PRO C 285 37.81 -1.35 -0.40
N ASN C 286 38.90 -0.97 0.26
CA ASN C 286 39.39 0.40 0.26
C ASN C 286 39.81 0.86 -1.13
N ASP C 287 40.36 -0.07 -1.92
CA ASP C 287 40.80 0.21 -3.30
C ASP C 287 39.74 1.01 -4.05
N PRO C 288 40.16 1.85 -5.01
CA PRO C 288 39.18 2.63 -5.77
C PRO C 288 38.23 1.72 -6.58
N ASN C 289 37.09 2.26 -7.00
CA ASN C 289 36.14 1.49 -7.79
C ASN C 289 36.48 1.61 -9.26
N VAL C 290 36.34 0.53 -9.99
CA VAL C 290 36.61 0.53 -11.41
C VAL C 290 35.32 0.11 -12.09
N LYS C 291 34.76 1.01 -12.89
CA LYS C 291 33.53 0.69 -13.60
C LYS C 291 33.79 -0.44 -14.60
N ALA C 292 33.09 -1.56 -14.45
CA ALA C 292 33.25 -2.69 -15.35
C ALA C 292 32.76 -2.35 -16.76
N GLU C 293 33.63 -2.51 -17.75
CA GLU C 293 33.27 -2.19 -19.12
C GLU C 293 33.53 -3.27 -20.17
N LYS C 294 33.93 -4.46 -19.74
CA LYS C 294 34.19 -5.56 -20.68
C LYS C 294 32.86 -6.02 -21.27
N ASP C 295 32.93 -6.87 -22.29
CA ASP C 295 31.74 -7.37 -22.96
C ASP C 295 31.02 -8.43 -22.15
N TYR C 296 31.79 -9.35 -21.58
CA TYR C 296 31.24 -10.42 -20.78
C TYR C 296 31.93 -10.29 -19.44
N TYR C 297 31.46 -11.06 -18.47
CA TYR C 297 32.00 -11.03 -17.12
C TYR C 297 31.51 -12.25 -16.37
N ASP C 298 32.43 -13.01 -15.80
CA ASP C 298 32.03 -14.15 -14.99
C ASP C 298 31.71 -13.48 -13.66
N PRO C 299 30.46 -13.61 -13.17
CA PRO C 299 30.01 -13.00 -11.90
C PRO C 299 31.05 -12.80 -10.81
N GLU C 300 31.94 -13.76 -10.63
CA GLU C 300 32.96 -13.62 -9.60
C GLU C 300 33.93 -12.47 -9.89
N ASP C 301 34.05 -12.09 -11.17
CA ASP C 301 34.95 -10.98 -11.54
C ASP C 301 34.32 -9.60 -11.36
N LEU C 302 33.09 -9.56 -10.85
CA LEU C 302 32.43 -8.29 -10.61
C LEU C 302 32.20 -8.17 -9.11
N MET C 303 32.23 -6.95 -8.61
CA MET C 303 31.99 -6.74 -7.19
C MET C 303 30.54 -7.04 -6.88
N ARG C 304 30.31 -8.11 -6.11
CA ARG C 304 28.97 -8.51 -5.75
C ARG C 304 28.16 -7.35 -5.19
N HIS C 305 26.91 -7.27 -5.62
CA HIS C 305 26.00 -6.25 -5.13
C HIS C 305 26.29 -4.84 -5.63
N SER C 306 27.27 -4.69 -6.50
CA SER C 306 27.60 -3.36 -6.99
C SER C 306 26.74 -2.98 -8.19
N GLY C 307 26.53 -1.68 -8.38
CA GLY C 307 25.72 -1.21 -9.48
C GLY C 307 24.30 -1.12 -8.98
N GLU C 308 23.35 -0.90 -9.88
CA GLU C 308 21.96 -0.83 -9.47
C GLU C 308 21.12 -1.74 -10.35
N MET C 309 20.58 -2.79 -9.74
CA MET C 309 19.74 -3.76 -10.42
C MET C 309 18.41 -3.10 -10.65
N ILE C 310 18.17 -2.68 -11.89
CA ILE C 310 16.94 -1.97 -12.20
C ILE C 310 15.79 -2.81 -12.74
N TYR C 311 16.05 -4.08 -13.04
CA TYR C 311 15.01 -4.94 -13.57
C TYR C 311 15.36 -6.39 -13.40
N MET C 312 14.40 -7.17 -12.91
CA MET C 312 14.61 -8.60 -12.67
C MET C 312 13.49 -9.40 -13.34
N GLU C 313 13.85 -10.59 -13.82
CA GLU C 313 12.88 -11.44 -14.50
C GLU C 313 13.21 -12.90 -14.28
N ASN C 314 12.22 -13.67 -13.85
CA ASN C 314 12.42 -15.09 -13.65
C ASN C 314 11.60 -15.76 -14.75
N ARG C 315 12.01 -16.95 -15.17
CA ARG C 315 11.27 -17.61 -16.23
C ARG C 315 11.47 -19.12 -16.25
N PRO C 316 10.65 -19.83 -17.03
CA PRO C 316 10.87 -21.27 -17.06
C PRO C 316 12.31 -21.44 -17.48
N PRO C 317 12.90 -22.62 -17.24
CA PRO C 317 14.30 -22.75 -17.65
C PRO C 317 14.51 -22.63 -19.15
N ILE C 318 15.59 -21.95 -19.52
CA ILE C 318 15.97 -21.79 -20.92
C ILE C 318 17.29 -22.56 -21.04
N ILE C 319 17.27 -23.64 -21.83
CA ILE C 319 18.45 -24.48 -22.03
C ILE C 319 19.27 -24.09 -23.26
N MET C 320 20.59 -24.27 -23.17
CA MET C 320 21.49 -23.93 -24.28
C MET C 320 22.63 -24.95 -24.44
N ALA C 321 23.05 -25.18 -25.68
CA ALA C 321 24.12 -26.14 -26.01
C ALA C 321 25.50 -25.67 -25.55
N MET C 322 26.53 -26.47 -25.86
CA MET C 322 27.91 -26.16 -25.48
C MET C 322 28.52 -25.08 -26.36
N ASP C 323 27.80 -24.69 -27.42
CA ASP C 323 28.26 -23.65 -28.33
C ASP C 323 27.13 -23.25 -29.29
N GLN C 324 26.08 -22.65 -28.72
CA GLN C 324 24.92 -22.21 -29.48
C GLN C 324 24.58 -20.76 -29.08
N THR C 325 23.83 -20.05 -29.92
CA THR C 325 23.45 -18.66 -29.63
C THR C 325 21.93 -18.54 -29.51
N GLU C 326 21.47 -17.88 -28.45
CA GLU C 326 20.03 -17.71 -28.25
C GLU C 326 19.56 -16.28 -28.08
N GLU C 327 18.61 -15.89 -28.93
CA GLU C 327 18.06 -14.55 -28.87
C GLU C 327 17.37 -14.36 -27.54
N ILE C 328 17.57 -13.19 -26.95
CA ILE C 328 16.97 -12.84 -25.67
C ILE C 328 16.26 -11.51 -25.81
N ASN C 329 14.96 -11.51 -25.57
CA ASN C 329 14.17 -10.30 -25.66
C ASN C 329 13.74 -9.85 -24.27
N ILE C 330 13.82 -8.55 -24.02
CA ILE C 330 13.44 -7.95 -22.75
C ILE C 330 12.80 -6.62 -23.08
N LEU C 331 11.59 -6.39 -22.59
CA LEU C 331 10.92 -5.13 -22.85
C LEU C 331 10.92 -4.28 -21.59
N PHE C 332 11.25 -2.99 -21.71
CA PHE C 332 11.25 -2.05 -20.60
C PHE C 332 10.27 -0.94 -20.90
N THR C 333 9.71 -0.30 -19.89
CA THR C 333 8.80 0.79 -20.15
C THR C 333 9.02 1.89 -19.15
N PHE C 334 9.03 3.12 -19.65
CA PHE C 334 9.28 4.28 -18.82
C PHE C 334 8.01 5.09 -18.59
N ILE D 7 4.62 -18.63 -18.71
CA ILE D 7 5.16 -17.32 -19.14
C ILE D 7 6.34 -16.84 -18.28
N TYR D 8 6.77 -15.60 -18.51
CA TYR D 8 7.88 -15.01 -17.77
C TYR D 8 7.34 -14.11 -16.69
N ARG D 9 8.19 -13.80 -15.72
CA ARG D 9 7.82 -12.93 -14.61
C ARG D 9 8.91 -11.88 -14.44
N ALA D 10 8.61 -10.66 -14.92
CA ALA D 10 9.56 -9.54 -14.85
C ALA D 10 9.08 -8.46 -13.90
N ILE D 11 10.01 -7.62 -13.47
CA ILE D 11 9.66 -6.59 -12.51
C ILE D 11 10.70 -5.49 -12.58
N VAL D 12 10.28 -4.23 -12.55
CA VAL D 12 11.27 -3.15 -12.54
C VAL D 12 11.42 -2.93 -11.04
N THR D 13 12.62 -2.62 -10.58
CA THR D 13 12.87 -2.38 -9.16
C THR D 13 12.73 -0.90 -8.87
N SER D 14 12.72 -0.53 -7.60
CA SER D 14 12.61 0.88 -7.23
C SER D 14 13.86 1.59 -7.73
N LYS D 15 14.94 0.83 -7.87
CA LYS D 15 16.19 1.38 -8.36
C LYS D 15 15.99 1.91 -9.76
N PHE D 16 15.10 1.29 -10.52
CA PHE D 16 14.86 1.74 -11.87
C PHE D 16 14.28 3.14 -11.84
N ARG D 17 13.53 3.46 -10.80
CA ARG D 17 12.96 4.80 -10.74
C ARG D 17 14.06 5.81 -10.49
N THR D 18 15.04 5.45 -9.66
CA THR D 18 16.11 6.39 -9.39
C THR D 18 16.94 6.53 -10.65
N GLU D 19 16.96 5.48 -11.47
CA GLU D 19 17.72 5.50 -12.70
C GLU D 19 17.20 6.55 -13.68
N LYS D 20 15.87 6.58 -13.83
CA LYS D 20 15.27 7.54 -14.72
C LYS D 20 15.58 8.95 -14.26
N MET D 21 15.40 9.20 -12.97
CA MET D 21 15.66 10.52 -12.39
C MET D 21 17.11 10.89 -12.56
N LEU D 22 17.98 9.90 -12.48
CA LEU D 22 19.40 10.15 -12.63
C LEU D 22 19.80 10.38 -14.09
N ASN D 23 19.22 9.62 -15.02
CA ASN D 23 19.55 9.79 -16.44
C ASN D 23 19.05 11.17 -16.86
N PHE D 24 17.95 11.60 -16.25
CA PHE D 24 17.38 12.89 -16.58
C PHE D 24 18.30 14.03 -16.13
N TYR D 25 18.73 13.98 -14.87
CA TYR D 25 19.60 15.01 -14.34
C TYR D 25 20.89 15.05 -15.13
N ASN D 26 21.53 13.89 -15.29
CA ASN D 26 22.81 13.85 -16.00
C ASN D 26 22.70 14.18 -17.48
N SER D 27 21.53 14.00 -18.05
CA SER D 27 21.36 14.27 -19.47
C SER D 27 21.55 15.75 -19.78
N ILE D 28 21.35 16.62 -18.80
CA ILE D 28 21.52 18.05 -19.03
C ILE D 28 22.98 18.40 -19.27
N GLY D 29 23.26 19.12 -20.36
CA GLY D 29 24.61 19.50 -20.69
C GLY D 29 24.72 20.24 -22.02
N SER D 30 25.89 20.16 -22.64
CA SER D 30 26.14 20.82 -23.93
C SER D 30 26.59 19.83 -25.00
N GLY D 31 26.11 20.02 -26.21
CA GLY D 31 26.47 19.15 -27.30
C GLY D 31 25.31 18.24 -27.66
N PRO D 32 25.14 17.90 -28.94
CA PRO D 32 24.05 17.04 -29.43
C PRO D 32 23.96 15.69 -28.68
N ASP D 33 24.78 15.54 -27.64
CA ASP D 33 24.77 14.31 -26.85
C ASP D 33 23.96 14.58 -25.57
N LYS D 34 24.23 15.73 -24.98
CA LYS D 34 23.57 16.17 -23.76
C LYS D 34 22.20 16.79 -24.08
N ASN D 35 21.57 17.38 -23.07
CA ASN D 35 20.25 17.99 -23.27
C ASN D 35 20.10 19.38 -22.66
N THR D 36 19.18 20.16 -23.19
CA THR D 36 18.93 21.49 -22.64
C THR D 36 17.44 21.47 -22.26
N ILE D 37 17.18 21.73 -20.99
CA ILE D 37 15.84 21.74 -20.45
C ILE D 37 15.47 23.19 -20.23
N PHE D 38 14.27 23.57 -20.62
CA PHE D 38 13.84 24.94 -20.41
C PHE D 38 12.52 24.98 -19.62
N ILE D 39 12.46 25.92 -18.69
CA ILE D 39 11.28 26.11 -17.87
C ILE D 39 10.63 27.34 -18.44
N THR D 40 9.45 27.22 -19.03
CA THR D 40 8.81 28.39 -19.60
C THR D 40 7.69 28.81 -18.68
N PHE D 41 7.31 30.08 -18.74
CA PHE D 41 6.25 30.59 -17.89
C PHE D 41 5.41 31.55 -18.71
N GLY D 42 4.10 31.46 -18.61
CA GLY D 42 3.26 32.34 -19.39
C GLY D 42 1.82 32.50 -18.96
N ARG D 43 1.05 33.10 -19.87
CA ARG D 43 -0.37 33.40 -19.71
C ARG D 43 -0.67 34.60 -18.81
N SER D 44 -0.76 35.76 -19.45
CA SER D 44 -1.08 36.99 -18.73
C SER D 44 -2.60 37.07 -18.72
N GLU D 45 -3.22 36.31 -19.63
CA GLU D 45 -4.67 36.26 -19.75
C GLU D 45 -5.26 35.49 -18.57
N PRO D 46 -5.99 36.17 -17.69
CA PRO D 46 -6.61 35.53 -16.51
C PRO D 46 -7.44 34.32 -16.89
N TRP D 47 -7.41 33.31 -16.02
CA TRP D 47 -8.18 32.10 -16.24
C TRP D 47 -9.66 32.49 -16.23
N SER D 48 -10.10 32.97 -15.07
CA SER D 48 -11.47 33.39 -14.87
C SER D 48 -11.59 34.43 -13.76
N SER D 49 -12.75 35.08 -13.70
CA SER D 49 -13.03 36.11 -12.69
C SER D 49 -12.76 35.57 -11.29
N ASN D 50 -13.15 34.33 -11.07
CA ASN D 50 -12.97 33.69 -9.79
C ASN D 50 -11.61 33.00 -9.70
N GLU D 51 -10.54 33.74 -10.00
CA GLU D 51 -9.20 33.15 -9.94
C GLU D 51 -8.32 33.74 -8.84
N ASN D 52 -8.88 34.66 -8.06
CA ASN D 52 -8.13 35.29 -6.97
C ASN D 52 -8.70 34.87 -5.62
N GLU D 53 -9.71 34.00 -5.65
CA GLU D 53 -10.36 33.51 -4.44
C GLU D 53 -9.52 32.42 -3.82
N VAL D 54 -9.74 32.16 -2.53
CA VAL D 54 -9.01 31.13 -1.82
C VAL D 54 -9.59 29.77 -2.18
N GLY D 55 -8.71 28.78 -2.33
CA GLY D 55 -9.16 27.45 -2.68
C GLY D 55 -9.61 27.41 -4.12
N PHE D 56 -9.11 28.35 -4.92
CA PHE D 56 -9.45 28.40 -6.33
C PHE D 56 -8.66 27.38 -7.13
N ALA D 57 -9.33 26.72 -8.07
CA ALA D 57 -8.69 25.72 -8.90
C ALA D 57 -8.71 26.13 -10.37
N PRO D 58 -7.52 26.35 -10.95
CA PRO D 58 -7.41 26.73 -12.36
C PRO D 58 -7.69 25.48 -13.16
N PRO D 59 -7.92 25.62 -14.46
CA PRO D 59 -8.20 24.42 -15.27
C PRO D 59 -7.01 23.47 -15.32
N TYR D 60 -7.24 22.28 -15.85
CA TYR D 60 -6.20 21.28 -15.97
C TYR D 60 -5.54 21.43 -17.32
N PRO D 61 -4.21 21.23 -17.39
CA PRO D 61 -3.52 21.35 -18.67
C PRO D 61 -3.80 20.08 -19.47
N THR D 62 -4.06 20.23 -20.76
CA THR D 62 -4.37 19.12 -21.63
C THR D 62 -3.13 18.54 -22.28
N ASP D 63 -2.95 17.23 -22.16
CA ASP D 63 -1.79 16.57 -22.76
C ASP D 63 -2.14 16.36 -24.23
N SER D 64 -2.07 17.43 -25.01
CA SER D 64 -2.42 17.34 -26.41
C SER D 64 -1.63 18.36 -27.18
N VAL D 65 -1.70 18.23 -28.51
CA VAL D 65 -1.03 19.18 -29.37
C VAL D 65 -1.67 20.54 -29.06
N LEU D 66 -3.00 20.51 -28.96
CA LEU D 66 -3.76 21.70 -28.64
C LEU D 66 -3.22 22.25 -27.34
N GLY D 67 -2.93 21.34 -26.41
CA GLY D 67 -2.40 21.72 -25.12
C GLY D 67 -1.09 22.43 -25.32
N VAL D 68 -0.16 21.72 -25.95
CA VAL D 68 1.16 22.26 -26.26
C VAL D 68 1.00 23.59 -26.97
N THR D 69 0.14 23.63 -27.98
CA THR D 69 -0.13 24.88 -28.71
C THR D 69 -0.54 25.96 -27.72
N ASP D 70 -1.68 25.76 -27.07
CA ASP D 70 -2.18 26.73 -26.10
C ASP D 70 -1.06 27.15 -25.17
N MET D 71 -0.19 26.21 -24.80
CA MET D 71 0.90 26.55 -23.90
C MET D 71 1.85 27.54 -24.56
N TRP D 72 2.27 27.24 -25.79
CA TRP D 72 3.20 28.13 -26.48
C TRP D 72 2.65 29.53 -26.75
N THR D 73 1.49 29.60 -27.39
CA THR D 73 0.89 30.87 -27.70
C THR D 73 0.94 31.81 -26.48
N HIS D 74 0.71 31.29 -25.29
CA HIS D 74 0.74 32.12 -24.09
C HIS D 74 2.12 32.31 -23.47
N MET D 75 3.11 31.60 -23.97
CA MET D 75 4.45 31.71 -23.42
C MET D 75 4.88 33.18 -23.32
N MET D 76 5.50 33.54 -22.20
CA MET D 76 5.98 34.91 -22.02
C MET D 76 7.48 34.92 -21.80
N GLY D 77 7.99 33.90 -21.12
CA GLY D 77 9.42 33.83 -20.88
C GLY D 77 9.86 32.41 -20.56
N THR D 78 11.08 32.07 -20.96
CA THR D 78 11.65 30.76 -20.71
C THR D 78 13.04 30.99 -20.13
N VAL D 79 13.39 30.19 -19.14
CA VAL D 79 14.69 30.30 -18.47
C VAL D 79 15.41 28.98 -18.51
N LYS D 80 16.59 28.95 -19.12
CA LYS D 80 17.39 27.72 -19.20
C LYS D 80 17.57 27.15 -17.82
N VAL D 81 17.38 25.85 -17.70
CA VAL D 81 17.50 25.14 -16.43
C VAL D 81 18.85 24.47 -16.31
N LEU D 82 19.73 25.03 -15.49
CA LEU D 82 21.06 24.45 -15.28
C LEU D 82 20.94 23.30 -14.29
N PRO D 83 21.88 22.34 -14.32
CA PRO D 83 21.79 21.23 -13.38
C PRO D 83 21.85 21.63 -11.90
N SER D 84 22.65 22.64 -11.57
CA SER D 84 22.75 23.07 -10.19
C SER D 84 21.41 23.63 -9.75
N MET D 85 20.45 23.59 -10.66
CA MET D 85 19.13 24.11 -10.41
C MET D 85 18.21 22.96 -10.02
N LEU D 86 18.71 21.74 -10.23
CA LEU D 86 17.95 20.52 -9.94
C LEU D 86 18.40 19.76 -8.69
N ASP D 87 17.44 19.30 -7.88
CA ASP D 87 17.79 18.53 -6.69
C ASP D 87 17.01 17.25 -6.54
N ALA D 88 17.71 16.18 -6.22
CA ALA D 88 17.07 14.89 -6.00
C ALA D 88 16.51 15.01 -4.58
N VAL D 89 15.22 14.70 -4.40
CA VAL D 89 14.59 14.80 -3.10
C VAL D 89 13.74 13.58 -2.69
N ILE D 90 13.60 13.36 -1.39
CA ILE D 90 12.74 12.28 -0.90
C ILE D 90 11.76 12.99 0.04
N PRO D 91 10.70 12.29 0.50
CA PRO D 91 9.77 12.98 1.40
C PRO D 91 10.53 13.12 2.71
N ARG D 92 10.20 14.13 3.49
CA ARG D 92 10.90 14.39 4.74
C ARG D 92 10.05 14.14 5.97
N ARG D 93 10.58 13.36 6.89
CA ARG D 93 9.87 13.10 8.13
C ARG D 93 10.87 13.13 9.28
N ASP D 94 10.76 14.19 10.08
CA ASP D 94 11.65 14.38 11.23
C ASP D 94 11.29 13.47 12.38
N TRP D 95 12.29 13.00 13.09
CA TRP D 95 12.08 12.15 14.26
C TRP D 95 11.38 12.98 15.35
N GLY D 96 10.33 12.40 15.95
CA GLY D 96 9.59 13.08 17.01
C GLY D 96 8.80 14.31 16.62
N ASP D 97 8.60 14.55 15.34
CA ASP D 97 7.84 15.74 14.94
C ASP D 97 6.36 15.55 15.26
N THR D 98 6.01 15.83 16.51
CA THR D 98 4.63 15.67 16.95
C THR D 98 3.57 16.34 16.09
N ARG D 99 3.97 17.20 15.17
CA ARG D 99 3.00 17.88 14.29
C ARG D 99 2.29 16.91 13.35
N TYR D 100 2.85 15.71 13.20
CA TYR D 100 2.27 14.71 12.33
C TYR D 100 2.15 13.35 13.01
N PRO D 101 1.34 12.45 12.44
CA PRO D 101 1.10 11.09 12.94
C PRO D 101 2.30 10.30 13.47
N ASP D 102 2.12 9.75 14.67
CA ASP D 102 3.12 8.95 15.36
C ASP D 102 4.56 9.15 14.92
N PRO D 103 5.16 10.29 15.29
CA PRO D 103 6.53 10.62 14.94
C PRO D 103 7.49 9.90 15.88
N TYR D 104 7.12 8.70 16.30
CA TYR D 104 7.97 7.92 17.21
C TYR D 104 8.03 6.44 16.80
N THR D 105 7.10 6.02 15.94
CA THR D 105 7.08 4.63 15.48
C THR D 105 7.59 4.57 14.04
N PHE D 106 8.57 3.70 13.83
CA PHE D 106 9.18 3.57 12.51
C PHE D 106 9.32 2.12 12.00
N ARG D 107 8.90 1.91 10.75
CA ARG D 107 9.02 0.59 10.12
C ARG D 107 10.39 0.50 9.45
N ILE D 108 10.59 -0.54 8.65
CA ILE D 108 11.87 -0.71 7.97
C ILE D 108 11.89 0.10 6.67
N ASN D 109 13.07 0.57 6.30
CA ASN D 109 13.26 1.36 5.09
C ASN D 109 12.64 2.75 5.17
N ASP D 110 12.33 3.21 6.37
CA ASP D 110 11.79 4.55 6.54
C ASP D 110 12.99 5.48 6.71
N ILE D 111 13.13 6.46 5.82
CA ILE D 111 14.25 7.40 5.92
C ILE D 111 13.83 8.55 6.85
N VAL D 112 14.47 8.59 8.02
CA VAL D 112 14.17 9.61 9.01
C VAL D 112 15.26 10.66 9.11
N VAL D 113 14.86 11.87 9.50
CA VAL D 113 15.78 12.99 9.68
C VAL D 113 15.78 13.39 11.16
N CYS D 114 16.99 13.58 11.69
CA CYS D 114 17.20 13.96 13.09
C CYS D 114 18.08 15.20 13.21
N ASN D 115 17.97 15.90 14.34
CA ASN D 115 18.77 17.10 14.60
C ASN D 115 18.33 18.21 13.66
N SER D 116 17.07 18.58 13.77
CA SER D 116 16.48 19.61 12.92
C SER D 116 15.48 20.37 13.75
N ALA D 117 15.50 20.11 15.06
CA ALA D 117 14.58 20.75 16.00
C ALA D 117 15.01 20.36 17.41
N PRO D 118 14.67 21.20 18.40
CA PRO D 118 15.06 20.90 19.79
C PRO D 118 14.63 19.51 20.27
N TYR D 119 13.42 19.10 19.88
CA TYR D 119 12.90 17.78 20.25
C TYR D 119 13.56 16.75 19.34
N ASN D 120 14.68 17.13 18.75
CA ASN D 120 15.35 16.25 17.83
C ASN D 120 16.85 16.39 17.96
N ALA D 121 17.26 17.54 18.47
CA ALA D 121 18.67 17.85 18.65
C ALA D 121 19.43 16.62 19.13
N THR D 122 20.59 16.41 18.53
CA THR D 122 21.43 15.27 18.88
C THR D 122 22.86 15.78 18.94
N GLU D 123 23.18 16.71 18.05
CA GLU D 123 24.53 17.26 18.01
C GLU D 123 24.52 18.76 17.71
N SER D 124 25.51 19.47 18.26
CA SER D 124 25.63 20.90 18.05
C SER D 124 26.61 21.14 16.91
N GLY D 125 26.39 22.18 16.13
CA GLY D 125 27.28 22.49 15.02
C GLY D 125 27.19 21.48 13.88
N ALA D 126 26.17 20.63 13.95
CA ALA D 126 25.95 19.60 12.94
C ALA D 126 24.60 19.84 12.27
N GLY D 127 24.58 19.72 10.94
CA GLY D 127 23.35 19.93 10.21
C GLY D 127 22.41 18.75 10.36
N TRP D 128 21.37 18.69 9.53
CA TRP D 128 20.40 17.59 9.60
C TRP D 128 20.99 16.21 9.35
N LEU D 129 20.74 15.30 10.29
CA LEU D 129 21.22 13.93 10.13
C LEU D 129 20.07 13.09 9.55
N VAL D 130 20.38 12.33 8.51
CA VAL D 130 19.36 11.52 7.88
C VAL D 130 19.70 10.08 8.11
N TYR D 131 18.74 9.36 8.69
CA TYR D 131 18.93 7.95 9.02
C TYR D 131 17.90 7.06 8.37
N ARG D 132 18.25 5.80 8.17
CA ARG D 132 17.32 4.85 7.59
C ARG D 132 17.04 3.79 8.66
N CYS D 133 15.76 3.45 8.82
CA CYS D 133 15.37 2.44 9.79
C CYS D 133 15.60 1.03 9.25
N LEU D 134 16.53 0.32 9.87
CA LEU D 134 16.86 -1.04 9.48
C LEU D 134 15.99 -1.97 10.32
N ASP D 135 16.53 -2.46 11.44
CA ASP D 135 15.79 -3.36 12.31
C ASP D 135 14.95 -2.57 13.31
N VAL D 136 13.95 -3.24 13.88
CA VAL D 136 13.04 -2.63 14.86
C VAL D 136 12.76 -3.61 16.01
N PRO D 137 12.21 -3.13 17.12
CA PRO D 137 11.88 -3.92 18.32
C PRO D 137 10.83 -4.99 18.06
N ASP D 138 11.13 -6.24 18.38
CA ASP D 138 10.15 -7.31 18.16
C ASP D 138 9.04 -7.22 19.20
N THR D 139 8.02 -6.41 18.91
CA THR D 139 6.90 -6.21 19.81
C THR D 139 5.80 -5.36 19.18
N GLY D 140 4.91 -5.98 18.41
CA GLY D 140 3.85 -5.24 17.78
C GLY D 140 2.93 -6.03 16.87
N MET D 141 2.65 -5.47 15.70
CA MET D 141 1.78 -6.12 14.74
C MET D 141 2.44 -6.33 13.38
N CYS D 142 1.89 -7.28 12.62
CA CYS D 142 2.39 -7.62 11.29
C CYS D 142 1.20 -7.64 10.32
N SER D 143 1.50 -7.68 9.02
CA SER D 143 0.44 -7.72 8.02
C SER D 143 -0.53 -8.82 8.45
N ILE D 144 -0.02 -10.03 8.54
CA ILE D 144 -0.81 -11.19 8.95
C ILE D 144 -0.87 -11.20 10.48
N ALA D 145 -2.08 -11.25 11.01
CA ALA D 145 -2.33 -11.22 12.45
C ALA D 145 -1.67 -12.31 13.29
N SER D 146 -2.08 -13.55 13.08
CA SER D 146 -1.56 -14.70 13.84
C SER D 146 -0.04 -14.75 13.99
N LEU D 147 0.68 -14.22 13.01
CA LEU D 147 2.15 -14.21 13.06
C LEU D 147 2.66 -13.32 14.19
N THR D 148 2.88 -13.93 15.36
CA THR D 148 3.37 -13.20 16.54
C THR D 148 4.87 -12.95 16.51
N ASP D 149 5.57 -13.54 15.55
CA ASP D 149 7.02 -13.38 15.41
C ASP D 149 7.41 -12.44 14.27
N LYS D 150 8.32 -11.51 14.57
CA LYS D 150 8.78 -10.53 13.59
C LYS D 150 9.45 -11.18 12.38
N ASP D 151 10.25 -12.20 12.64
CA ASP D 151 10.97 -12.91 11.59
C ASP D 151 10.10 -13.75 10.66
N GLU D 152 9.21 -14.56 11.21
CA GLU D 152 8.31 -15.39 10.40
C GLU D 152 7.33 -14.46 9.67
N CYS D 153 7.37 -13.19 10.04
CA CYS D 153 6.52 -12.16 9.45
C CYS D 153 7.23 -11.49 8.29
N LEU D 154 8.54 -11.41 8.36
CA LEU D 154 9.32 -10.79 7.30
C LEU D 154 9.56 -11.84 6.21
N LYS D 155 9.83 -13.06 6.67
CA LYS D 155 10.08 -14.21 5.81
C LYS D 155 8.82 -14.56 5.00
N LEU D 156 7.71 -13.90 5.31
CA LEU D 156 6.46 -14.15 4.62
C LEU D 156 5.81 -12.87 4.09
N GLY D 157 6.63 -12.03 3.45
CA GLY D 157 6.15 -10.79 2.86
C GLY D 157 5.31 -9.87 3.74
N GLY D 158 5.41 -10.04 5.05
CA GLY D 158 4.64 -9.21 5.96
C GLY D 158 5.47 -8.11 6.59
N LYS D 159 4.85 -6.97 6.87
CA LYS D 159 5.52 -5.82 7.48
C LYS D 159 5.27 -5.75 8.99
N TRP D 160 6.33 -5.42 9.74
CA TRP D 160 6.27 -5.34 11.19
C TRP D 160 6.21 -3.89 11.70
N THR D 161 5.46 -3.67 12.78
CA THR D 161 5.34 -2.32 13.36
C THR D 161 5.23 -2.30 14.89
N PRO D 162 6.37 -2.14 15.59
CA PRO D 162 6.37 -2.11 17.05
C PRO D 162 5.68 -0.88 17.65
N SER D 163 4.69 -1.12 18.51
CA SER D 163 3.93 -0.04 19.15
C SER D 163 4.64 0.47 20.40
N ALA D 164 5.97 0.41 20.40
CA ALA D 164 6.77 0.87 21.52
C ALA D 164 7.47 2.17 21.14
N ARG D 165 6.69 3.16 20.71
CA ARG D 165 7.20 4.47 20.29
C ARG D 165 8.69 4.66 20.56
N SER D 166 9.48 4.73 19.47
CA SER D 166 10.92 4.90 19.58
C SER D 166 11.24 5.92 20.66
N MET D 167 12.05 5.51 21.63
CA MET D 167 12.40 6.40 22.70
C MET D 167 13.32 7.49 22.17
N THR D 168 14.63 7.29 22.28
CA THR D 168 15.60 8.27 21.80
C THR D 168 15.94 8.14 20.32
N PRO D 169 16.04 9.27 19.61
CA PRO D 169 16.37 9.30 18.18
C PRO D 169 17.82 8.88 17.98
N PRO D 170 18.13 8.19 16.87
CA PRO D 170 19.50 7.76 16.62
C PRO D 170 20.47 8.93 16.63
N GLU D 171 21.67 8.70 17.13
CA GLU D 171 22.66 9.74 17.20
C GLU D 171 23.91 9.30 16.45
N GLY D 172 24.63 10.28 15.90
CA GLY D 172 25.85 9.98 15.19
C GLY D 172 25.76 9.03 14.00
N ARG D 173 26.93 8.59 13.55
CA ARG D 173 27.05 7.68 12.42
C ARG D 173 27.29 6.30 13.02
N GLY D 174 28.22 6.25 13.97
CA GLY D 174 28.54 5.02 14.65
C GLY D 174 29.34 4.03 13.83
N ASP D 175 28.91 2.78 13.87
CA ASP D 175 29.55 1.68 13.16
C ASP D 175 30.11 2.07 11.79
N ALA D 176 31.22 1.45 11.41
CA ALA D 176 31.85 1.71 10.13
C ALA D 176 30.93 1.20 9.01
N GLU D 177 29.65 1.13 9.32
CA GLU D 177 28.63 0.68 8.38
C GLU D 177 27.36 1.44 8.70
N GLY D 178 27.50 2.48 9.52
CA GLY D 178 26.36 3.28 9.89
C GLY D 178 25.42 2.51 10.79
N THR D 179 25.92 1.43 11.37
CA THR D 179 25.12 0.60 12.27
C THR D 179 24.99 1.31 13.60
N ILE D 180 23.74 1.55 14.02
CA ILE D 180 23.50 2.24 15.29
C ILE D 180 22.53 1.53 16.21
N GLU D 181 23.07 1.06 17.33
CA GLU D 181 22.31 0.35 18.37
C GLU D 181 21.82 1.38 19.37
N PRO D 182 20.58 1.87 19.17
CA PRO D 182 20.04 2.87 20.10
C PRO D 182 19.71 2.24 21.44
N GLY D 183 18.85 1.23 21.41
CA GLY D 183 18.45 0.55 22.63
C GLY D 183 16.94 0.38 22.65
N ASP D 184 16.23 1.39 22.19
CA ASP D 184 14.77 1.35 22.16
C ASP D 184 14.29 0.18 21.30
N GLY D 185 15.20 -0.74 21.00
CA GLY D 185 14.86 -1.89 20.20
C GLY D 185 15.18 -1.65 18.73
N TYR D 186 14.72 -0.51 18.20
CA TYR D 186 14.96 -0.14 16.81
C TYR D 186 16.46 -0.15 16.51
N VAL D 187 16.79 -0.24 15.22
CA VAL D 187 18.18 -0.23 14.77
C VAL D 187 18.27 0.77 13.63
N TRP D 188 19.21 1.71 13.70
CA TRP D 188 19.32 2.69 12.64
C TRP D 188 20.60 2.64 11.85
N GLU D 189 20.54 3.22 10.65
CA GLU D 189 21.67 3.28 9.73
C GLU D 189 21.95 4.75 9.38
N TYR D 190 23.17 5.20 9.60
CA TYR D 190 23.49 6.59 9.28
C TYR D 190 23.60 6.77 7.77
N LEU D 191 22.89 7.75 7.23
CA LEU D 191 22.94 7.99 5.80
C LEU D 191 23.88 9.10 5.41
N PHE D 192 23.57 10.32 5.81
CA PHE D 192 24.40 11.46 5.47
C PHE D 192 23.92 12.68 6.22
N GLU D 193 24.69 13.74 6.12
CA GLU D 193 24.34 14.99 6.79
C GLU D 193 23.90 16.01 5.74
N ILE D 194 23.17 17.01 6.19
CA ILE D 194 22.70 18.07 5.30
C ILE D 194 23.26 19.41 5.74
N PRO D 195 24.10 20.03 4.89
CA PRO D 195 24.69 21.32 5.18
C PRO D 195 23.62 22.40 5.37
N PRO D 196 23.75 23.20 6.44
CA PRO D 196 22.82 24.27 6.78
C PRO D 196 22.31 25.04 5.58
N ASP D 197 23.22 25.53 4.75
CA ASP D 197 22.81 26.29 3.56
C ASP D 197 21.85 25.51 2.67
N VAL D 198 22.11 24.23 2.47
CA VAL D 198 21.21 23.45 1.63
C VAL D 198 19.84 23.25 2.31
N SER D 199 19.83 23.11 3.64
CA SER D 199 18.56 22.94 4.36
C SER D 199 17.78 24.26 4.31
N ILE D 200 18.49 25.36 4.55
CA ILE D 200 17.84 26.65 4.52
C ILE D 200 17.31 27.03 3.14
N ASN D 201 18.03 26.66 2.08
CA ASN D 201 17.58 27.02 0.74
C ASN D 201 17.03 25.92 -0.16
N ARG D 202 17.54 24.71 -0.08
CA ARG D 202 17.02 23.65 -0.94
C ARG D 202 15.91 22.84 -0.30
N CYS D 203 15.99 22.66 1.02
CA CYS D 203 14.97 21.88 1.74
C CYS D 203 13.65 22.59 1.99
N THR D 204 12.62 21.80 2.31
CA THR D 204 11.31 22.36 2.62
C THR D 204 10.74 21.52 3.76
N ASN D 205 9.51 21.82 4.21
CA ASN D 205 8.94 21.05 5.31
C ASN D 205 8.34 19.74 4.85
N GLU D 206 8.60 19.37 3.60
CA GLU D 206 8.04 18.14 3.05
C GLU D 206 9.08 17.22 2.46
N TYR D 207 10.11 17.80 1.87
CA TYR D 207 11.18 17.02 1.24
C TYR D 207 12.57 17.46 1.68
N ILE D 208 13.50 16.51 1.75
CA ILE D 208 14.87 16.85 2.10
C ILE D 208 15.65 16.70 0.81
N VAL D 209 16.84 17.26 0.77
CA VAL D 209 17.64 17.18 -0.45
C VAL D 209 18.74 16.15 -0.37
N VAL D 210 18.63 15.07 -1.13
CA VAL D 210 19.68 14.06 -1.12
C VAL D 210 20.74 14.43 -2.16
N PRO D 211 22.01 14.43 -1.75
CA PRO D 211 23.06 14.80 -2.72
C PRO D 211 23.14 13.88 -3.95
N TRP D 212 23.69 14.42 -5.04
CA TRP D 212 23.85 13.63 -6.27
C TRP D 212 25.13 12.81 -6.10
N PRO D 213 25.25 11.69 -6.84
CA PRO D 213 26.44 10.85 -6.74
C PRO D 213 27.74 11.61 -6.87
N GLU D 214 27.83 12.45 -7.91
CA GLU D 214 29.06 13.18 -8.15
C GLU D 214 29.40 14.24 -7.13
N GLU D 215 28.40 15.02 -6.72
CA GLU D 215 28.67 16.06 -5.76
C GLU D 215 28.98 15.42 -4.44
N LEU D 216 28.41 14.24 -4.23
CA LEU D 216 28.67 13.53 -3.00
C LEU D 216 30.13 13.08 -3.02
N LYS D 217 30.59 12.60 -4.18
CA LYS D 217 31.96 12.13 -4.34
C LYS D 217 33.02 13.23 -4.47
N GLU D 218 32.62 14.42 -4.91
CA GLU D 218 33.57 15.50 -5.06
C GLU D 218 33.78 16.29 -3.77
N ASP D 219 33.10 15.89 -2.70
CA ASP D 219 33.19 16.60 -1.42
C ASP D 219 32.24 15.93 -0.42
N PRO D 220 32.60 14.74 0.07
CA PRO D 220 31.86 13.91 1.02
C PRO D 220 31.69 14.56 2.37
N THR D 221 32.76 15.22 2.83
CA THR D 221 32.77 15.89 4.12
C THR D 221 31.57 16.83 4.19
N ARG D 222 31.35 17.57 3.12
CA ARG D 222 30.23 18.51 3.05
C ARG D 222 28.95 17.86 3.54
N TRP D 223 28.73 16.60 3.14
CA TRP D 223 27.52 15.88 3.51
C TRP D 223 27.69 14.87 4.64
N GLY D 224 28.75 15.04 5.44
CA GLY D 224 29.02 14.13 6.53
C GLY D 224 28.92 12.72 6.01
N TYR D 225 29.47 12.54 4.81
CA TYR D 225 29.46 11.25 4.12
C TYR D 225 30.90 10.79 3.92
N GLU D 226 31.85 11.64 4.28
CA GLU D 226 33.27 11.31 4.12
C GLU D 226 33.69 10.11 4.95
N ASP D 227 32.78 9.62 5.79
CA ASP D 227 33.05 8.46 6.63
C ASP D 227 32.37 7.22 6.07
N ASN D 228 31.58 7.41 5.01
CA ASN D 228 30.86 6.32 4.39
C ASN D 228 31.78 5.18 3.98
N LEU D 229 31.29 3.95 4.14
CA LEU D 229 32.07 2.79 3.77
C LEU D 229 31.27 1.84 2.86
N THR D 230 30.09 2.29 2.44
CA THR D 230 29.25 1.49 1.54
C THR D 230 29.50 1.93 0.10
N TRP D 231 30.19 3.06 -0.06
CA TRP D 231 30.51 3.59 -1.39
C TRP D 231 31.28 2.54 -2.19
N GLN D 232 31.95 1.64 -1.48
CA GLN D 232 32.73 0.58 -2.10
C GLN D 232 31.87 -0.21 -3.06
N GLN D 233 30.56 -0.24 -2.80
CA GLN D 233 29.62 -0.94 -3.66
C GLN D 233 28.59 0.01 -4.27
N ASP D 234 27.87 0.75 -3.43
CA ASP D 234 26.86 1.67 -3.97
C ASP D 234 27.49 2.88 -4.65
N ASP D 235 28.81 2.92 -4.66
CA ASP D 235 29.58 3.99 -5.30
C ASP D 235 28.98 5.39 -5.24
N PHE D 236 28.72 5.87 -4.03
CA PHE D 236 28.15 7.19 -3.82
C PHE D 236 26.73 7.26 -4.37
N GLY D 237 26.09 6.11 -4.45
CA GLY D 237 24.74 6.03 -4.98
C GLY D 237 23.64 6.19 -3.95
N LEU D 238 23.85 7.10 -3.02
CA LEU D 238 22.90 7.35 -1.96
C LEU D 238 21.48 7.52 -2.50
N ILE D 239 21.31 8.24 -3.61
CA ILE D 239 19.97 8.41 -4.16
C ILE D 239 19.31 7.06 -4.45
N TYR D 240 20.09 6.08 -4.84
CA TYR D 240 19.54 4.78 -5.11
C TYR D 240 19.12 4.17 -3.78
N ARG D 241 19.98 4.30 -2.77
CA ARG D 241 19.67 3.73 -1.48
C ARG D 241 18.52 4.27 -0.65
N VAL D 242 18.05 5.48 -0.96
CA VAL D 242 16.93 6.06 -0.21
C VAL D 242 15.70 6.05 -1.11
N LYS D 243 15.82 5.38 -2.25
CA LYS D 243 14.73 5.28 -3.23
C LYS D 243 14.37 6.64 -3.79
N ALA D 244 15.37 7.49 -3.97
CA ALA D 244 15.11 8.81 -4.53
C ALA D 244 14.54 8.66 -5.95
N ASN D 245 13.55 9.46 -6.29
CA ASN D 245 12.96 9.37 -7.61
C ASN D 245 12.15 10.63 -7.92
N THR D 246 12.53 11.72 -7.27
CA THR D 246 11.82 12.96 -7.50
C THR D 246 12.83 14.10 -7.51
N ILE D 247 12.76 14.93 -8.55
CA ILE D 247 13.67 16.07 -8.70
C ILE D 247 12.95 17.34 -8.35
N ARG D 248 13.60 18.22 -7.60
CA ARG D 248 13.01 19.49 -7.23
C ARG D 248 13.78 20.59 -7.95
N PHE D 249 13.14 21.22 -8.91
CA PHE D 249 13.75 22.32 -9.66
C PHE D 249 13.69 23.55 -8.76
N LYS D 250 14.77 24.32 -8.75
CA LYS D 250 14.83 25.54 -7.97
C LYS D 250 15.27 26.66 -8.90
N ALA D 251 14.31 27.44 -9.38
CA ALA D 251 14.64 28.53 -10.29
C ALA D 251 14.04 29.84 -9.84
N TYR D 252 14.76 30.93 -10.08
CA TYR D 252 14.31 32.27 -9.72
C TYR D 252 14.07 33.09 -10.98
N LEU D 253 12.81 33.18 -11.44
CA LEU D 253 12.53 33.97 -12.64
C LEU D 253 12.92 35.42 -12.40
N ASP D 254 14.19 35.72 -12.62
CA ASP D 254 14.71 37.07 -12.40
C ASP D 254 13.90 38.11 -13.19
N SER D 255 13.05 38.83 -12.47
CA SER D 255 12.19 39.86 -13.06
C SER D 255 13.00 40.81 -13.95
N VAL D 256 14.29 40.90 -13.66
CA VAL D 256 15.22 41.75 -14.43
C VAL D 256 15.18 41.40 -15.91
N TYR D 257 15.65 40.19 -16.24
CA TYR D 257 15.70 39.72 -17.62
C TYR D 257 14.46 39.96 -18.49
N PHE D 258 13.34 40.38 -17.90
CA PHE D 258 12.14 40.65 -18.68
C PHE D 258 11.36 41.84 -18.13
N PRO D 259 11.50 43.02 -18.78
CA PRO D 259 10.82 44.25 -18.37
C PRO D 259 9.36 44.35 -18.79
N GLU D 260 9.09 44.22 -20.09
CA GLU D 260 7.74 44.32 -20.62
C GLU D 260 6.71 43.52 -19.81
N ALA D 261 7.15 42.39 -19.25
CA ALA D 261 6.26 41.54 -18.47
C ALA D 261 6.04 42.04 -17.04
N ALA D 262 7.01 42.76 -16.49
CA ALA D 262 6.91 43.28 -15.14
C ALA D 262 6.45 44.73 -15.10
N LEU D 263 5.29 45.01 -15.69
CA LEU D 263 4.73 46.35 -15.70
C LEU D 263 4.19 46.68 -14.31
N PRO D 264 4.02 47.97 -13.99
CA PRO D 264 3.50 48.38 -12.67
C PRO D 264 2.03 48.02 -12.43
N GLY D 265 1.69 46.75 -12.57
CA GLY D 265 0.32 46.33 -12.35
C GLY D 265 -0.14 45.27 -13.32
N ASN D 266 0.79 44.47 -13.82
CA ASN D 266 0.46 43.40 -14.75
C ASN D 266 -0.33 42.30 -14.07
N LYS D 267 -0.72 41.27 -14.84
CA LYS D 267 -1.50 40.17 -14.29
C LYS D 267 -0.68 38.98 -13.82
N GLY D 268 0.60 38.95 -14.17
CA GLY D 268 1.44 37.84 -13.77
C GLY D 268 1.27 36.66 -14.72
N PHE D 269 1.88 35.53 -14.36
CA PHE D 269 1.80 34.33 -15.20
C PHE D 269 0.99 33.24 -14.51
N ARG D 270 0.39 32.36 -15.31
CA ARG D 270 -0.42 31.31 -14.73
C ARG D 270 -0.03 29.94 -15.23
N GLN D 271 0.80 29.89 -16.27
CA GLN D 271 1.24 28.62 -16.82
C GLN D 271 2.72 28.38 -16.68
N ILE D 272 3.09 27.12 -16.64
CA ILE D 272 4.46 26.71 -16.50
C ILE D 272 4.60 25.45 -17.33
N SER D 273 5.81 25.18 -17.80
CA SER D 273 6.03 23.98 -18.59
C SER D 273 7.51 23.71 -18.62
N ILE D 274 7.87 22.57 -19.18
CA ILE D 274 9.26 22.17 -19.31
C ILE D 274 9.45 21.67 -20.73
N ILE D 275 10.37 22.31 -21.45
CA ILE D 275 10.61 21.92 -22.84
C ILE D 275 12.03 21.43 -23.03
N THR D 276 12.18 20.16 -23.37
CA THR D 276 13.53 19.65 -23.58
C THR D 276 13.97 19.89 -25.01
N ASN D 277 15.19 20.39 -25.16
CA ASN D 277 15.79 20.65 -26.46
C ASN D 277 15.03 21.53 -27.44
N PRO D 278 14.57 22.71 -27.01
CA PRO D 278 13.87 23.54 -27.98
C PRO D 278 14.89 24.12 -28.96
N LEU D 279 14.46 24.39 -30.18
CA LEU D 279 15.36 24.95 -31.21
C LEU D 279 15.22 26.47 -31.31
N GLU D 280 16.29 27.12 -31.77
CA GLU D 280 16.30 28.58 -31.97
C GLU D 280 15.37 28.89 -33.11
N ALA D 281 14.79 30.09 -33.13
CA ALA D 281 13.90 30.45 -34.22
C ALA D 281 14.71 30.36 -35.52
N LYS D 282 14.01 30.08 -36.61
CA LYS D 282 14.68 29.94 -37.91
C LYS D 282 14.28 31.04 -38.88
N ALA D 283 15.21 31.44 -39.75
CA ALA D 283 14.93 32.48 -40.75
C ALA D 283 13.95 31.91 -41.78
N HIS D 284 14.18 30.66 -42.14
CA HIS D 284 13.33 29.92 -43.08
C HIS D 284 13.38 28.42 -42.70
N PRO D 285 12.20 27.81 -42.49
CA PRO D 285 11.96 26.41 -42.12
C PRO D 285 12.94 25.31 -42.57
N ASN D 286 13.53 25.45 -43.74
CA ASN D 286 14.45 24.43 -44.20
C ASN D 286 15.88 24.63 -43.70
N ASP D 287 16.12 25.67 -42.89
CA ASP D 287 17.46 25.92 -42.36
C ASP D 287 17.81 24.83 -41.37
N PRO D 288 19.11 24.65 -41.07
CA PRO D 288 19.45 23.61 -40.11
C PRO D 288 18.94 23.98 -38.71
N ASN D 289 18.51 22.97 -37.94
CA ASN D 289 18.02 23.21 -36.59
C ASN D 289 19.22 23.57 -35.69
N VAL D 290 18.98 24.44 -34.72
CA VAL D 290 20.03 24.84 -33.80
C VAL D 290 19.51 24.79 -32.38
N LYS D 291 20.16 23.99 -31.56
CA LYS D 291 19.77 23.81 -30.17
C LYS D 291 20.00 25.07 -29.37
N ALA D 292 18.91 25.69 -28.94
CA ALA D 292 18.99 26.89 -28.11
C ALA D 292 19.77 26.53 -26.84
N GLU D 293 20.79 27.32 -26.52
CA GLU D 293 21.60 27.07 -25.35
C GLU D 293 21.88 28.32 -24.51
N LYS D 294 21.20 29.41 -24.83
CA LYS D 294 21.41 30.62 -24.05
C LYS D 294 20.67 30.47 -22.73
N ASP D 295 20.76 31.49 -21.88
CA ASP D 295 20.10 31.47 -20.57
C ASP D 295 18.62 31.84 -20.62
N TYR D 296 18.30 32.86 -21.39
CA TYR D 296 16.91 33.28 -21.51
C TYR D 296 16.55 33.24 -22.99
N TYR D 297 15.27 33.40 -23.28
CA TYR D 297 14.75 33.39 -24.65
C TYR D 297 13.33 33.94 -24.63
N ASP D 298 12.90 34.46 -25.77
CA ASP D 298 11.54 34.95 -25.85
C ASP D 298 10.83 33.96 -26.73
N PRO D 299 9.59 33.62 -26.37
CA PRO D 299 8.83 32.66 -27.17
C PRO D 299 9.06 32.91 -28.65
N GLU D 300 9.00 34.18 -29.05
CA GLU D 300 9.20 34.55 -30.44
C GLU D 300 10.60 34.16 -30.91
N ASP D 301 11.57 34.27 -30.00
CA ASP D 301 12.94 33.93 -30.33
C ASP D 301 13.22 32.43 -30.41
N LEU D 302 12.19 31.62 -30.19
CA LEU D 302 12.33 30.17 -30.29
C LEU D 302 11.34 29.69 -31.32
N MET D 303 11.64 28.58 -31.96
CA MET D 303 10.74 28.01 -32.96
C MET D 303 9.58 27.41 -32.19
N ARG D 304 8.37 27.93 -32.39
CA ARG D 304 7.24 27.39 -31.65
C ARG D 304 6.99 25.91 -31.94
N HIS D 305 6.63 25.18 -30.88
CA HIS D 305 6.35 23.75 -30.93
C HIS D 305 7.61 22.91 -30.96
N SER D 306 8.73 23.61 -30.97
CA SER D 306 10.03 22.98 -31.00
C SER D 306 10.28 22.28 -29.66
N GLY D 307 10.91 21.12 -29.71
CA GLY D 307 11.20 20.40 -28.49
C GLY D 307 10.03 19.60 -27.93
N GLU D 308 10.25 19.02 -26.77
CA GLU D 308 9.21 18.25 -26.19
C GLU D 308 8.80 18.80 -24.83
N MET D 309 7.50 19.11 -24.73
CA MET D 309 6.89 19.64 -23.52
C MET D 309 6.57 18.45 -22.66
N ILE D 310 7.52 18.12 -21.81
CA ILE D 310 7.43 16.98 -20.93
C ILE D 310 6.61 17.22 -19.65
N TYR D 311 6.20 18.47 -19.43
CA TYR D 311 5.48 18.84 -18.22
C TYR D 311 4.71 20.16 -18.41
N MET D 312 3.49 20.21 -17.89
CA MET D 312 2.64 21.39 -18.00
C MET D 312 2.02 21.66 -16.64
N GLU D 313 1.78 22.92 -16.32
CA GLU D 313 1.21 23.28 -15.03
C GLU D 313 0.42 24.58 -15.10
N ASN D 314 -0.74 24.58 -14.45
CA ASN D 314 -1.58 25.78 -14.40
C ASN D 314 -1.82 26.16 -12.93
N ARG D 315 -1.23 27.26 -12.49
CA ARG D 315 -1.39 27.73 -11.13
C ARG D 315 -2.15 29.05 -11.18
N PRO D 316 -2.73 29.48 -10.04
CA PRO D 316 -3.44 30.76 -10.06
C PRO D 316 -2.43 31.87 -10.33
N PRO D 317 -2.88 33.04 -10.77
CA PRO D 317 -1.92 34.12 -11.05
C PRO D 317 -0.85 34.36 -10.00
N ILE D 318 0.27 34.90 -10.46
CA ILE D 318 1.40 35.22 -9.61
C ILE D 318 1.73 36.69 -9.83
N ILE D 319 1.44 37.52 -8.83
CA ILE D 319 1.75 38.94 -8.92
C ILE D 319 3.26 38.97 -9.08
N MET D 320 3.86 40.15 -9.23
CA MET D 320 5.31 40.20 -9.39
C MET D 320 5.85 41.63 -9.40
N ALA D 321 6.90 41.86 -8.62
CA ALA D 321 7.53 43.17 -8.53
C ALA D 321 8.52 43.39 -9.66
N MET D 322 8.84 44.65 -9.92
CA MET D 322 9.76 45.04 -10.98
C MET D 322 11.15 44.43 -10.83
N ASP D 323 11.95 44.97 -9.91
CA ASP D 323 13.29 44.46 -9.71
C ASP D 323 13.46 43.51 -8.54
N GLN D 324 12.61 42.50 -8.50
CA GLN D 324 12.68 41.48 -7.46
C GLN D 324 12.84 40.17 -8.23
N THR D 325 12.42 39.06 -7.63
CA THR D 325 12.52 37.76 -8.29
C THR D 325 11.62 36.74 -7.62
N GLU D 326 10.64 36.26 -8.37
CA GLU D 326 9.70 35.27 -7.88
C GLU D 326 10.31 33.87 -8.07
N GLU D 327 10.37 33.11 -6.99
CA GLU D 327 10.94 31.78 -7.00
C GLU D 327 10.06 30.75 -7.70
N ILE D 328 10.70 29.84 -8.43
CA ILE D 328 9.98 28.79 -9.15
C ILE D 328 10.47 27.40 -8.77
N ASN D 329 9.59 26.62 -8.17
CA ASN D 329 9.93 25.27 -7.77
C ASN D 329 8.99 24.34 -8.52
N ILE D 330 9.50 23.16 -8.88
CA ILE D 330 8.71 22.19 -9.61
C ILE D 330 9.16 20.81 -9.18
N LEU D 331 8.23 19.85 -9.16
CA LEU D 331 8.57 18.50 -8.78
C LEU D 331 8.32 17.50 -9.90
N PHE D 332 9.36 16.76 -10.24
CA PHE D 332 9.26 15.75 -11.29
C PHE D 332 9.47 14.42 -10.62
N THR D 333 8.52 13.51 -10.82
CA THR D 333 8.67 12.18 -10.24
C THR D 333 8.91 11.21 -11.38
N PHE D 334 9.78 10.24 -11.12
CA PHE D 334 10.13 9.25 -12.13
C PHE D 334 9.65 7.86 -11.72
BR BR E . 17.55 -18.45 31.92
BR BR F . 12.18 -33.18 30.79
BR BR G . -19.15 -10.33 24.03
BR BR H . -18.14 -16.59 27.83
BR BR I . -11.39 -32.30 22.23
BR BR J . -21.14 -26.02 21.63
BR BR K . -28.99 -20.01 -4.91
BR BR L . -2.49 -6.72 22.97
BR BR M . -18.88 -20.97 27.20
BR BR N . -12.40 -7.13 -5.16
BR BR O . -16.64 -10.65 -1.38
BR BR P . -7.31 14.37 -9.64
BR BR Q . -0.05 -3.63 33.43
BR BR R . -27.33 -5.15 12.32
BR BR S . -6.91 -3.39 33.66
BR BR T . -28.60 12.71 16.43
BR BR U . -30.77 2.36 20.85
BR BR V . -18.25 -2.17 45.41
BR BR W . -29.75 -1.92 13.96
BR BR X . -29.58 -1.41 25.32
BR BR Y . 2.50 -25.93 9.23
BR BR Z . -13.66 -3.39 -38.37
BR BR AA . -3.66 -13.09 -45.11
BR BR BA . 19.14 12.30 -24.21
BR BR CA . 14.96 -3.79 1.19
BR BR DA . 19.03 9.52 -30.52
BR BR EA . 19.28 -8.70 -35.23
BR BR FA . 26.53 -0.16 -30.30
BR BR GA . 34.96 -7.64 -4.57
BR BR HA . -10.64 7.86 -29.25
BR BR IA . 19.39 -2.89 -3.51
BR BR JA . 4.39 7.32 17.87
BR BR KA . 23.03 8.82 -15.71
BR BR LA . -2.41 14.76 -29.65
BR BR MA . 25.83 12.42 -10.64
BR BR NA . 3.19 17.55 -29.04
BR BR OA . 20.14 28.16 -3.55
BR BR PA . 25.62 24.11 -12.97
BR BR QA . 10.08 28.89 -36.89
BR BR RA . 24.35 23.51 -18.34
#